data_1T3B
# 
_entry.id   1T3B 
# 
_audit_conform.dict_name       mmcif_pdbx.dic 
_audit_conform.dict_version    5.397 
_audit_conform.dict_location   http://mmcif.pdb.org/dictionaries/ascii/mmcif_pdbx.dic 
# 
loop_
_database_2.database_id 
_database_2.database_code 
_database_2.pdbx_database_accession 
_database_2.pdbx_DOI 
PDB   1T3B         pdb_00001t3b 10.2210/pdb1t3b/pdb 
RCSB  RCSB022258   ?            ?                   
WWPDB D_1000022258 ?            ?                   
# 
loop_
_pdbx_audit_revision_history.ordinal 
_pdbx_audit_revision_history.data_content_type 
_pdbx_audit_revision_history.major_revision 
_pdbx_audit_revision_history.minor_revision 
_pdbx_audit_revision_history.revision_date 
1 'Structure model' 1 0 2004-09-07 
2 'Structure model' 1 1 2008-04-30 
3 'Structure model' 1 2 2011-07-13 
4 'Structure model' 1 3 2023-08-23 
5 'Structure model' 1 4 2024-10-30 
# 
_pdbx_audit_revision_details.ordinal             1 
_pdbx_audit_revision_details.revision_ordinal    1 
_pdbx_audit_revision_details.data_content_type   'Structure model' 
_pdbx_audit_revision_details.provider            repository 
_pdbx_audit_revision_details.type                'Initial release' 
_pdbx_audit_revision_details.description         ? 
_pdbx_audit_revision_details.details             ? 
# 
loop_
_pdbx_audit_revision_group.ordinal 
_pdbx_audit_revision_group.revision_ordinal 
_pdbx_audit_revision_group.data_content_type 
_pdbx_audit_revision_group.group 
1 2 'Structure model' 'Version format compliance' 
2 3 'Structure model' 'Version format compliance' 
3 4 'Structure model' 'Data collection'           
4 4 'Structure model' 'Database references'       
5 4 'Structure model' 'Refinement description'    
6 5 'Structure model' 'Structure summary'         
# 
loop_
_pdbx_audit_revision_category.ordinal 
_pdbx_audit_revision_category.revision_ordinal 
_pdbx_audit_revision_category.data_content_type 
_pdbx_audit_revision_category.category 
1 4 'Structure model' chem_comp_atom                
2 4 'Structure model' chem_comp_bond                
3 4 'Structure model' database_2                    
4 4 'Structure model' pdbx_initial_refinement_model 
5 5 'Structure model' pdbx_entry_details            
6 5 'Structure model' pdbx_modification_feature     
# 
loop_
_pdbx_audit_revision_item.ordinal 
_pdbx_audit_revision_item.revision_ordinal 
_pdbx_audit_revision_item.data_content_type 
_pdbx_audit_revision_item.item 
1 4 'Structure model' '_database_2.pdbx_DOI'                
2 4 'Structure model' '_database_2.pdbx_database_accession' 
# 
_pdbx_database_status.status_code                     REL 
_pdbx_database_status.entry_id                        1T3B 
_pdbx_database_status.recvd_initial_deposition_date   2004-04-26 
_pdbx_database_status.deposit_site                    RCSB 
_pdbx_database_status.process_site                    RCSB 
_pdbx_database_status.status_code_sf                  REL 
_pdbx_database_status.SG_entry                        . 
_pdbx_database_status.pdb_format_compatible           Y 
_pdbx_database_status.status_code_mr                  ? 
_pdbx_database_status.status_code_cs                  ? 
_pdbx_database_status.status_code_nmr_data            ? 
_pdbx_database_status.methods_development_category    ? 
# 
loop_
_audit_author.name 
_audit_author.pdbx_ordinal 
'Zhang, M.'      1 
'Monzingo, A.F.' 2 
'Segatori, L.'   3 
'Georgiou, G.'   4 
'Robertus, J.D.' 5 
# 
_citation.id                        primary 
_citation.title                     'Structure of DsbC from Haemophilus influenzae.' 
_citation.journal_abbrev            'Acta Crystallogr.,Sect.D' 
_citation.journal_volume            60 
_citation.page_first                1512 
_citation.page_last                 1518 
_citation.year                      2004 
_citation.journal_id_ASTM           ABCRE6 
_citation.country                   DK 
_citation.journal_id_ISSN           0907-4449 
_citation.journal_id_CSD            0766 
_citation.book_publisher            ? 
_citation.pdbx_database_id_PubMed   15333920 
_citation.pdbx_database_id_DOI      10.1107/S0907444904014593 
# 
loop_
_citation_author.citation_id 
_citation_author.name 
_citation_author.ordinal 
_citation_author.identifier_ORCID 
primary 'Zhang, M.'      1 ? 
primary 'Monzingo, A.F.' 2 ? 
primary 'Segatori, L.'   3 ? 
primary 'Georgiou, G.'   4 ? 
primary 'Robertus, J.D.' 5 ? 
# 
loop_
_entity.id 
_entity.type 
_entity.src_method 
_entity.pdbx_description 
_entity.formula_weight 
_entity.pdbx_number_of_molecules 
_entity.pdbx_ec 
_entity.pdbx_mutation 
_entity.pdbx_fragment 
_entity.details 
1 polymer man 'Thiol:disulfide interchange protein dsbC' 23532.023 1  5.3.4.1 ? ? ? 
2 water   nat water                                      18.015    10 ?       ? ? ? 
# 
_entity_poly.entity_id                      1 
_entity_poly.type                           'polypeptide(L)' 
_entity_poly.nstd_linkage                   no 
_entity_poly.nstd_monomer                   no 
_entity_poly.pdbx_seq_one_letter_code       
;DDAAIKRKLQSFNISNIVIKSSPISGIKTAVTDQGILYVSEDGKYLFEGKLYELTNNGPVDVAGKILVDKLNSYKDEMIV
YPAKNEKHVVTVFMDITCHYCHLLHQQLKEYNDLGITVRYLAFPRAGMNNQTAKQMEAIWTAKDPVFALNEAEKGNLPKE
VKTPNIVKKHYELGIQFGVRGTPSIVTSTGELIGGYLKPADLLRALEETAQ
;
_entity_poly.pdbx_seq_one_letter_code_can   
;DDAAIKRKLQSFNISNIVIKSSPISGIKTAVTDQGILYVSEDGKYLFEGKLYELTNNGPVDVAGKILVDKLNSYKDEMIV
YPAKNEKHVVTVFMDITCHYCHLLHQQLKEYNDLGITVRYLAFPRAGMNNQTAKQMEAIWTAKDPVFALNEAEKGNLPKE
VKTPNIVKKHYELGIQFGVRGTPSIVTSTGELIGGYLKPADLLRALEETAQ
;
_entity_poly.pdbx_strand_id                 A 
_entity_poly.pdbx_target_identifier         ? 
# 
_pdbx_entity_nonpoly.entity_id   2 
_pdbx_entity_nonpoly.name        water 
_pdbx_entity_nonpoly.comp_id     HOH 
# 
loop_
_entity_poly_seq.entity_id 
_entity_poly_seq.num 
_entity_poly_seq.mon_id 
_entity_poly_seq.hetero 
1 1   ASP n 
1 2   ASP n 
1 3   ALA n 
1 4   ALA n 
1 5   ILE n 
1 6   LYS n 
1 7   ARG n 
1 8   LYS n 
1 9   LEU n 
1 10  GLN n 
1 11  SER n 
1 12  PHE n 
1 13  ASN n 
1 14  ILE n 
1 15  SER n 
1 16  ASN n 
1 17  ILE n 
1 18  VAL n 
1 19  ILE n 
1 20  LYS n 
1 21  SER n 
1 22  SER n 
1 23  PRO n 
1 24  ILE n 
1 25  SER n 
1 26  GLY n 
1 27  ILE n 
1 28  LYS n 
1 29  THR n 
1 30  ALA n 
1 31  VAL n 
1 32  THR n 
1 33  ASP n 
1 34  GLN n 
1 35  GLY n 
1 36  ILE n 
1 37  LEU n 
1 38  TYR n 
1 39  VAL n 
1 40  SER n 
1 41  GLU n 
1 42  ASP n 
1 43  GLY n 
1 44  LYS n 
1 45  TYR n 
1 46  LEU n 
1 47  PHE n 
1 48  GLU n 
1 49  GLY n 
1 50  LYS n 
1 51  LEU n 
1 52  TYR n 
1 53  GLU n 
1 54  LEU n 
1 55  THR n 
1 56  ASN n 
1 57  ASN n 
1 58  GLY n 
1 59  PRO n 
1 60  VAL n 
1 61  ASP n 
1 62  VAL n 
1 63  ALA n 
1 64  GLY n 
1 65  LYS n 
1 66  ILE n 
1 67  LEU n 
1 68  VAL n 
1 69  ASP n 
1 70  LYS n 
1 71  LEU n 
1 72  ASN n 
1 73  SER n 
1 74  TYR n 
1 75  LYS n 
1 76  ASP n 
1 77  GLU n 
1 78  MET n 
1 79  ILE n 
1 80  VAL n 
1 81  TYR n 
1 82  PRO n 
1 83  ALA n 
1 84  LYS n 
1 85  ASN n 
1 86  GLU n 
1 87  LYS n 
1 88  HIS n 
1 89  VAL n 
1 90  VAL n 
1 91  THR n 
1 92  VAL n 
1 93  PHE n 
1 94  MET n 
1 95  ASP n 
1 96  ILE n 
1 97  THR n 
1 98  CYS n 
1 99  HIS n 
1 100 TYR n 
1 101 CYS n 
1 102 HIS n 
1 103 LEU n 
1 104 LEU n 
1 105 HIS n 
1 106 GLN n 
1 107 GLN n 
1 108 LEU n 
1 109 LYS n 
1 110 GLU n 
1 111 TYR n 
1 112 ASN n 
1 113 ASP n 
1 114 LEU n 
1 115 GLY n 
1 116 ILE n 
1 117 THR n 
1 118 VAL n 
1 119 ARG n 
1 120 TYR n 
1 121 LEU n 
1 122 ALA n 
1 123 PHE n 
1 124 PRO n 
1 125 ARG n 
1 126 ALA n 
1 127 GLY n 
1 128 MET n 
1 129 ASN n 
1 130 ASN n 
1 131 GLN n 
1 132 THR n 
1 133 ALA n 
1 134 LYS n 
1 135 GLN n 
1 136 MET n 
1 137 GLU n 
1 138 ALA n 
1 139 ILE n 
1 140 TRP n 
1 141 THR n 
1 142 ALA n 
1 143 LYS n 
1 144 ASP n 
1 145 PRO n 
1 146 VAL n 
1 147 PHE n 
1 148 ALA n 
1 149 LEU n 
1 150 ASN n 
1 151 GLU n 
1 152 ALA n 
1 153 GLU n 
1 154 LYS n 
1 155 GLY n 
1 156 ASN n 
1 157 LEU n 
1 158 PRO n 
1 159 LYS n 
1 160 GLU n 
1 161 VAL n 
1 162 LYS n 
1 163 THR n 
1 164 PRO n 
1 165 ASN n 
1 166 ILE n 
1 167 VAL n 
1 168 LYS n 
1 169 LYS n 
1 170 HIS n 
1 171 TYR n 
1 172 GLU n 
1 173 LEU n 
1 174 GLY n 
1 175 ILE n 
1 176 GLN n 
1 177 PHE n 
1 178 GLY n 
1 179 VAL n 
1 180 ARG n 
1 181 GLY n 
1 182 THR n 
1 183 PRO n 
1 184 SER n 
1 185 ILE n 
1 186 VAL n 
1 187 THR n 
1 188 SER n 
1 189 THR n 
1 190 GLY n 
1 191 GLU n 
1 192 LEU n 
1 193 ILE n 
1 194 GLY n 
1 195 GLY n 
1 196 TYR n 
1 197 LEU n 
1 198 LYS n 
1 199 PRO n 
1 200 ALA n 
1 201 ASP n 
1 202 LEU n 
1 203 LEU n 
1 204 ARG n 
1 205 ALA n 
1 206 LEU n 
1 207 GLU n 
1 208 GLU n 
1 209 THR n 
1 210 ALA n 
1 211 GLN n 
# 
_entity_src_gen.entity_id                          1 
_entity_src_gen.pdbx_src_id                        1 
_entity_src_gen.pdbx_alt_source_flag               sample 
_entity_src_gen.pdbx_seq_type                      ? 
_entity_src_gen.pdbx_beg_seq_num                   ? 
_entity_src_gen.pdbx_end_seq_num                   ? 
_entity_src_gen.gene_src_common_name               ? 
_entity_src_gen.gene_src_genus                     Haemophilus 
_entity_src_gen.pdbx_gene_src_gene                 'DSBC, XPRA, HI1213' 
_entity_src_gen.gene_src_species                   ? 
_entity_src_gen.gene_src_strain                    ? 
_entity_src_gen.gene_src_tissue                    ? 
_entity_src_gen.gene_src_tissue_fraction           ? 
_entity_src_gen.gene_src_details                   ? 
_entity_src_gen.pdbx_gene_src_fragment             ? 
_entity_src_gen.pdbx_gene_src_scientific_name      'Haemophilus influenzae' 
_entity_src_gen.pdbx_gene_src_ncbi_taxonomy_id     727 
_entity_src_gen.pdbx_gene_src_variant              ? 
_entity_src_gen.pdbx_gene_src_cell_line            ? 
_entity_src_gen.pdbx_gene_src_atcc                 ? 
_entity_src_gen.pdbx_gene_src_organ                ? 
_entity_src_gen.pdbx_gene_src_organelle            ? 
_entity_src_gen.pdbx_gene_src_cell                 ? 
_entity_src_gen.pdbx_gene_src_cellular_location    ? 
_entity_src_gen.host_org_common_name               ? 
_entity_src_gen.pdbx_host_org_scientific_name      'Escherichia coli' 
_entity_src_gen.pdbx_host_org_ncbi_taxonomy_id     562 
_entity_src_gen.host_org_genus                     Escherichia 
_entity_src_gen.pdbx_host_org_gene                 ? 
_entity_src_gen.pdbx_host_org_organ                ? 
_entity_src_gen.host_org_species                   ? 
_entity_src_gen.pdbx_host_org_tissue               ? 
_entity_src_gen.pdbx_host_org_tissue_fraction      ? 
_entity_src_gen.pdbx_host_org_strain               ? 
_entity_src_gen.pdbx_host_org_variant              ? 
_entity_src_gen.pdbx_host_org_cell_line            ? 
_entity_src_gen.pdbx_host_org_atcc                 ? 
_entity_src_gen.pdbx_host_org_culture_collection   ? 
_entity_src_gen.pdbx_host_org_cell                 ? 
_entity_src_gen.pdbx_host_org_organelle            ? 
_entity_src_gen.pdbx_host_org_cellular_location    ? 
_entity_src_gen.pdbx_host_org_vector_type          PLASMID 
_entity_src_gen.pdbx_host_org_vector               ? 
_entity_src_gen.host_org_details                   ? 
_entity_src_gen.expression_system_id               ? 
_entity_src_gen.plasmid_name                       PET28A 
_entity_src_gen.plasmid_details                    ? 
_entity_src_gen.pdbx_description                   ? 
# 
loop_
_chem_comp.id 
_chem_comp.type 
_chem_comp.mon_nstd_flag 
_chem_comp.name 
_chem_comp.pdbx_synonyms 
_chem_comp.formula 
_chem_comp.formula_weight 
ALA 'L-peptide linking' y ALANINE         ? 'C3 H7 N O2'     89.093  
ARG 'L-peptide linking' y ARGININE        ? 'C6 H15 N4 O2 1' 175.209 
ASN 'L-peptide linking' y ASPARAGINE      ? 'C4 H8 N2 O3'    132.118 
ASP 'L-peptide linking' y 'ASPARTIC ACID' ? 'C4 H7 N O4'     133.103 
CYS 'L-peptide linking' y CYSTEINE        ? 'C3 H7 N O2 S'   121.158 
GLN 'L-peptide linking' y GLUTAMINE       ? 'C5 H10 N2 O3'   146.144 
GLU 'L-peptide linking' y 'GLUTAMIC ACID' ? 'C5 H9 N O4'     147.129 
GLY 'peptide linking'   y GLYCINE         ? 'C2 H5 N O2'     75.067  
HIS 'L-peptide linking' y HISTIDINE       ? 'C6 H10 N3 O2 1' 156.162 
HOH non-polymer         . WATER           ? 'H2 O'           18.015  
ILE 'L-peptide linking' y ISOLEUCINE      ? 'C6 H13 N O2'    131.173 
LEU 'L-peptide linking' y LEUCINE         ? 'C6 H13 N O2'    131.173 
LYS 'L-peptide linking' y LYSINE          ? 'C6 H15 N2 O2 1' 147.195 
MET 'L-peptide linking' y METHIONINE      ? 'C5 H11 N O2 S'  149.211 
PHE 'L-peptide linking' y PHENYLALANINE   ? 'C9 H11 N O2'    165.189 
PRO 'L-peptide linking' y PROLINE         ? 'C5 H9 N O2'     115.130 
SER 'L-peptide linking' y SERINE          ? 'C3 H7 N O3'     105.093 
THR 'L-peptide linking' y THREONINE       ? 'C4 H9 N O3'     119.119 
TRP 'L-peptide linking' y TRYPTOPHAN      ? 'C11 H12 N2 O2'  204.225 
TYR 'L-peptide linking' y TYROSINE        ? 'C9 H11 N O3'    181.189 
VAL 'L-peptide linking' y VALINE          ? 'C5 H11 N O2'    117.146 
# 
loop_
_pdbx_poly_seq_scheme.asym_id 
_pdbx_poly_seq_scheme.entity_id 
_pdbx_poly_seq_scheme.seq_id 
_pdbx_poly_seq_scheme.mon_id 
_pdbx_poly_seq_scheme.ndb_seq_num 
_pdbx_poly_seq_scheme.pdb_seq_num 
_pdbx_poly_seq_scheme.auth_seq_num 
_pdbx_poly_seq_scheme.pdb_mon_id 
_pdbx_poly_seq_scheme.auth_mon_id 
_pdbx_poly_seq_scheme.pdb_strand_id 
_pdbx_poly_seq_scheme.pdb_ins_code 
_pdbx_poly_seq_scheme.hetero 
A 1 1   ASP 1   1   ?   ?   ?   A . n 
A 1 2   ASP 2   2   2   ASP ASP A . n 
A 1 3   ALA 3   3   3   ALA ALA A . n 
A 1 4   ALA 4   4   4   ALA ALA A . n 
A 1 5   ILE 5   5   5   ILE ILE A . n 
A 1 6   LYS 6   6   6   LYS LYS A . n 
A 1 7   ARG 7   7   7   ARG ARG A . n 
A 1 8   LYS 8   8   8   LYS LYS A . n 
A 1 9   LEU 9   9   9   LEU LEU A . n 
A 1 10  GLN 10  10  10  GLN GLN A . n 
A 1 11  SER 11  11  11  SER SER A . n 
A 1 12  PHE 12  12  12  PHE PHE A . n 
A 1 13  ASN 13  13  13  ASN ASN A . n 
A 1 14  ILE 14  14  14  ILE ILE A . n 
A 1 15  SER 15  15  15  SER SER A . n 
A 1 16  ASN 16  16  16  ASN ASN A . n 
A 1 17  ILE 17  17  17  ILE ILE A . n 
A 1 18  VAL 18  18  18  VAL VAL A . n 
A 1 19  ILE 19  19  19  ILE ILE A . n 
A 1 20  LYS 20  20  20  LYS LYS A . n 
A 1 21  SER 21  21  21  SER SER A . n 
A 1 22  SER 22  22  22  SER SER A . n 
A 1 23  PRO 23  23  23  PRO PRO A . n 
A 1 24  ILE 24  24  24  ILE ILE A . n 
A 1 25  SER 25  25  25  SER SER A . n 
A 1 26  GLY 26  26  26  GLY GLY A . n 
A 1 27  ILE 27  27  27  ILE ILE A . n 
A 1 28  LYS 28  28  28  LYS LYS A . n 
A 1 29  THR 29  29  29  THR THR A . n 
A 1 30  ALA 30  30  30  ALA ALA A . n 
A 1 31  VAL 31  31  31  VAL VAL A . n 
A 1 32  THR 32  32  32  THR THR A . n 
A 1 33  ASP 33  33  33  ASP ASP A . n 
A 1 34  GLN 34  34  34  GLN GLN A . n 
A 1 35  GLY 35  35  35  GLY GLY A . n 
A 1 36  ILE 36  36  36  ILE ILE A . n 
A 1 37  LEU 37  37  37  LEU LEU A . n 
A 1 38  TYR 38  38  38  TYR TYR A . n 
A 1 39  VAL 39  39  39  VAL VAL A . n 
A 1 40  SER 40  40  40  SER SER A . n 
A 1 41  GLU 41  41  41  GLU GLU A . n 
A 1 42  ASP 42  42  42  ASP ASP A . n 
A 1 43  GLY 43  43  43  GLY GLY A . n 
A 1 44  LYS 44  44  44  LYS LYS A . n 
A 1 45  TYR 45  45  45  TYR TYR A . n 
A 1 46  LEU 46  46  46  LEU LEU A . n 
A 1 47  PHE 47  47  47  PHE PHE A . n 
A 1 48  GLU 48  48  48  GLU GLU A . n 
A 1 49  GLY 49  49  49  GLY GLY A . n 
A 1 50  LYS 50  50  50  LYS LYS A . n 
A 1 51  LEU 51  51  51  LEU LEU A . n 
A 1 52  TYR 52  52  52  TYR TYR A . n 
A 1 53  GLU 53  53  53  GLU GLU A . n 
A 1 54  LEU 54  54  54  LEU LEU A . n 
A 1 55  THR 55  55  55  THR THR A . n 
A 1 56  ASN 56  56  56  ASN ASN A . n 
A 1 57  ASN 57  57  57  ASN ASN A . n 
A 1 58  GLY 58  58  58  GLY GLY A . n 
A 1 59  PRO 59  59  59  PRO PRO A . n 
A 1 60  VAL 60  60  60  VAL VAL A . n 
A 1 61  ASP 61  61  61  ASP ASP A . n 
A 1 62  VAL 62  62  62  VAL VAL A . n 
A 1 63  ALA 63  63  63  ALA ALA A . n 
A 1 64  GLY 64  64  64  GLY GLY A . n 
A 1 65  LYS 65  65  65  LYS LYS A . n 
A 1 66  ILE 66  66  66  ILE ILE A . n 
A 1 67  LEU 67  67  67  LEU LEU A . n 
A 1 68  VAL 68  68  68  VAL VAL A . n 
A 1 69  ASP 69  69  69  ASP ASP A . n 
A 1 70  LYS 70  70  70  LYS LYS A . n 
A 1 71  LEU 71  71  71  LEU LEU A . n 
A 1 72  ASN 72  72  72  ASN ASN A . n 
A 1 73  SER 73  73  73  SER SER A . n 
A 1 74  TYR 74  74  74  TYR TYR A . n 
A 1 75  LYS 75  75  75  LYS LYS A . n 
A 1 76  ASP 76  76  76  ASP ASP A . n 
A 1 77  GLU 77  77  77  GLU GLU A . n 
A 1 78  MET 78  78  78  MET MET A . n 
A 1 79  ILE 79  79  79  ILE ILE A . n 
A 1 80  VAL 80  80  80  VAL VAL A . n 
A 1 81  TYR 81  81  81  TYR TYR A . n 
A 1 82  PRO 82  82  82  PRO PRO A . n 
A 1 83  ALA 83  83  83  ALA ALA A . n 
A 1 84  LYS 84  84  84  LYS LYS A . n 
A 1 85  ASN 85  85  85  ASN ASN A . n 
A 1 86  GLU 86  86  86  GLU GLU A . n 
A 1 87  LYS 87  87  87  LYS LYS A . n 
A 1 88  HIS 88  88  88  HIS HIS A . n 
A 1 89  VAL 89  89  89  VAL VAL A . n 
A 1 90  VAL 90  90  90  VAL VAL A . n 
A 1 91  THR 91  91  91  THR THR A . n 
A 1 92  VAL 92  92  92  VAL VAL A . n 
A 1 93  PHE 93  93  93  PHE PHE A . n 
A 1 94  MET 94  94  94  MET MET A . n 
A 1 95  ASP 95  95  95  ASP ASP A . n 
A 1 96  ILE 96  96  96  ILE ILE A . n 
A 1 97  THR 97  97  97  THR THR A . n 
A 1 98  CYS 98  98  98  CYS CYS A . n 
A 1 99  HIS 99  99  99  HIS HIS A . n 
A 1 100 TYR 100 100 100 TYR TYR A . n 
A 1 101 CYS 101 101 101 CYS CYS A . n 
A 1 102 HIS 102 102 102 HIS HIS A . n 
A 1 103 LEU 103 103 103 LEU LEU A . n 
A 1 104 LEU 104 104 104 LEU LEU A . n 
A 1 105 HIS 105 105 105 HIS HIS A . n 
A 1 106 GLN 106 106 106 GLN GLN A . n 
A 1 107 GLN 107 107 107 GLN GLN A . n 
A 1 108 LEU 108 108 108 LEU LEU A . n 
A 1 109 LYS 109 109 109 LYS LYS A . n 
A 1 110 GLU 110 110 110 GLU GLU A . n 
A 1 111 TYR 111 111 111 TYR TYR A . n 
A 1 112 ASN 112 112 112 ASN ASN A . n 
A 1 113 ASP 113 113 113 ASP ASP A . n 
A 1 114 LEU 114 114 114 LEU LEU A . n 
A 1 115 GLY 115 115 115 GLY GLY A . n 
A 1 116 ILE 116 116 116 ILE ILE A . n 
A 1 117 THR 117 117 117 THR THR A . n 
A 1 118 VAL 118 118 118 VAL VAL A . n 
A 1 119 ARG 119 119 119 ARG ARG A . n 
A 1 120 TYR 120 120 120 TYR TYR A . n 
A 1 121 LEU 121 121 121 LEU LEU A . n 
A 1 122 ALA 122 122 122 ALA ALA A . n 
A 1 123 PHE 123 123 123 PHE PHE A . n 
A 1 124 PRO 124 124 124 PRO PRO A . n 
A 1 125 ARG 125 125 125 ARG ARG A . n 
A 1 126 ALA 126 126 126 ALA ALA A . n 
A 1 127 GLY 127 127 127 GLY GLY A . n 
A 1 128 MET 128 128 128 MET MET A . n 
A 1 129 ASN 129 129 129 ASN ASN A . n 
A 1 130 ASN 130 130 130 ASN ASN A . n 
A 1 131 GLN 131 131 131 GLN GLN A . n 
A 1 132 THR 132 132 132 THR THR A . n 
A 1 133 ALA 133 133 133 ALA ALA A . n 
A 1 134 LYS 134 134 134 LYS LYS A . n 
A 1 135 GLN 135 135 135 GLN GLN A . n 
A 1 136 MET 136 136 136 MET MET A . n 
A 1 137 GLU 137 137 137 GLU GLU A . n 
A 1 138 ALA 138 138 138 ALA ALA A . n 
A 1 139 ILE 139 139 139 ILE ILE A . n 
A 1 140 TRP 140 140 140 TRP TRP A . n 
A 1 141 THR 141 141 141 THR THR A . n 
A 1 142 ALA 142 142 142 ALA ALA A . n 
A 1 143 LYS 143 143 143 LYS LYS A . n 
A 1 144 ASP 144 144 144 ASP ASP A . n 
A 1 145 PRO 145 145 145 PRO PRO A . n 
A 1 146 VAL 146 146 146 VAL VAL A . n 
A 1 147 PHE 147 147 147 PHE PHE A . n 
A 1 148 ALA 148 148 148 ALA ALA A . n 
A 1 149 LEU 149 149 149 LEU LEU A . n 
A 1 150 ASN 150 150 150 ASN ASN A . n 
A 1 151 GLU 151 151 151 GLU GLU A . n 
A 1 152 ALA 152 152 152 ALA ALA A . n 
A 1 153 GLU 153 153 153 GLU GLU A . n 
A 1 154 LYS 154 154 154 LYS LYS A . n 
A 1 155 GLY 155 155 155 GLY GLY A . n 
A 1 156 ASN 156 156 156 ASN ASN A . n 
A 1 157 LEU 157 157 157 LEU LEU A . n 
A 1 158 PRO 158 158 158 PRO PRO A . n 
A 1 159 LYS 159 159 159 LYS LYS A . n 
A 1 160 GLU 160 160 160 GLU GLU A . n 
A 1 161 VAL 161 161 161 VAL VAL A . n 
A 1 162 LYS 162 162 162 LYS LYS A . n 
A 1 163 THR 163 163 163 THR THR A . n 
A 1 164 PRO 164 164 164 PRO PRO A . n 
A 1 165 ASN 165 165 165 ASN ASN A . n 
A 1 166 ILE 166 166 166 ILE ILE A . n 
A 1 167 VAL 167 167 167 VAL VAL A . n 
A 1 168 LYS 168 168 168 LYS LYS A . n 
A 1 169 LYS 169 169 169 LYS LYS A . n 
A 1 170 HIS 170 170 170 HIS HIS A . n 
A 1 171 TYR 171 171 171 TYR TYR A . n 
A 1 172 GLU 172 172 172 GLU GLU A . n 
A 1 173 LEU 173 173 173 LEU LEU A . n 
A 1 174 GLY 174 174 174 GLY GLY A . n 
A 1 175 ILE 175 175 175 ILE ILE A . n 
A 1 176 GLN 176 176 176 GLN GLN A . n 
A 1 177 PHE 177 177 177 PHE PHE A . n 
A 1 178 GLY 178 178 178 GLY GLY A . n 
A 1 179 VAL 179 179 179 VAL VAL A . n 
A 1 180 ARG 180 180 180 ARG ARG A . n 
A 1 181 GLY 181 181 181 GLY GLY A . n 
A 1 182 THR 182 182 182 THR THR A . n 
A 1 183 PRO 183 183 183 PRO PRO A . n 
A 1 184 SER 184 184 184 SER SER A . n 
A 1 185 ILE 185 185 185 ILE ILE A . n 
A 1 186 VAL 186 186 186 VAL VAL A . n 
A 1 187 THR 187 187 187 THR THR A . n 
A 1 188 SER 188 188 188 SER SER A . n 
A 1 189 THR 189 189 189 THR THR A . n 
A 1 190 GLY 190 190 190 GLY GLY A . n 
A 1 191 GLU 191 191 191 GLU GLU A . n 
A 1 192 LEU 192 192 192 LEU LEU A . n 
A 1 193 ILE 193 193 193 ILE ILE A . n 
A 1 194 GLY 194 194 194 GLY GLY A . n 
A 1 195 GLY 195 195 195 GLY GLY A . n 
A 1 196 TYR 196 196 196 TYR TYR A . n 
A 1 197 LEU 197 197 197 LEU LEU A . n 
A 1 198 LYS 198 198 198 LYS LYS A . n 
A 1 199 PRO 199 199 199 PRO PRO A . n 
A 1 200 ALA 200 200 200 ALA ALA A . n 
A 1 201 ASP 201 201 201 ASP ASP A . n 
A 1 202 LEU 202 202 202 LEU LEU A . n 
A 1 203 LEU 203 203 203 LEU LEU A . n 
A 1 204 ARG 204 204 204 ARG ARG A . n 
A 1 205 ALA 205 205 205 ALA ALA A . n 
A 1 206 LEU 206 206 206 LEU LEU A . n 
A 1 207 GLU 207 207 207 GLU GLU A . n 
A 1 208 GLU 208 208 208 GLU GLU A . n 
A 1 209 THR 209 209 209 THR THR A . n 
A 1 210 ALA 210 210 210 ALA ALA A . n 
A 1 211 GLN 211 211 ?   ?   ?   A . n 
# 
loop_
_pdbx_nonpoly_scheme.asym_id 
_pdbx_nonpoly_scheme.entity_id 
_pdbx_nonpoly_scheme.mon_id 
_pdbx_nonpoly_scheme.ndb_seq_num 
_pdbx_nonpoly_scheme.pdb_seq_num 
_pdbx_nonpoly_scheme.auth_seq_num 
_pdbx_nonpoly_scheme.pdb_mon_id 
_pdbx_nonpoly_scheme.auth_mon_id 
_pdbx_nonpoly_scheme.pdb_strand_id 
_pdbx_nonpoly_scheme.pdb_ins_code 
B 2 HOH 1  212 1  HOH HOH A . 
B 2 HOH 2  213 4  HOH HOH A . 
B 2 HOH 3  214 5  HOH HOH A . 
B 2 HOH 4  215 8  HOH HOH A . 
B 2 HOH 5  216 9  HOH HOH A . 
B 2 HOH 6  217 10 HOH HOH A . 
B 2 HOH 7  218 11 HOH HOH A . 
B 2 HOH 8  219 12 HOH HOH A . 
B 2 HOH 9  220 13 HOH HOH A . 
B 2 HOH 10 221 14 HOH HOH A . 
# 
loop_
_pdbx_unobs_or_zero_occ_atoms.id 
_pdbx_unobs_or_zero_occ_atoms.PDB_model_num 
_pdbx_unobs_or_zero_occ_atoms.polymer_flag 
_pdbx_unobs_or_zero_occ_atoms.occupancy_flag 
_pdbx_unobs_or_zero_occ_atoms.auth_asym_id 
_pdbx_unobs_or_zero_occ_atoms.auth_comp_id 
_pdbx_unobs_or_zero_occ_atoms.auth_seq_id 
_pdbx_unobs_or_zero_occ_atoms.PDB_ins_code 
_pdbx_unobs_or_zero_occ_atoms.auth_atom_id 
_pdbx_unobs_or_zero_occ_atoms.label_alt_id 
_pdbx_unobs_or_zero_occ_atoms.label_asym_id 
_pdbx_unobs_or_zero_occ_atoms.label_comp_id 
_pdbx_unobs_or_zero_occ_atoms.label_seq_id 
_pdbx_unobs_or_zero_occ_atoms.label_atom_id 
1  1 Y 1 A LYS 6   ? CG  ? A LYS 6   CG  
2  1 Y 1 A LYS 6   ? CD  ? A LYS 6   CD  
3  1 Y 1 A LYS 6   ? CE  ? A LYS 6   CE  
4  1 Y 1 A LYS 6   ? NZ  ? A LYS 6   NZ  
5  1 Y 1 A ARG 7   ? CG  ? A ARG 7   CG  
6  1 Y 1 A ARG 7   ? CD  ? A ARG 7   CD  
7  1 Y 1 A ARG 7   ? NE  ? A ARG 7   NE  
8  1 Y 1 A ARG 7   ? CZ  ? A ARG 7   CZ  
9  1 Y 1 A ARG 7   ? NH1 ? A ARG 7   NH1 
10 1 Y 1 A ARG 7   ? NH2 ? A ARG 7   NH2 
11 1 Y 1 A LYS 8   ? CG  ? A LYS 8   CG  
12 1 Y 1 A LYS 8   ? CD  ? A LYS 8   CD  
13 1 Y 1 A LYS 8   ? CE  ? A LYS 8   CE  
14 1 Y 1 A LYS 8   ? NZ  ? A LYS 8   NZ  
15 1 Y 1 A GLN 10  ? CG  ? A GLN 10  CG  
16 1 Y 1 A GLN 10  ? CD  ? A GLN 10  CD  
17 1 Y 1 A GLN 10  ? OE1 ? A GLN 10  OE1 
18 1 Y 1 A GLN 10  ? NE2 ? A GLN 10  NE2 
19 1 Y 1 A SER 11  ? OG  ? A SER 11  OG  
20 1 Y 1 A PHE 12  ? CG  ? A PHE 12  CG  
21 1 Y 1 A PHE 12  ? CD1 ? A PHE 12  CD1 
22 1 Y 1 A PHE 12  ? CD2 ? A PHE 12  CD2 
23 1 Y 1 A PHE 12  ? CE1 ? A PHE 12  CE1 
24 1 Y 1 A PHE 12  ? CE2 ? A PHE 12  CE2 
25 1 Y 1 A PHE 12  ? CZ  ? A PHE 12  CZ  
26 1 Y 1 A ASN 13  ? CG  ? A ASN 13  CG  
27 1 Y 1 A ASN 13  ? OD1 ? A ASN 13  OD1 
28 1 Y 1 A ASN 13  ? ND2 ? A ASN 13  ND2 
29 1 Y 1 A ASN 16  ? CG  ? A ASN 16  CG  
30 1 Y 1 A ASN 16  ? OD1 ? A ASN 16  OD1 
31 1 Y 1 A ASN 16  ? ND2 ? A ASN 16  ND2 
32 1 Y 1 A ILE 17  ? CD1 ? A ILE 17  CD1 
33 1 Y 1 A LYS 20  ? CG  ? A LYS 20  CG  
34 1 Y 1 A LYS 20  ? CD  ? A LYS 20  CD  
35 1 Y 1 A LYS 20  ? CE  ? A LYS 20  CE  
36 1 Y 1 A LYS 20  ? NZ  ? A LYS 20  NZ  
37 1 Y 1 A SER 21  ? OG  ? A SER 21  OG  
38 1 Y 1 A ILE 24  ? CD1 ? A ILE 24  CD1 
39 1 Y 1 A ASP 33  ? CG  ? A ASP 33  CG  
40 1 Y 1 A ASP 33  ? OD1 ? A ASP 33  OD1 
41 1 Y 1 A ASP 33  ? OD2 ? A ASP 33  OD2 
42 1 Y 1 A SER 40  ? OG  ? A SER 40  OG  
43 1 Y 1 A ASP 42  ? CG  ? A ASP 42  CG  
44 1 Y 1 A ASP 42  ? OD1 ? A ASP 42  OD1 
45 1 Y 1 A ASP 42  ? OD2 ? A ASP 42  OD2 
46 1 Y 1 A LYS 44  ? CG  ? A LYS 44  CG  
47 1 Y 1 A LYS 44  ? CD  ? A LYS 44  CD  
48 1 Y 1 A LYS 44  ? CE  ? A LYS 44  CE  
49 1 Y 1 A LYS 44  ? NZ  ? A LYS 44  NZ  
50 1 Y 1 A THR 55  ? OG1 ? A THR 55  OG1 
51 1 Y 1 A THR 55  ? CG2 ? A THR 55  CG2 
52 1 Y 1 A ASN 57  ? CG  ? A ASN 57  CG  
53 1 Y 1 A ASN 57  ? OD1 ? A ASN 57  OD1 
54 1 Y 1 A ASN 57  ? ND2 ? A ASN 57  ND2 
55 1 Y 1 A LYS 65  ? CG  ? A LYS 65  CG  
56 1 Y 1 A LYS 65  ? CD  ? A LYS 65  CD  
57 1 Y 1 A LYS 65  ? CE  ? A LYS 65  CE  
58 1 Y 1 A LYS 65  ? NZ  ? A LYS 65  NZ  
59 1 Y 1 A ILE 66  ? CD1 ? A ILE 66  CD1 
60 1 Y 1 A LYS 84  ? CG  ? A LYS 84  CG  
61 1 Y 1 A LYS 84  ? CD  ? A LYS 84  CD  
62 1 Y 1 A LYS 84  ? CE  ? A LYS 84  CE  
63 1 Y 1 A LYS 84  ? NZ  ? A LYS 84  NZ  
64 1 Y 1 A LYS 109 ? CG  ? A LYS 109 CG  
65 1 Y 1 A LYS 109 ? CD  ? A LYS 109 CD  
66 1 Y 1 A LYS 109 ? CE  ? A LYS 109 CE  
67 1 Y 1 A LYS 109 ? NZ  ? A LYS 109 NZ  
68 1 Y 1 A LYS 134 ? CE  ? A LYS 134 CE  
69 1 Y 1 A LYS 134 ? NZ  ? A LYS 134 NZ  
70 1 Y 1 A LYS 159 ? CG  ? A LYS 159 CG  
71 1 Y 1 A LYS 159 ? CD  ? A LYS 159 CD  
72 1 Y 1 A LYS 159 ? CE  ? A LYS 159 CE  
73 1 Y 1 A LYS 159 ? NZ  ? A LYS 159 NZ  
# 
loop_
_software.name 
_software.classification 
_software.version 
_software.citation_id 
_software.pdbx_ordinal 
DENZO     'data reduction' .   ? 1 
SCALEPACK 'data scaling'   .   ? 2 
EPMR      phasing          .   ? 3 
CNS       refinement       1.1 ? 4 
# 
_cell.entry_id           1T3B 
_cell.length_a           74.920 
_cell.length_b           74.920 
_cell.length_c           103.380 
_cell.angle_alpha        90.00 
_cell.angle_beta         90.00 
_cell.angle_gamma        90.00 
_cell.Z_PDB              8 
_cell.pdbx_unique_axis   ? 
# 
_symmetry.entry_id                         1T3B 
_symmetry.space_group_name_H-M             'P 43 21 2' 
_symmetry.pdbx_full_space_group_name_H-M   ? 
_symmetry.cell_setting                     ? 
_symmetry.Int_Tables_number                96 
_symmetry.space_group_name_Hall            ? 
# 
_exptl.entry_id          1T3B 
_exptl.method            'X-RAY DIFFRACTION' 
_exptl.crystals_number   1 
# 
_exptl_crystal.id                    1 
_exptl_crystal.density_meas          ? 
_exptl_crystal.density_percent_sol   59.9 
_exptl_crystal.description           ? 
_exptl_crystal.density_Matthews      3.1 
_exptl_crystal.F_000                 ? 
_exptl_crystal.preparation           ? 
# 
_exptl_crystal_grow.crystal_id      1 
_exptl_crystal_grow.method          'VAPOR DIFFUSION, HANGING DROP' 
_exptl_crystal_grow.temp            277 
_exptl_crystal_grow.temp_details    ? 
_exptl_crystal_grow.pH              6.5 
_exptl_crystal_grow.pdbx_details    'PEG 4000, sodium phosphate, glycerol, pH 6.5, VAPOR DIFFUSION, HANGING DROP, temperature 277K' 
_exptl_crystal_grow.pdbx_pH_range   . 
# 
_diffrn.id                     1 
_diffrn.ambient_temp           90 
_diffrn.ambient_temp_details   ? 
_diffrn.crystal_id             1 
# 
_diffrn_detector.diffrn_id              1 
_diffrn_detector.detector               CCD 
_diffrn_detector.type                   'ADSC QUANTUM 210' 
_diffrn_detector.pdbx_collection_date   2002-07-19 
_diffrn_detector.details                ? 
# 
_diffrn_radiation.diffrn_id                        1 
_diffrn_radiation.wavelength_id                    1 
_diffrn_radiation.pdbx_monochromatic_or_laue_m_l   M 
_diffrn_radiation.monochromator                    'DOUBLE CRYSTAL SI (111)' 
_diffrn_radiation.pdbx_diffrn_protocol             'SINGLE WAVELENGTH' 
_diffrn_radiation.pdbx_scattering_type             x-ray 
# 
_diffrn_radiation_wavelength.id           1 
_diffrn_radiation_wavelength.wavelength   1.0 
_diffrn_radiation_wavelength.wt           1.0 
# 
_diffrn_source.diffrn_id                   1 
_diffrn_source.source                      SYNCHROTRON 
_diffrn_source.type                        'ALS BEAMLINE 8.2.1' 
_diffrn_source.pdbx_synchrotron_site       ALS 
_diffrn_source.pdbx_synchrotron_beamline   8.2.1 
_diffrn_source.pdbx_wavelength             ? 
_diffrn_source.pdbx_wavelength_list        1.0 
# 
_reflns.entry_id                     1T3B 
_reflns.observed_criterion_sigma_F   ? 
_reflns.observed_criterion_sigma_I   0.0 
_reflns.d_resolution_high            2.48 
_reflns.d_resolution_low             40. 
_reflns.number_all                   7826 
_reflns.number_obs                   7826 
_reflns.percent_possible_obs         71.3 
_reflns.pdbx_Rmerge_I_obs            0.042 
_reflns.pdbx_Rsym_value              ? 
_reflns.pdbx_netI_over_sigmaI        20.1 
_reflns.B_iso_Wilson_estimate        ? 
_reflns.pdbx_redundancy              4.5 
_reflns.R_free_details               ? 
_reflns.limit_h_max                  ? 
_reflns.limit_h_min                  ? 
_reflns.limit_k_max                  ? 
_reflns.limit_k_min                  ? 
_reflns.limit_l_max                  ? 
_reflns.limit_l_min                  ? 
_reflns.observed_criterion_F_max     ? 
_reflns.observed_criterion_F_min     ? 
_reflns.pdbx_chi_squared             ? 
_reflns.pdbx_scaling_rejects         ? 
_reflns.pdbx_diffrn_id               1 
_reflns.pdbx_ordinal                 1 
# 
_reflns_shell.d_res_high             2.48 
_reflns_shell.d_res_low              2.57 
_reflns_shell.percent_possible_all   35.7 
_reflns_shell.Rmerge_I_obs           0.284 
_reflns_shell.pdbx_Rsym_value        ? 
_reflns_shell.meanI_over_sigI_obs    3.4 
_reflns_shell.pdbx_redundancy        4.5 
_reflns_shell.percent_possible_obs   ? 
_reflns_shell.number_unique_all      ? 
_reflns_shell.number_measured_all    ? 
_reflns_shell.number_measured_obs    ? 
_reflns_shell.number_unique_obs      ? 
_reflns_shell.pdbx_chi_squared       ? 
_reflns_shell.pdbx_diffrn_id         ? 
_reflns_shell.pdbx_ordinal           1 
# 
_refine.entry_id                                 1T3B 
_refine.ls_d_res_high                            2.5 
_refine.ls_d_res_low                             20.0 
_refine.pdbx_ls_sigma_F                          2.0 
_refine.pdbx_ls_sigma_I                          ? 
_refine.ls_number_reflns_all                     7369 
_refine.ls_number_reflns_obs                     6999 
_refine.ls_number_reflns_R_free                  374 
_refine.ls_percent_reflns_obs                    ? 
_refine.ls_R_factor_all                          ? 
_refine.ls_R_factor_obs                          0.249 
_refine.ls_R_factor_R_work                       0.246 
_refine.ls_R_factor_R_free                       0.295 
_refine.ls_redundancy_reflns_obs                 ? 
_refine.pdbx_data_cutoff_high_absF               ? 
_refine.pdbx_data_cutoff_low_absF                ? 
_refine.ls_number_parameters                     ? 
_refine.ls_number_restraints                     ? 
_refine.ls_percent_reflns_R_free                 ? 
_refine.ls_R_factor_R_free_error                 ? 
_refine.ls_R_factor_R_free_error_details         ? 
_refine.pdbx_method_to_determine_struct          'MOLECULAR REPLACEMENT' 
_refine.pdbx_starting_model                      'PDB ENTRY 1EEJ' 
_refine.pdbx_ls_cross_valid_method               THROUGHOUT 
_refine.pdbx_R_Free_selection_details            RANDOM 
_refine.pdbx_stereochem_target_val_spec_case     ? 
_refine.pdbx_stereochemistry_target_values       'Engh & Huber' 
_refine.solvent_model_details                    ? 
_refine.solvent_model_param_bsol                 ? 
_refine.solvent_model_param_ksol                 ? 
_refine.occupancy_max                            ? 
_refine.occupancy_min                            ? 
_refine.pdbx_isotropic_thermal_model             ? 
_refine.B_iso_mean                               ? 
_refine.aniso_B[1][1]                            ? 
_refine.aniso_B[1][2]                            ? 
_refine.aniso_B[1][3]                            ? 
_refine.aniso_B[2][2]                            ? 
_refine.aniso_B[2][3]                            ? 
_refine.aniso_B[3][3]                            ? 
_refine.details                                  
;DUE TO THE EXTREME ANISOTROPY OF THE DATA, A THREE DIMENSIONAL ELLIPSOID WITH RESOLUTION LIMITS CORRESPONDING TO THE MAXIMUM DIFFRACTION IN EACH DIRECTION WAS DEFINED TO SELECT REFLECTIONS USED IN REFINEMENT. THESE DIFFRACTION LIMITS WERE 2.5, 3.3, 3.3. ANGSTROMS. THE 2.5 A DIRECTION CORRESPONDS TO THE C* AXIS, THE 3.3 A DIRECTIONS CORRESPONDS TO THE A* AND B* AXES.
;
_refine.B_iso_min                                ? 
_refine.B_iso_max                                ? 
_refine.correlation_coeff_Fo_to_Fc               ? 
_refine.correlation_coeff_Fo_to_Fc_free          ? 
_refine.pdbx_solvent_vdw_probe_radii             ? 
_refine.pdbx_solvent_ion_probe_radii             ? 
_refine.pdbx_solvent_shrinkage_radii             ? 
_refine.overall_SU_R_Cruickshank_DPI             ? 
_refine.overall_SU_R_free                        ? 
_refine.overall_SU_B                             ? 
_refine.overall_SU_ML                            ? 
_refine.pdbx_overall_ESU_R                       ? 
_refine.pdbx_overall_ESU_R_Free                  ? 
_refine.pdbx_data_cutoff_high_rms_absF           ? 
_refine.ls_wR_factor_R_free                      ? 
_refine.ls_wR_factor_R_work                      ? 
_refine.overall_FOM_free_R_set                   ? 
_refine.overall_FOM_work_R_set                   ? 
_refine.pdbx_refine_id                           'X-RAY DIFFRACTION' 
_refine.pdbx_diffrn_id                           1 
_refine.pdbx_TLS_residual_ADP_flag               ? 
_refine.pdbx_overall_phase_error                 ? 
_refine.pdbx_overall_SU_R_free_Cruickshank_DPI   ? 
_refine.pdbx_overall_SU_R_Blow_DPI               ? 
_refine.pdbx_overall_SU_R_free_Blow_DPI          ? 
# 
_refine_hist.pdbx_refine_id                   'X-RAY DIFFRACTION' 
_refine_hist.cycle_id                         LAST 
_refine_hist.pdbx_number_atoms_protein        1564 
_refine_hist.pdbx_number_atoms_nucleic_acid   0 
_refine_hist.pdbx_number_atoms_ligand         0 
_refine_hist.number_atoms_solvent             10 
_refine_hist.number_atoms_total               1574 
_refine_hist.d_res_high                       2.5 
_refine_hist.d_res_low                        20.0 
# 
loop_
_refine_ls_restr.type 
_refine_ls_restr.dev_ideal 
_refine_ls_restr.dev_ideal_target 
_refine_ls_restr.weight 
_refine_ls_restr.number 
_refine_ls_restr.pdbx_refine_id 
_refine_ls_restr.pdbx_restraint_function 
c_bond_d    0.008 ? ? ? 'X-RAY DIFFRACTION' ? 
c_angle_deg 1.407 ? ? ? 'X-RAY DIFFRACTION' ? 
# 
_struct.entry_id                  1T3B 
_struct.title                     'X-ray Structure of DsbC from Haemophilus influenzae' 
_struct.pdbx_model_details        ? 
_struct.pdbx_CASP_flag            ? 
_struct.pdbx_model_type_details   ? 
# 
_struct_keywords.entry_id        1T3B 
_struct_keywords.pdbx_keywords   ISOMERASE 
_struct_keywords.text            
'OXIDOREDUCTASE, PROTEIN DISULFIDE ISOMERASE, PROTEIN FOLDING, REDOX PROTEIN, REDOX-ACTIVE CENTER, ISOMERASE' 
# 
loop_
_struct_asym.id 
_struct_asym.pdbx_blank_PDB_chainid_flag 
_struct_asym.pdbx_modified 
_struct_asym.entity_id 
_struct_asym.details 
A N N 1 ? 
B N N 2 ? 
# 
_struct_ref.id                         1 
_struct_ref.db_name                    UNP 
_struct_ref.db_code                    DSBC_HAEIN 
_struct_ref.pdbx_db_accession          P45111 
_struct_ref.entity_id                  1 
_struct_ref.pdbx_seq_one_letter_code   
;DDAAIKRKLQSFNISNIVIKSSPISGIKTAVTDQGILYVSEDGKYLFEGKLYELTNNGPVDVAGKILVDKLNSYKDEMIV
YPAKNEKHVVTVFMDITCHYCHLLHQQLKEYNDLGITVRYLAFPRAGMNNQTAKQMEAIWTAKDPVFALNEAEKGNLPKE
VKTPNIVKKHYELGIQFGVRGTPSIVTSTGELIGGYLKPADLLRALEETAQ
;
_struct_ref.pdbx_align_begin           19 
_struct_ref.pdbx_db_isoform            ? 
# 
_struct_ref_seq.align_id                      1 
_struct_ref_seq.ref_id                        1 
_struct_ref_seq.pdbx_PDB_id_code              1T3B 
_struct_ref_seq.pdbx_strand_id                A 
_struct_ref_seq.seq_align_beg                 1 
_struct_ref_seq.pdbx_seq_align_beg_ins_code   ? 
_struct_ref_seq.seq_align_end                 211 
_struct_ref_seq.pdbx_seq_align_end_ins_code   ? 
_struct_ref_seq.pdbx_db_accession             P45111 
_struct_ref_seq.db_align_beg                  19 
_struct_ref_seq.pdbx_db_align_beg_ins_code    ? 
_struct_ref_seq.db_align_end                  229 
_struct_ref_seq.pdbx_db_align_end_ins_code    ? 
_struct_ref_seq.pdbx_auth_seq_align_beg       1 
_struct_ref_seq.pdbx_auth_seq_align_end       211 
# 
_pdbx_struct_assembly.id                   1 
_pdbx_struct_assembly.details              author_defined_assembly 
_pdbx_struct_assembly.method_details       ? 
_pdbx_struct_assembly.oligomeric_details   dimeric 
_pdbx_struct_assembly.oligomeric_count     2 
# 
_pdbx_struct_assembly_gen.assembly_id       1 
_pdbx_struct_assembly_gen.oper_expression   1,2 
_pdbx_struct_assembly_gen.asym_id_list      A,B 
# 
loop_
_pdbx_struct_oper_list.id 
_pdbx_struct_oper_list.type 
_pdbx_struct_oper_list.name 
_pdbx_struct_oper_list.symmetry_operation 
_pdbx_struct_oper_list.matrix[1][1] 
_pdbx_struct_oper_list.matrix[1][2] 
_pdbx_struct_oper_list.matrix[1][3] 
_pdbx_struct_oper_list.vector[1] 
_pdbx_struct_oper_list.matrix[2][1] 
_pdbx_struct_oper_list.matrix[2][2] 
_pdbx_struct_oper_list.matrix[2][3] 
_pdbx_struct_oper_list.vector[2] 
_pdbx_struct_oper_list.matrix[3][1] 
_pdbx_struct_oper_list.matrix[3][2] 
_pdbx_struct_oper_list.matrix[3][3] 
_pdbx_struct_oper_list.vector[3] 
1 'identity operation'         1_555 x,y,z        1.0000000000 0.0000000000 0.0000000000  0.0000000000  0.0000000000 1.0000000000  0.0000000000  0.0000000000   0.0000000000  0.0000000000  1.0000000000  0.0000000000   
2 'crystal symmetry operation' 8_556 -y,-x,-z+3/2 0.3723640804 0.7394989126 -0.5607908254 10.8420518169 0.7394989126 -0.6015207264 -0.3021823520 -36.4768176975 -0.5607908254 -0.3021823520 -0.7708433539 -21.5683352958 
# 
_struct_biol.id                    1 
_struct_biol.details               
;The second part of the biological dimer is generated by the two-fold axis: 
-y, -x, 3/2-z
;
_struct_biol.pdbx_parent_biol_id   ? 
# 
loop_
_struct_conf.conf_type_id 
_struct_conf.id 
_struct_conf.pdbx_PDB_helix_id 
_struct_conf.beg_label_comp_id 
_struct_conf.beg_label_asym_id 
_struct_conf.beg_label_seq_id 
_struct_conf.pdbx_beg_PDB_ins_code 
_struct_conf.end_label_comp_id 
_struct_conf.end_label_asym_id 
_struct_conf.end_label_seq_id 
_struct_conf.pdbx_end_PDB_ins_code 
_struct_conf.beg_auth_comp_id 
_struct_conf.beg_auth_asym_id 
_struct_conf.beg_auth_seq_id 
_struct_conf.end_auth_comp_id 
_struct_conf.end_auth_asym_id 
_struct_conf.end_auth_seq_id 
_struct_conf.pdbx_PDB_helix_class 
_struct_conf.details 
_struct_conf.pdbx_PDB_helix_length 
HELX_P HELX_P1 1 ILE A 5   ? SER A 11  ? ILE A 5   SER A 11  1 ? 7  
HELX_P HELX_P2 2 VAL A 62  ? SER A 73  ? VAL A 62  SER A 73  1 ? 12 
HELX_P HELX_P3 3 TYR A 74  ? MET A 78  ? TYR A 74  MET A 78  5 ? 5  
HELX_P HELX_P4 4 CYS A 98  ? GLN A 106 ? CYS A 98  GLN A 106 1 ? 9  
HELX_P HELX_P5 5 GLN A 107 ? LEU A 114 ? GLN A 107 LEU A 114 1 ? 8  
HELX_P HELX_P6 6 ASN A 130 ? ALA A 142 ? ASN A 130 ALA A 142 1 ? 13 
HELX_P HELX_P7 7 ASP A 144 ? LYS A 154 ? ASP A 144 LYS A 154 1 ? 11 
HELX_P HELX_P8 8 ASN A 165 ? GLY A 178 ? ASN A 165 GLY A 178 1 ? 14 
HELX_P HELX_P9 9 LYS A 198 ? THR A 209 ? LYS A 198 THR A 209 1 ? 12 
# 
_struct_conf_type.id          HELX_P 
_struct_conf_type.criteria    ? 
_struct_conf_type.reference   ? 
# 
_struct_conn.id                            disulf1 
_struct_conn.conn_type_id                  disulf 
_struct_conn.pdbx_leaving_atom_flag        ? 
_struct_conn.pdbx_PDB_id                   ? 
_struct_conn.ptnr1_label_asym_id           A 
_struct_conn.ptnr1_label_comp_id           CYS 
_struct_conn.ptnr1_label_seq_id            98 
_struct_conn.ptnr1_label_atom_id           SG 
_struct_conn.pdbx_ptnr1_label_alt_id       ? 
_struct_conn.pdbx_ptnr1_PDB_ins_code       ? 
_struct_conn.pdbx_ptnr1_standard_comp_id   ? 
_struct_conn.ptnr1_symmetry                1_555 
_struct_conn.ptnr2_label_asym_id           A 
_struct_conn.ptnr2_label_comp_id           CYS 
_struct_conn.ptnr2_label_seq_id            101 
_struct_conn.ptnr2_label_atom_id           SG 
_struct_conn.pdbx_ptnr2_label_alt_id       ? 
_struct_conn.pdbx_ptnr2_PDB_ins_code       ? 
_struct_conn.ptnr1_auth_asym_id            A 
_struct_conn.ptnr1_auth_comp_id            CYS 
_struct_conn.ptnr1_auth_seq_id             98 
_struct_conn.ptnr2_auth_asym_id            A 
_struct_conn.ptnr2_auth_comp_id            CYS 
_struct_conn.ptnr2_auth_seq_id             101 
_struct_conn.ptnr2_symmetry                1_555 
_struct_conn.pdbx_ptnr3_label_atom_id      ? 
_struct_conn.pdbx_ptnr3_label_seq_id       ? 
_struct_conn.pdbx_ptnr3_label_comp_id      ? 
_struct_conn.pdbx_ptnr3_label_asym_id      ? 
_struct_conn.pdbx_ptnr3_label_alt_id       ? 
_struct_conn.pdbx_ptnr3_PDB_ins_code       ? 
_struct_conn.details                       ? 
_struct_conn.pdbx_dist_value               2.057 
_struct_conn.pdbx_value_order              ? 
_struct_conn.pdbx_role                     ? 
# 
_struct_conn_type.id          disulf 
_struct_conn_type.criteria    ? 
_struct_conn_type.reference   ? 
# 
_pdbx_modification_feature.ordinal                            1 
_pdbx_modification_feature.label_comp_id                      CYS 
_pdbx_modification_feature.label_asym_id                      A 
_pdbx_modification_feature.label_seq_id                       98 
_pdbx_modification_feature.label_alt_id                       ? 
_pdbx_modification_feature.modified_residue_label_comp_id     CYS 
_pdbx_modification_feature.modified_residue_label_asym_id     A 
_pdbx_modification_feature.modified_residue_label_seq_id      101 
_pdbx_modification_feature.modified_residue_label_alt_id      ? 
_pdbx_modification_feature.auth_comp_id                       CYS 
_pdbx_modification_feature.auth_asym_id                       A 
_pdbx_modification_feature.auth_seq_id                        98 
_pdbx_modification_feature.PDB_ins_code                       ? 
_pdbx_modification_feature.symmetry                           1_555 
_pdbx_modification_feature.modified_residue_auth_comp_id      CYS 
_pdbx_modification_feature.modified_residue_auth_asym_id      A 
_pdbx_modification_feature.modified_residue_auth_seq_id       101 
_pdbx_modification_feature.modified_residue_PDB_ins_code      ? 
_pdbx_modification_feature.modified_residue_symmetry          1_555 
_pdbx_modification_feature.comp_id_linking_atom               SG 
_pdbx_modification_feature.modified_residue_id_linking_atom   SG 
_pdbx_modification_feature.modified_residue_id                . 
_pdbx_modification_feature.ref_pcm_id                         . 
_pdbx_modification_feature.ref_comp_id                        . 
_pdbx_modification_feature.type                               None 
_pdbx_modification_feature.category                           'Disulfide bridge' 
# 
_struct_mon_prot_cis.pdbx_id                1 
_struct_mon_prot_cis.label_comp_id          THR 
_struct_mon_prot_cis.label_seq_id           182 
_struct_mon_prot_cis.label_asym_id          A 
_struct_mon_prot_cis.label_alt_id           . 
_struct_mon_prot_cis.pdbx_PDB_ins_code      ? 
_struct_mon_prot_cis.auth_comp_id           THR 
_struct_mon_prot_cis.auth_seq_id            182 
_struct_mon_prot_cis.auth_asym_id           A 
_struct_mon_prot_cis.pdbx_label_comp_id_2   PRO 
_struct_mon_prot_cis.pdbx_label_seq_id_2    183 
_struct_mon_prot_cis.pdbx_label_asym_id_2   A 
_struct_mon_prot_cis.pdbx_PDB_ins_code_2    ? 
_struct_mon_prot_cis.pdbx_auth_comp_id_2    PRO 
_struct_mon_prot_cis.pdbx_auth_seq_id_2     183 
_struct_mon_prot_cis.pdbx_auth_asym_id_2    A 
_struct_mon_prot_cis.pdbx_PDB_model_num     1 
_struct_mon_prot_cis.pdbx_omega_angle       0.27 
# 
loop_
_struct_sheet.id 
_struct_sheet.type 
_struct_sheet.number_strands 
_struct_sheet.details 
A ? 4 ? 
B ? 2 ? 
C ? 5 ? 
# 
loop_
_struct_sheet_order.sheet_id 
_struct_sheet_order.range_id_1 
_struct_sheet_order.range_id_2 
_struct_sheet_order.offset 
_struct_sheet_order.sense 
A 1 2 ? anti-parallel 
A 2 3 ? anti-parallel 
A 3 4 ? anti-parallel 
B 1 2 ? anti-parallel 
C 1 2 ? anti-parallel 
C 2 3 ? parallel      
C 3 4 ? anti-parallel 
C 4 5 ? anti-parallel 
# 
loop_
_struct_sheet_range.sheet_id 
_struct_sheet_range.id 
_struct_sheet_range.beg_label_comp_id 
_struct_sheet_range.beg_label_asym_id 
_struct_sheet_range.beg_label_seq_id 
_struct_sheet_range.pdbx_beg_PDB_ins_code 
_struct_sheet_range.end_label_comp_id 
_struct_sheet_range.end_label_asym_id 
_struct_sheet_range.end_label_seq_id 
_struct_sheet_range.pdbx_end_PDB_ins_code 
_struct_sheet_range.beg_auth_comp_id 
_struct_sheet_range.beg_auth_asym_id 
_struct_sheet_range.beg_auth_seq_id 
_struct_sheet_range.end_auth_comp_id 
_struct_sheet_range.end_auth_asym_id 
_struct_sheet_range.end_auth_seq_id 
A 1 VAL A 18  ? LYS A 20  ? VAL A 18  LYS A 20  
A 2 ILE A 27  ? THR A 32  ? ILE A 27  THR A 32  
A 3 GLY A 35  ? SER A 40  ? GLY A 35  SER A 40  
A 4 TYR A 45  ? PHE A 47  ? TYR A 45  PHE A 47  
B 1 VAL A 60  ? VAL A 62  ? VAL A 60  VAL A 62  
B 2 LEU A 51  ? GLU A 53  ? LEU A 51  GLU A 53  
C 1 ILE A 79  ? TYR A 81  ? ILE A 79  TYR A 81  
C 2 ILE A 116 ? ALA A 122 ? ILE A 116 ALA A 122 
C 3 HIS A 88  ? MET A 94  ? HIS A 88  MET A 94  
C 4 PRO A 183 ? VAL A 186 ? PRO A 183 VAL A 186 
C 5 ILE A 193 ? GLY A 195 ? ILE A 193 GLY A 195 
# 
loop_
_pdbx_struct_sheet_hbond.sheet_id 
_pdbx_struct_sheet_hbond.range_id_1 
_pdbx_struct_sheet_hbond.range_id_2 
_pdbx_struct_sheet_hbond.range_1_label_atom_id 
_pdbx_struct_sheet_hbond.range_1_label_comp_id 
_pdbx_struct_sheet_hbond.range_1_label_asym_id 
_pdbx_struct_sheet_hbond.range_1_label_seq_id 
_pdbx_struct_sheet_hbond.range_1_PDB_ins_code 
_pdbx_struct_sheet_hbond.range_1_auth_atom_id 
_pdbx_struct_sheet_hbond.range_1_auth_comp_id 
_pdbx_struct_sheet_hbond.range_1_auth_asym_id 
_pdbx_struct_sheet_hbond.range_1_auth_seq_id 
_pdbx_struct_sheet_hbond.range_2_label_atom_id 
_pdbx_struct_sheet_hbond.range_2_label_comp_id 
_pdbx_struct_sheet_hbond.range_2_label_asym_id 
_pdbx_struct_sheet_hbond.range_2_label_seq_id 
_pdbx_struct_sheet_hbond.range_2_PDB_ins_code 
_pdbx_struct_sheet_hbond.range_2_auth_atom_id 
_pdbx_struct_sheet_hbond.range_2_auth_comp_id 
_pdbx_struct_sheet_hbond.range_2_auth_asym_id 
_pdbx_struct_sheet_hbond.range_2_auth_seq_id 
A 1 2 O LYS A 20  ? O LYS A 20  N THR A 29  ? N THR A 29  
A 2 3 N LYS A 28  ? N LYS A 28  O VAL A 39  ? O VAL A 39  
A 3 4 N TYR A 38  ? N TYR A 38  O PHE A 47  ? O PHE A 47  
B 1 2 O VAL A 60  ? O VAL A 60  N GLU A 53  ? N GLU A 53  
C 1 2 N TYR A 81  ? N TYR A 81  O VAL A 118 ? O VAL A 118 
C 2 3 N THR A 117 ? N THR A 117 O HIS A 88  ? O HIS A 88  
C 3 4 N THR A 91  ? N THR A 91  O VAL A 186 ? O VAL A 186 
C 4 5 O ILE A 185 ? O ILE A 185 N ILE A 193 ? N ILE A 193 
# 
_pdbx_entry_details.entry_id                   1T3B 
_pdbx_entry_details.compound_details           ? 
_pdbx_entry_details.source_details             ? 
_pdbx_entry_details.nonpolymer_details         ? 
_pdbx_entry_details.sequence_details           ? 
_pdbx_entry_details.has_ligand_of_interest     ? 
_pdbx_entry_details.has_protein_modification   Y 
# 
_pdbx_validate_symm_contact.id                1 
_pdbx_validate_symm_contact.PDB_model_num     1 
_pdbx_validate_symm_contact.auth_atom_id_1    O 
_pdbx_validate_symm_contact.auth_asym_id_1    A 
_pdbx_validate_symm_contact.auth_comp_id_1    LYS 
_pdbx_validate_symm_contact.auth_seq_id_1     44 
_pdbx_validate_symm_contact.PDB_ins_code_1    ? 
_pdbx_validate_symm_contact.label_alt_id_1    ? 
_pdbx_validate_symm_contact.site_symmetry_1   1_555 
_pdbx_validate_symm_contact.auth_atom_id_2    OE1 
_pdbx_validate_symm_contact.auth_asym_id_2    A 
_pdbx_validate_symm_contact.auth_comp_id_2    GLU 
_pdbx_validate_symm_contact.auth_seq_id_2     53 
_pdbx_validate_symm_contact.PDB_ins_code_2    ? 
_pdbx_validate_symm_contact.label_alt_id_2    ? 
_pdbx_validate_symm_contact.site_symmetry_2   8_556 
_pdbx_validate_symm_contact.dist              2.14 
# 
loop_
_pdbx_validate_torsion.id 
_pdbx_validate_torsion.PDB_model_num 
_pdbx_validate_torsion.auth_comp_id 
_pdbx_validate_torsion.auth_asym_id 
_pdbx_validate_torsion.auth_seq_id 
_pdbx_validate_torsion.PDB_ins_code 
_pdbx_validate_torsion.label_alt_id 
_pdbx_validate_torsion.phi 
_pdbx_validate_torsion.psi 
1  1 ALA A 3   ? ? -60.83  -70.73  
2  1 ALA A 4   ? ? -67.35  76.65   
3  1 ILE A 5   ? ? -156.34 -78.65  
4  1 LYS A 6   ? ? -43.80  1.05    
5  1 PHE A 12  ? ? -175.98 27.87   
6  1 ASN A 13  ? ? 39.39   64.40   
7  1 SER A 15  ? ? -75.55  -163.33 
8  1 ASN A 16  ? ? -4.23   63.09   
9  1 LYS A 20  ? ? -178.16 -179.75 
10 1 PRO A 23  ? ? -63.57  8.06    
11 1 THR A 29  ? ? -59.34  91.43   
12 1 GLU A 48  ? ? -99.89  36.37   
13 1 TYR A 52  ? ? -115.12 -158.36 
14 1 GLU A 53  ? ? 176.56  109.99  
15 1 THR A 55  ? ? 38.72   -97.74  
16 1 ASN A 56  ? ? -144.87 -38.55  
17 1 PRO A 59  ? ? -61.57  68.99   
18 1 SER A 73  ? ? -57.19  -1.49   
19 1 LYS A 75  ? ? -25.96  -49.90  
20 1 LYS A 84  ? ? -18.34  -71.38  
21 1 ALA A 126 ? ? -72.00  46.41   
22 1 ASN A 129 ? ? -118.14 61.28   
23 1 ALA A 142 ? ? -55.55  -177.90 
24 1 ASP A 144 ? ? -151.51 83.33   
25 1 GLU A 160 ? ? -69.20  -166.12 
26 1 VAL A 161 ? ? -178.32 149.80  
27 1 ASN A 165 ? ? -159.06 -65.50  
28 1 GLU A 191 ? ? -58.53  -152.75 
29 1 LEU A 192 ? ? -177.99 94.92   
30 1 ILE A 193 ? ? -96.57  31.40   
31 1 PRO A 199 ? ? -40.22  -75.16  
32 1 ALA A 205 ? ? -37.78  -36.21  
# 
_pdbx_database_remark.id     700 
_pdbx_database_remark.text   
;SHEET
DETERMINATION METHOD: AUTHOR
;
# 
loop_
_pdbx_unobs_or_zero_occ_residues.id 
_pdbx_unobs_or_zero_occ_residues.PDB_model_num 
_pdbx_unobs_or_zero_occ_residues.polymer_flag 
_pdbx_unobs_or_zero_occ_residues.occupancy_flag 
_pdbx_unobs_or_zero_occ_residues.auth_asym_id 
_pdbx_unobs_or_zero_occ_residues.auth_comp_id 
_pdbx_unobs_or_zero_occ_residues.auth_seq_id 
_pdbx_unobs_or_zero_occ_residues.PDB_ins_code 
_pdbx_unobs_or_zero_occ_residues.label_asym_id 
_pdbx_unobs_or_zero_occ_residues.label_comp_id 
_pdbx_unobs_or_zero_occ_residues.label_seq_id 
1 1 Y 1 A ASP 1   ? A ASP 1   
2 1 Y 1 A GLN 211 ? A GLN 211 
# 
loop_
_chem_comp_atom.comp_id 
_chem_comp_atom.atom_id 
_chem_comp_atom.type_symbol 
_chem_comp_atom.pdbx_aromatic_flag 
_chem_comp_atom.pdbx_stereo_config 
_chem_comp_atom.pdbx_ordinal 
ALA N    N N N 1   
ALA CA   C N S 2   
ALA C    C N N 3   
ALA O    O N N 4   
ALA CB   C N N 5   
ALA OXT  O N N 6   
ALA H    H N N 7   
ALA H2   H N N 8   
ALA HA   H N N 9   
ALA HB1  H N N 10  
ALA HB2  H N N 11  
ALA HB3  H N N 12  
ALA HXT  H N N 13  
ARG N    N N N 14  
ARG CA   C N S 15  
ARG C    C N N 16  
ARG O    O N N 17  
ARG CB   C N N 18  
ARG CG   C N N 19  
ARG CD   C N N 20  
ARG NE   N N N 21  
ARG CZ   C N N 22  
ARG NH1  N N N 23  
ARG NH2  N N N 24  
ARG OXT  O N N 25  
ARG H    H N N 26  
ARG H2   H N N 27  
ARG HA   H N N 28  
ARG HB2  H N N 29  
ARG HB3  H N N 30  
ARG HG2  H N N 31  
ARG HG3  H N N 32  
ARG HD2  H N N 33  
ARG HD3  H N N 34  
ARG HE   H N N 35  
ARG HH11 H N N 36  
ARG HH12 H N N 37  
ARG HH21 H N N 38  
ARG HH22 H N N 39  
ARG HXT  H N N 40  
ASN N    N N N 41  
ASN CA   C N S 42  
ASN C    C N N 43  
ASN O    O N N 44  
ASN CB   C N N 45  
ASN CG   C N N 46  
ASN OD1  O N N 47  
ASN ND2  N N N 48  
ASN OXT  O N N 49  
ASN H    H N N 50  
ASN H2   H N N 51  
ASN HA   H N N 52  
ASN HB2  H N N 53  
ASN HB3  H N N 54  
ASN HD21 H N N 55  
ASN HD22 H N N 56  
ASN HXT  H N N 57  
ASP N    N N N 58  
ASP CA   C N S 59  
ASP C    C N N 60  
ASP O    O N N 61  
ASP CB   C N N 62  
ASP CG   C N N 63  
ASP OD1  O N N 64  
ASP OD2  O N N 65  
ASP OXT  O N N 66  
ASP H    H N N 67  
ASP H2   H N N 68  
ASP HA   H N N 69  
ASP HB2  H N N 70  
ASP HB3  H N N 71  
ASP HD2  H N N 72  
ASP HXT  H N N 73  
CYS N    N N N 74  
CYS CA   C N R 75  
CYS C    C N N 76  
CYS O    O N N 77  
CYS CB   C N N 78  
CYS SG   S N N 79  
CYS OXT  O N N 80  
CYS H    H N N 81  
CYS H2   H N N 82  
CYS HA   H N N 83  
CYS HB2  H N N 84  
CYS HB3  H N N 85  
CYS HG   H N N 86  
CYS HXT  H N N 87  
GLN N    N N N 88  
GLN CA   C N S 89  
GLN C    C N N 90  
GLN O    O N N 91  
GLN CB   C N N 92  
GLN CG   C N N 93  
GLN CD   C N N 94  
GLN OE1  O N N 95  
GLN NE2  N N N 96  
GLN OXT  O N N 97  
GLN H    H N N 98  
GLN H2   H N N 99  
GLN HA   H N N 100 
GLN HB2  H N N 101 
GLN HB3  H N N 102 
GLN HG2  H N N 103 
GLN HG3  H N N 104 
GLN HE21 H N N 105 
GLN HE22 H N N 106 
GLN HXT  H N N 107 
GLU N    N N N 108 
GLU CA   C N S 109 
GLU C    C N N 110 
GLU O    O N N 111 
GLU CB   C N N 112 
GLU CG   C N N 113 
GLU CD   C N N 114 
GLU OE1  O N N 115 
GLU OE2  O N N 116 
GLU OXT  O N N 117 
GLU H    H N N 118 
GLU H2   H N N 119 
GLU HA   H N N 120 
GLU HB2  H N N 121 
GLU HB3  H N N 122 
GLU HG2  H N N 123 
GLU HG3  H N N 124 
GLU HE2  H N N 125 
GLU HXT  H N N 126 
GLY N    N N N 127 
GLY CA   C N N 128 
GLY C    C N N 129 
GLY O    O N N 130 
GLY OXT  O N N 131 
GLY H    H N N 132 
GLY H2   H N N 133 
GLY HA2  H N N 134 
GLY HA3  H N N 135 
GLY HXT  H N N 136 
HIS N    N N N 137 
HIS CA   C N S 138 
HIS C    C N N 139 
HIS O    O N N 140 
HIS CB   C N N 141 
HIS CG   C Y N 142 
HIS ND1  N Y N 143 
HIS CD2  C Y N 144 
HIS CE1  C Y N 145 
HIS NE2  N Y N 146 
HIS OXT  O N N 147 
HIS H    H N N 148 
HIS H2   H N N 149 
HIS HA   H N N 150 
HIS HB2  H N N 151 
HIS HB3  H N N 152 
HIS HD1  H N N 153 
HIS HD2  H N N 154 
HIS HE1  H N N 155 
HIS HE2  H N N 156 
HIS HXT  H N N 157 
HOH O    O N N 158 
HOH H1   H N N 159 
HOH H2   H N N 160 
ILE N    N N N 161 
ILE CA   C N S 162 
ILE C    C N N 163 
ILE O    O N N 164 
ILE CB   C N S 165 
ILE CG1  C N N 166 
ILE CG2  C N N 167 
ILE CD1  C N N 168 
ILE OXT  O N N 169 
ILE H    H N N 170 
ILE H2   H N N 171 
ILE HA   H N N 172 
ILE HB   H N N 173 
ILE HG12 H N N 174 
ILE HG13 H N N 175 
ILE HG21 H N N 176 
ILE HG22 H N N 177 
ILE HG23 H N N 178 
ILE HD11 H N N 179 
ILE HD12 H N N 180 
ILE HD13 H N N 181 
ILE HXT  H N N 182 
LEU N    N N N 183 
LEU CA   C N S 184 
LEU C    C N N 185 
LEU O    O N N 186 
LEU CB   C N N 187 
LEU CG   C N N 188 
LEU CD1  C N N 189 
LEU CD2  C N N 190 
LEU OXT  O N N 191 
LEU H    H N N 192 
LEU H2   H N N 193 
LEU HA   H N N 194 
LEU HB2  H N N 195 
LEU HB3  H N N 196 
LEU HG   H N N 197 
LEU HD11 H N N 198 
LEU HD12 H N N 199 
LEU HD13 H N N 200 
LEU HD21 H N N 201 
LEU HD22 H N N 202 
LEU HD23 H N N 203 
LEU HXT  H N N 204 
LYS N    N N N 205 
LYS CA   C N S 206 
LYS C    C N N 207 
LYS O    O N N 208 
LYS CB   C N N 209 
LYS CG   C N N 210 
LYS CD   C N N 211 
LYS CE   C N N 212 
LYS NZ   N N N 213 
LYS OXT  O N N 214 
LYS H    H N N 215 
LYS H2   H N N 216 
LYS HA   H N N 217 
LYS HB2  H N N 218 
LYS HB3  H N N 219 
LYS HG2  H N N 220 
LYS HG3  H N N 221 
LYS HD2  H N N 222 
LYS HD3  H N N 223 
LYS HE2  H N N 224 
LYS HE3  H N N 225 
LYS HZ1  H N N 226 
LYS HZ2  H N N 227 
LYS HZ3  H N N 228 
LYS HXT  H N N 229 
MET N    N N N 230 
MET CA   C N S 231 
MET C    C N N 232 
MET O    O N N 233 
MET CB   C N N 234 
MET CG   C N N 235 
MET SD   S N N 236 
MET CE   C N N 237 
MET OXT  O N N 238 
MET H    H N N 239 
MET H2   H N N 240 
MET HA   H N N 241 
MET HB2  H N N 242 
MET HB3  H N N 243 
MET HG2  H N N 244 
MET HG3  H N N 245 
MET HE1  H N N 246 
MET HE2  H N N 247 
MET HE3  H N N 248 
MET HXT  H N N 249 
PHE N    N N N 250 
PHE CA   C N S 251 
PHE C    C N N 252 
PHE O    O N N 253 
PHE CB   C N N 254 
PHE CG   C Y N 255 
PHE CD1  C Y N 256 
PHE CD2  C Y N 257 
PHE CE1  C Y N 258 
PHE CE2  C Y N 259 
PHE CZ   C Y N 260 
PHE OXT  O N N 261 
PHE H    H N N 262 
PHE H2   H N N 263 
PHE HA   H N N 264 
PHE HB2  H N N 265 
PHE HB3  H N N 266 
PHE HD1  H N N 267 
PHE HD2  H N N 268 
PHE HE1  H N N 269 
PHE HE2  H N N 270 
PHE HZ   H N N 271 
PHE HXT  H N N 272 
PRO N    N N N 273 
PRO CA   C N S 274 
PRO C    C N N 275 
PRO O    O N N 276 
PRO CB   C N N 277 
PRO CG   C N N 278 
PRO CD   C N N 279 
PRO OXT  O N N 280 
PRO H    H N N 281 
PRO HA   H N N 282 
PRO HB2  H N N 283 
PRO HB3  H N N 284 
PRO HG2  H N N 285 
PRO HG3  H N N 286 
PRO HD2  H N N 287 
PRO HD3  H N N 288 
PRO HXT  H N N 289 
SER N    N N N 290 
SER CA   C N S 291 
SER C    C N N 292 
SER O    O N N 293 
SER CB   C N N 294 
SER OG   O N N 295 
SER OXT  O N N 296 
SER H    H N N 297 
SER H2   H N N 298 
SER HA   H N N 299 
SER HB2  H N N 300 
SER HB3  H N N 301 
SER HG   H N N 302 
SER HXT  H N N 303 
THR N    N N N 304 
THR CA   C N S 305 
THR C    C N N 306 
THR O    O N N 307 
THR CB   C N R 308 
THR OG1  O N N 309 
THR CG2  C N N 310 
THR OXT  O N N 311 
THR H    H N N 312 
THR H2   H N N 313 
THR HA   H N N 314 
THR HB   H N N 315 
THR HG1  H N N 316 
THR HG21 H N N 317 
THR HG22 H N N 318 
THR HG23 H N N 319 
THR HXT  H N N 320 
TRP N    N N N 321 
TRP CA   C N S 322 
TRP C    C N N 323 
TRP O    O N N 324 
TRP CB   C N N 325 
TRP CG   C Y N 326 
TRP CD1  C Y N 327 
TRP CD2  C Y N 328 
TRP NE1  N Y N 329 
TRP CE2  C Y N 330 
TRP CE3  C Y N 331 
TRP CZ2  C Y N 332 
TRP CZ3  C Y N 333 
TRP CH2  C Y N 334 
TRP OXT  O N N 335 
TRP H    H N N 336 
TRP H2   H N N 337 
TRP HA   H N N 338 
TRP HB2  H N N 339 
TRP HB3  H N N 340 
TRP HD1  H N N 341 
TRP HE1  H N N 342 
TRP HE3  H N N 343 
TRP HZ2  H N N 344 
TRP HZ3  H N N 345 
TRP HH2  H N N 346 
TRP HXT  H N N 347 
TYR N    N N N 348 
TYR CA   C N S 349 
TYR C    C N N 350 
TYR O    O N N 351 
TYR CB   C N N 352 
TYR CG   C Y N 353 
TYR CD1  C Y N 354 
TYR CD2  C Y N 355 
TYR CE1  C Y N 356 
TYR CE2  C Y N 357 
TYR CZ   C Y N 358 
TYR OH   O N N 359 
TYR OXT  O N N 360 
TYR H    H N N 361 
TYR H2   H N N 362 
TYR HA   H N N 363 
TYR HB2  H N N 364 
TYR HB3  H N N 365 
TYR HD1  H N N 366 
TYR HD2  H N N 367 
TYR HE1  H N N 368 
TYR HE2  H N N 369 
TYR HH   H N N 370 
TYR HXT  H N N 371 
VAL N    N N N 372 
VAL CA   C N S 373 
VAL C    C N N 374 
VAL O    O N N 375 
VAL CB   C N N 376 
VAL CG1  C N N 377 
VAL CG2  C N N 378 
VAL OXT  O N N 379 
VAL H    H N N 380 
VAL H2   H N N 381 
VAL HA   H N N 382 
VAL HB   H N N 383 
VAL HG11 H N N 384 
VAL HG12 H N N 385 
VAL HG13 H N N 386 
VAL HG21 H N N 387 
VAL HG22 H N N 388 
VAL HG23 H N N 389 
VAL HXT  H N N 390 
# 
loop_
_chem_comp_bond.comp_id 
_chem_comp_bond.atom_id_1 
_chem_comp_bond.atom_id_2 
_chem_comp_bond.value_order 
_chem_comp_bond.pdbx_aromatic_flag 
_chem_comp_bond.pdbx_stereo_config 
_chem_comp_bond.pdbx_ordinal 
ALA N   CA   sing N N 1   
ALA N   H    sing N N 2   
ALA N   H2   sing N N 3   
ALA CA  C    sing N N 4   
ALA CA  CB   sing N N 5   
ALA CA  HA   sing N N 6   
ALA C   O    doub N N 7   
ALA C   OXT  sing N N 8   
ALA CB  HB1  sing N N 9   
ALA CB  HB2  sing N N 10  
ALA CB  HB3  sing N N 11  
ALA OXT HXT  sing N N 12  
ARG N   CA   sing N N 13  
ARG N   H    sing N N 14  
ARG N   H2   sing N N 15  
ARG CA  C    sing N N 16  
ARG CA  CB   sing N N 17  
ARG CA  HA   sing N N 18  
ARG C   O    doub N N 19  
ARG C   OXT  sing N N 20  
ARG CB  CG   sing N N 21  
ARG CB  HB2  sing N N 22  
ARG CB  HB3  sing N N 23  
ARG CG  CD   sing N N 24  
ARG CG  HG2  sing N N 25  
ARG CG  HG3  sing N N 26  
ARG CD  NE   sing N N 27  
ARG CD  HD2  sing N N 28  
ARG CD  HD3  sing N N 29  
ARG NE  CZ   sing N N 30  
ARG NE  HE   sing N N 31  
ARG CZ  NH1  sing N N 32  
ARG CZ  NH2  doub N N 33  
ARG NH1 HH11 sing N N 34  
ARG NH1 HH12 sing N N 35  
ARG NH2 HH21 sing N N 36  
ARG NH2 HH22 sing N N 37  
ARG OXT HXT  sing N N 38  
ASN N   CA   sing N N 39  
ASN N   H    sing N N 40  
ASN N   H2   sing N N 41  
ASN CA  C    sing N N 42  
ASN CA  CB   sing N N 43  
ASN CA  HA   sing N N 44  
ASN C   O    doub N N 45  
ASN C   OXT  sing N N 46  
ASN CB  CG   sing N N 47  
ASN CB  HB2  sing N N 48  
ASN CB  HB3  sing N N 49  
ASN CG  OD1  doub N N 50  
ASN CG  ND2  sing N N 51  
ASN ND2 HD21 sing N N 52  
ASN ND2 HD22 sing N N 53  
ASN OXT HXT  sing N N 54  
ASP N   CA   sing N N 55  
ASP N   H    sing N N 56  
ASP N   H2   sing N N 57  
ASP CA  C    sing N N 58  
ASP CA  CB   sing N N 59  
ASP CA  HA   sing N N 60  
ASP C   O    doub N N 61  
ASP C   OXT  sing N N 62  
ASP CB  CG   sing N N 63  
ASP CB  HB2  sing N N 64  
ASP CB  HB3  sing N N 65  
ASP CG  OD1  doub N N 66  
ASP CG  OD2  sing N N 67  
ASP OD2 HD2  sing N N 68  
ASP OXT HXT  sing N N 69  
CYS N   CA   sing N N 70  
CYS N   H    sing N N 71  
CYS N   H2   sing N N 72  
CYS CA  C    sing N N 73  
CYS CA  CB   sing N N 74  
CYS CA  HA   sing N N 75  
CYS C   O    doub N N 76  
CYS C   OXT  sing N N 77  
CYS CB  SG   sing N N 78  
CYS CB  HB2  sing N N 79  
CYS CB  HB3  sing N N 80  
CYS SG  HG   sing N N 81  
CYS OXT HXT  sing N N 82  
GLN N   CA   sing N N 83  
GLN N   H    sing N N 84  
GLN N   H2   sing N N 85  
GLN CA  C    sing N N 86  
GLN CA  CB   sing N N 87  
GLN CA  HA   sing N N 88  
GLN C   O    doub N N 89  
GLN C   OXT  sing N N 90  
GLN CB  CG   sing N N 91  
GLN CB  HB2  sing N N 92  
GLN CB  HB3  sing N N 93  
GLN CG  CD   sing N N 94  
GLN CG  HG2  sing N N 95  
GLN CG  HG3  sing N N 96  
GLN CD  OE1  doub N N 97  
GLN CD  NE2  sing N N 98  
GLN NE2 HE21 sing N N 99  
GLN NE2 HE22 sing N N 100 
GLN OXT HXT  sing N N 101 
GLU N   CA   sing N N 102 
GLU N   H    sing N N 103 
GLU N   H2   sing N N 104 
GLU CA  C    sing N N 105 
GLU CA  CB   sing N N 106 
GLU CA  HA   sing N N 107 
GLU C   O    doub N N 108 
GLU C   OXT  sing N N 109 
GLU CB  CG   sing N N 110 
GLU CB  HB2  sing N N 111 
GLU CB  HB3  sing N N 112 
GLU CG  CD   sing N N 113 
GLU CG  HG2  sing N N 114 
GLU CG  HG3  sing N N 115 
GLU CD  OE1  doub N N 116 
GLU CD  OE2  sing N N 117 
GLU OE2 HE2  sing N N 118 
GLU OXT HXT  sing N N 119 
GLY N   CA   sing N N 120 
GLY N   H    sing N N 121 
GLY N   H2   sing N N 122 
GLY CA  C    sing N N 123 
GLY CA  HA2  sing N N 124 
GLY CA  HA3  sing N N 125 
GLY C   O    doub N N 126 
GLY C   OXT  sing N N 127 
GLY OXT HXT  sing N N 128 
HIS N   CA   sing N N 129 
HIS N   H    sing N N 130 
HIS N   H2   sing N N 131 
HIS CA  C    sing N N 132 
HIS CA  CB   sing N N 133 
HIS CA  HA   sing N N 134 
HIS C   O    doub N N 135 
HIS C   OXT  sing N N 136 
HIS CB  CG   sing N N 137 
HIS CB  HB2  sing N N 138 
HIS CB  HB3  sing N N 139 
HIS CG  ND1  sing Y N 140 
HIS CG  CD2  doub Y N 141 
HIS ND1 CE1  doub Y N 142 
HIS ND1 HD1  sing N N 143 
HIS CD2 NE2  sing Y N 144 
HIS CD2 HD2  sing N N 145 
HIS CE1 NE2  sing Y N 146 
HIS CE1 HE1  sing N N 147 
HIS NE2 HE2  sing N N 148 
HIS OXT HXT  sing N N 149 
HOH O   H1   sing N N 150 
HOH O   H2   sing N N 151 
ILE N   CA   sing N N 152 
ILE N   H    sing N N 153 
ILE N   H2   sing N N 154 
ILE CA  C    sing N N 155 
ILE CA  CB   sing N N 156 
ILE CA  HA   sing N N 157 
ILE C   O    doub N N 158 
ILE C   OXT  sing N N 159 
ILE CB  CG1  sing N N 160 
ILE CB  CG2  sing N N 161 
ILE CB  HB   sing N N 162 
ILE CG1 CD1  sing N N 163 
ILE CG1 HG12 sing N N 164 
ILE CG1 HG13 sing N N 165 
ILE CG2 HG21 sing N N 166 
ILE CG2 HG22 sing N N 167 
ILE CG2 HG23 sing N N 168 
ILE CD1 HD11 sing N N 169 
ILE CD1 HD12 sing N N 170 
ILE CD1 HD13 sing N N 171 
ILE OXT HXT  sing N N 172 
LEU N   CA   sing N N 173 
LEU N   H    sing N N 174 
LEU N   H2   sing N N 175 
LEU CA  C    sing N N 176 
LEU CA  CB   sing N N 177 
LEU CA  HA   sing N N 178 
LEU C   O    doub N N 179 
LEU C   OXT  sing N N 180 
LEU CB  CG   sing N N 181 
LEU CB  HB2  sing N N 182 
LEU CB  HB3  sing N N 183 
LEU CG  CD1  sing N N 184 
LEU CG  CD2  sing N N 185 
LEU CG  HG   sing N N 186 
LEU CD1 HD11 sing N N 187 
LEU CD1 HD12 sing N N 188 
LEU CD1 HD13 sing N N 189 
LEU CD2 HD21 sing N N 190 
LEU CD2 HD22 sing N N 191 
LEU CD2 HD23 sing N N 192 
LEU OXT HXT  sing N N 193 
LYS N   CA   sing N N 194 
LYS N   H    sing N N 195 
LYS N   H2   sing N N 196 
LYS CA  C    sing N N 197 
LYS CA  CB   sing N N 198 
LYS CA  HA   sing N N 199 
LYS C   O    doub N N 200 
LYS C   OXT  sing N N 201 
LYS CB  CG   sing N N 202 
LYS CB  HB2  sing N N 203 
LYS CB  HB3  sing N N 204 
LYS CG  CD   sing N N 205 
LYS CG  HG2  sing N N 206 
LYS CG  HG3  sing N N 207 
LYS CD  CE   sing N N 208 
LYS CD  HD2  sing N N 209 
LYS CD  HD3  sing N N 210 
LYS CE  NZ   sing N N 211 
LYS CE  HE2  sing N N 212 
LYS CE  HE3  sing N N 213 
LYS NZ  HZ1  sing N N 214 
LYS NZ  HZ2  sing N N 215 
LYS NZ  HZ3  sing N N 216 
LYS OXT HXT  sing N N 217 
MET N   CA   sing N N 218 
MET N   H    sing N N 219 
MET N   H2   sing N N 220 
MET CA  C    sing N N 221 
MET CA  CB   sing N N 222 
MET CA  HA   sing N N 223 
MET C   O    doub N N 224 
MET C   OXT  sing N N 225 
MET CB  CG   sing N N 226 
MET CB  HB2  sing N N 227 
MET CB  HB3  sing N N 228 
MET CG  SD   sing N N 229 
MET CG  HG2  sing N N 230 
MET CG  HG3  sing N N 231 
MET SD  CE   sing N N 232 
MET CE  HE1  sing N N 233 
MET CE  HE2  sing N N 234 
MET CE  HE3  sing N N 235 
MET OXT HXT  sing N N 236 
PHE N   CA   sing N N 237 
PHE N   H    sing N N 238 
PHE N   H2   sing N N 239 
PHE CA  C    sing N N 240 
PHE CA  CB   sing N N 241 
PHE CA  HA   sing N N 242 
PHE C   O    doub N N 243 
PHE C   OXT  sing N N 244 
PHE CB  CG   sing N N 245 
PHE CB  HB2  sing N N 246 
PHE CB  HB3  sing N N 247 
PHE CG  CD1  doub Y N 248 
PHE CG  CD2  sing Y N 249 
PHE CD1 CE1  sing Y N 250 
PHE CD1 HD1  sing N N 251 
PHE CD2 CE2  doub Y N 252 
PHE CD2 HD2  sing N N 253 
PHE CE1 CZ   doub Y N 254 
PHE CE1 HE1  sing N N 255 
PHE CE2 CZ   sing Y N 256 
PHE CE2 HE2  sing N N 257 
PHE CZ  HZ   sing N N 258 
PHE OXT HXT  sing N N 259 
PRO N   CA   sing N N 260 
PRO N   CD   sing N N 261 
PRO N   H    sing N N 262 
PRO CA  C    sing N N 263 
PRO CA  CB   sing N N 264 
PRO CA  HA   sing N N 265 
PRO C   O    doub N N 266 
PRO C   OXT  sing N N 267 
PRO CB  CG   sing N N 268 
PRO CB  HB2  sing N N 269 
PRO CB  HB3  sing N N 270 
PRO CG  CD   sing N N 271 
PRO CG  HG2  sing N N 272 
PRO CG  HG3  sing N N 273 
PRO CD  HD2  sing N N 274 
PRO CD  HD3  sing N N 275 
PRO OXT HXT  sing N N 276 
SER N   CA   sing N N 277 
SER N   H    sing N N 278 
SER N   H2   sing N N 279 
SER CA  C    sing N N 280 
SER CA  CB   sing N N 281 
SER CA  HA   sing N N 282 
SER C   O    doub N N 283 
SER C   OXT  sing N N 284 
SER CB  OG   sing N N 285 
SER CB  HB2  sing N N 286 
SER CB  HB3  sing N N 287 
SER OG  HG   sing N N 288 
SER OXT HXT  sing N N 289 
THR N   CA   sing N N 290 
THR N   H    sing N N 291 
THR N   H2   sing N N 292 
THR CA  C    sing N N 293 
THR CA  CB   sing N N 294 
THR CA  HA   sing N N 295 
THR C   O    doub N N 296 
THR C   OXT  sing N N 297 
THR CB  OG1  sing N N 298 
THR CB  CG2  sing N N 299 
THR CB  HB   sing N N 300 
THR OG1 HG1  sing N N 301 
THR CG2 HG21 sing N N 302 
THR CG2 HG22 sing N N 303 
THR CG2 HG23 sing N N 304 
THR OXT HXT  sing N N 305 
TRP N   CA   sing N N 306 
TRP N   H    sing N N 307 
TRP N   H2   sing N N 308 
TRP CA  C    sing N N 309 
TRP CA  CB   sing N N 310 
TRP CA  HA   sing N N 311 
TRP C   O    doub N N 312 
TRP C   OXT  sing N N 313 
TRP CB  CG   sing N N 314 
TRP CB  HB2  sing N N 315 
TRP CB  HB3  sing N N 316 
TRP CG  CD1  doub Y N 317 
TRP CG  CD2  sing Y N 318 
TRP CD1 NE1  sing Y N 319 
TRP CD1 HD1  sing N N 320 
TRP CD2 CE2  doub Y N 321 
TRP CD2 CE3  sing Y N 322 
TRP NE1 CE2  sing Y N 323 
TRP NE1 HE1  sing N N 324 
TRP CE2 CZ2  sing Y N 325 
TRP CE3 CZ3  doub Y N 326 
TRP CE3 HE3  sing N N 327 
TRP CZ2 CH2  doub Y N 328 
TRP CZ2 HZ2  sing N N 329 
TRP CZ3 CH2  sing Y N 330 
TRP CZ3 HZ3  sing N N 331 
TRP CH2 HH2  sing N N 332 
TRP OXT HXT  sing N N 333 
TYR N   CA   sing N N 334 
TYR N   H    sing N N 335 
TYR N   H2   sing N N 336 
TYR CA  C    sing N N 337 
TYR CA  CB   sing N N 338 
TYR CA  HA   sing N N 339 
TYR C   O    doub N N 340 
TYR C   OXT  sing N N 341 
TYR CB  CG   sing N N 342 
TYR CB  HB2  sing N N 343 
TYR CB  HB3  sing N N 344 
TYR CG  CD1  doub Y N 345 
TYR CG  CD2  sing Y N 346 
TYR CD1 CE1  sing Y N 347 
TYR CD1 HD1  sing N N 348 
TYR CD2 CE2  doub Y N 349 
TYR CD2 HD2  sing N N 350 
TYR CE1 CZ   doub Y N 351 
TYR CE1 HE1  sing N N 352 
TYR CE2 CZ   sing Y N 353 
TYR CE2 HE2  sing N N 354 
TYR CZ  OH   sing N N 355 
TYR OH  HH   sing N N 356 
TYR OXT HXT  sing N N 357 
VAL N   CA   sing N N 358 
VAL N   H    sing N N 359 
VAL N   H2   sing N N 360 
VAL CA  C    sing N N 361 
VAL CA  CB   sing N N 362 
VAL CA  HA   sing N N 363 
VAL C   O    doub N N 364 
VAL C   OXT  sing N N 365 
VAL CB  CG1  sing N N 366 
VAL CB  CG2  sing N N 367 
VAL CB  HB   sing N N 368 
VAL CG1 HG11 sing N N 369 
VAL CG1 HG12 sing N N 370 
VAL CG1 HG13 sing N N 371 
VAL CG2 HG21 sing N N 372 
VAL CG2 HG22 sing N N 373 
VAL CG2 HG23 sing N N 374 
VAL OXT HXT  sing N N 375 
# 
_pdbx_initial_refinement_model.id               1 
_pdbx_initial_refinement_model.entity_id_list   ? 
_pdbx_initial_refinement_model.type             'experimental model' 
_pdbx_initial_refinement_model.source_name      PDB 
_pdbx_initial_refinement_model.accession_code   1EEJ 
_pdbx_initial_refinement_model.details          'PDB ENTRY 1EEJ' 
# 
_atom_sites.entry_id                    1T3B 
_atom_sites.fract_transf_matrix[1][1]   0.00918984 
_atom_sites.fract_transf_matrix[1][2]   0.00810513 
_atom_sites.fract_transf_matrix[1][3]   0.00529366 
_atom_sites.fract_transf_matrix[2][1]   -0.00644706 
_atom_sites.fract_transf_matrix[2][2]   -0.00032083 
_atom_sites.fract_transf_matrix[2][3]   0.01168339 
_atom_sites.fract_transf_matrix[3][1]   0.00523332 
_atom_sites.fract_transf_matrix[3][2]   -0.00768203 
_atom_sites.fract_transf_matrix[3][3]   0.00267687 
_atom_sites.fract_transf_vector[1]      0.071981 
_atom_sites.fract_transf_vector[2]      0.238207 
_atom_sites.fract_transf_vector[3]      0.610386 
# 
loop_
_atom_type.symbol 
C 
N 
O 
S 
# 
loop_
_atom_site.group_PDB 
_atom_site.id 
_atom_site.type_symbol 
_atom_site.label_atom_id 
_atom_site.label_alt_id 
_atom_site.label_comp_id 
_atom_site.label_asym_id 
_atom_site.label_entity_id 
_atom_site.label_seq_id 
_atom_site.pdbx_PDB_ins_code 
_atom_site.Cartn_x 
_atom_site.Cartn_y 
_atom_site.Cartn_z 
_atom_site.occupancy 
_atom_site.B_iso_or_equiv 
_atom_site.pdbx_formal_charge 
_atom_site.auth_seq_id 
_atom_site.auth_comp_id 
_atom_site.auth_asym_id 
_atom_site.auth_atom_id 
_atom_site.pdbx_PDB_model_num 
ATOM   1    N N   . ASP A 1 2   ? 15.598  2.336   -23.289 1.00 105.52 ? 2   ASP A N   1 
ATOM   2    C CA  . ASP A 1 2   ? 14.154  2.168   -22.913 1.00 105.74 ? 2   ASP A CA  1 
ATOM   3    C C   . ASP A 1 2   ? 13.244  2.300   -24.133 1.00 105.62 ? 2   ASP A C   1 
ATOM   4    O O   . ASP A 1 2   ? 12.132  1.766   -24.150 1.00 105.29 ? 2   ASP A O   1 
ATOM   5    C CB  . ASP A 1 2   ? 13.747  3.224   -21.872 1.00 106.03 ? 2   ASP A CB  1 
ATOM   6    C CG  . ASP A 1 2   ? 14.384  2.983   -20.505 1.00 107.36 ? 2   ASP A CG  1 
ATOM   7    O OD1 . ASP A 1 2   ? 15.616  2.746   -20.448 1.00 107.27 ? 2   ASP A OD1 1 
ATOM   8    O OD2 . ASP A 1 2   ? 13.655  3.043   -19.485 1.00 106.06 ? 2   ASP A OD2 1 
ATOM   9    N N   . ALA A 1 3   ? 13.732  3.015   -25.148 1.00 105.21 ? 3   ALA A N   1 
ATOM   10   C CA  . ALA A 1 3   ? 12.981  3.252   -26.377 1.00 104.53 ? 3   ALA A CA  1 
ATOM   11   C C   . ALA A 1 3   ? 12.653  1.945   -27.079 1.00 105.06 ? 3   ALA A C   1 
ATOM   12   O O   . ALA A 1 3   ? 11.491  1.518   -27.116 1.00 104.73 ? 3   ALA A O   1 
ATOM   13   C CB  . ALA A 1 3   ? 13.784  4.162   -27.311 1.00 103.84 ? 3   ALA A CB  1 
ATOM   14   N N   . ALA A 1 4   ? 13.686  1.317   -27.638 1.00 105.69 ? 4   ALA A N   1 
ATOM   15   C CA  . ALA A 1 4   ? 13.527  0.056   -28.354 1.00 105.47 ? 4   ALA A CA  1 
ATOM   16   C C   . ALA A 1 4   ? 13.132  -1.080  -27.407 1.00 105.65 ? 4   ALA A C   1 
ATOM   17   O O   . ALA A 1 4   ? 13.965  -1.924  -27.048 1.00 105.88 ? 4   ALA A O   1 
ATOM   18   C CB  . ALA A 1 4   ? 14.831  -0.295  -29.091 1.00 105.41 ? 4   ALA A CB  1 
ATOM   19   N N   . ILE A 1 5   ? 11.860  -1.102  -27.007 1.00 104.85 ? 5   ILE A N   1 
ATOM   20   C CA  . ILE A 1 5   ? 11.378  -2.137  -26.096 1.00 103.67 ? 5   ILE A CA  1 
ATOM   21   C C   . ILE A 1 5   ? 9.859   -2.351  -26.210 1.00 103.47 ? 5   ILE A C   1 
ATOM   22   O O   . ILE A 1 5   ? 9.403   -3.313  -26.839 1.00 103.58 ? 5   ILE A O   1 
ATOM   23   C CB  . ILE A 1 5   ? 11.684  -1.798  -24.594 1.00 103.80 ? 5   ILE A CB  1 
ATOM   24   C CG1 . ILE A 1 5   ? 13.151  -1.387  -24.384 1.00 103.66 ? 5   ILE A CG1 1 
ATOM   25   C CG2 . ILE A 1 5   ? 11.375  -3.019  -23.734 1.00 103.85 ? 5   ILE A CG2 1 
ATOM   26   C CD1 . ILE A 1 5   ? 14.136  -2.539  -24.325 1.00 104.62 ? 5   ILE A CD1 1 
ATOM   27   N N   . LYS A 1 6   ? 9.092   -1.451  -25.589 1.00 102.99 ? 6   LYS A N   1 
ATOM   28   C CA  . LYS A 1 6   ? 7.623   -1.518  -25.554 1.00 102.16 ? 6   LYS A CA  1 
ATOM   29   C C   . LYS A 1 6   ? 6.933   -1.865  -26.875 1.00 101.60 ? 6   LYS A C   1 
ATOM   30   O O   . LYS A 1 6   ? 5.702   -1.925  -26.943 1.00 101.13 ? 6   LYS A O   1 
ATOM   31   C CB  . LYS A 1 6   ? 7.064   -0.200  -25.005 1.00 101.01 ? 6   LYS A CB  1 
ATOM   32   N N   . ARG A 1 7   ? 7.727   -2.093  -27.915 1.00 101.29 ? 7   ARG A N   1 
ATOM   33   C CA  . ARG A 1 7   ? 7.207   -2.436  -29.233 1.00 100.91 ? 7   ARG A CA  1 
ATOM   34   C C   . ARG A 1 7   ? 6.850   -3.920  -29.296 1.00 101.16 ? 7   ARG A C   1 
ATOM   35   O O   . ARG A 1 7   ? 5.712   -4.292  -29.602 1.00 100.12 ? 7   ARG A O   1 
ATOM   36   C CB  . ARG A 1 7   ? 8.247   -2.099  -30.303 1.00 101.28 ? 7   ARG A CB  1 
ATOM   37   N N   . LYS A 1 8   ? 7.835   -4.768  -29.018 1.00 101.32 ? 8   LYS A N   1 
ATOM   38   C CA  . LYS A 1 8   ? 7.616   -6.208  -29.038 1.00 101.46 ? 8   LYS A CA  1 
ATOM   39   C C   . LYS A 1 8   ? 6.640   -6.564  -27.914 1.00 100.80 ? 8   LYS A C   1 
ATOM   40   O O   . LYS A 1 8   ? 5.833   -7.488  -28.054 1.00 100.64 ? 8   LYS A O   1 
ATOM   41   C CB  . LYS A 1 8   ? 8.952   -6.952  -28.856 1.00 99.90  ? 8   LYS A CB  1 
ATOM   42   N N   . LEU A 1 9   ? 6.705   -5.817  -26.808 1.00 101.01 ? 9   LEU A N   1 
ATOM   43   C CA  . LEU A 1 9   ? 5.821   -6.069  -25.674 1.00 100.80 ? 9   LEU A CA  1 
ATOM   44   C C   . LEU A 1 9   ? 4.368   -5.798  -26.040 1.00 101.78 ? 9   LEU A C   1 
ATOM   45   O O   . LEU A 1 9   ? 3.464   -6.488  -25.563 1.00 101.85 ? 9   LEU A O   1 
ATOM   46   C CB  . LEU A 1 9   ? 6.243   -5.239  -24.458 1.00 98.60  ? 9   LEU A CB  1 
ATOM   47   C CG  . LEU A 1 9   ? 7.557   -5.780  -23.893 1.00 97.23  ? 9   LEU A CG  1 
ATOM   48   C CD1 . LEU A 1 9   ? 8.707   -5.030  -24.538 1.00 96.82  ? 9   LEU A CD1 1 
ATOM   49   C CD2 . LEU A 1 9   ? 7.595   -5.644  -22.383 1.00 96.56  ? 9   LEU A CD2 1 
ATOM   50   N N   . GLN A 1 10  ? 4.139   -4.793  -26.881 1.00 103.15 ? 10  GLN A N   1 
ATOM   51   C CA  . GLN A 1 10  ? 2.782   -4.508  -27.327 1.00 104.06 ? 10  GLN A CA  1 
ATOM   52   C C   . GLN A 1 10  ? 2.405   -5.778  -28.097 1.00 104.60 ? 10  GLN A C   1 
ATOM   53   O O   . GLN A 1 10  ? 1.317   -6.338  -27.910 1.00 104.78 ? 10  GLN A O   1 
ATOM   54   C CB  . GLN A 1 10  ? 2.766   -3.285  -28.254 1.00 103.02 ? 10  GLN A CB  1 
ATOM   55   N N   . SER A 1 11  ? 3.344   -6.226  -28.940 1.00 105.35 ? 11  SER A N   1 
ATOM   56   C CA  . SER A 1 11  ? 3.199   -7.435  -29.757 1.00 105.96 ? 11  SER A CA  1 
ATOM   57   C C   . SER A 1 11  ? 3.426   -8.693  -28.892 1.00 106.56 ? 11  SER A C   1 
ATOM   58   O O   . SER A 1 11  ? 4.225   -9.582  -29.224 1.00 105.79 ? 11  SER A O   1 
ATOM   59   C CB  . SER A 1 11  ? 4.199   -7.399  -30.932 1.00 105.51 ? 11  SER A CB  1 
ATOM   60   N N   . PHE A 1 12  ? 2.710   -8.736  -27.774 1.00 107.26 ? 12  PHE A N   1 
ATOM   61   C CA  . PHE A 1 12  ? 2.763   -9.842  -26.821 1.00 106.82 ? 12  PHE A CA  1 
ATOM   62   C C   . PHE A 1 12  ? 1.712   -9.517  -25.754 1.00 106.24 ? 12  PHE A C   1 
ATOM   63   O O   . PHE A 1 12  ? 1.817   -9.927  -24.588 1.00 106.80 ? 12  PHE A O   1 
ATOM   64   C CB  . PHE A 1 12  ? 4.166   -9.958  -26.197 1.00 106.89 ? 12  PHE A CB  1 
ATOM   65   N N   . ASN A 1 13  ? 0.696   -8.771  -26.191 1.00 105.25 ? 13  ASN A N   1 
ATOM   66   C CA  . ASN A 1 13  ? -0.411  -8.355  -25.346 1.00 103.59 ? 13  ASN A CA  1 
ATOM   67   C C   . ASN A 1 13  ? 0.033   -7.967  -23.930 1.00 103.24 ? 13  ASN A C   1 
ATOM   68   O O   . ASN A 1 13  ? -0.337  -8.614  -22.945 1.00 102.57 ? 13  ASN A O   1 
ATOM   69   C CB  . ASN A 1 13  ? -1.463  -9.461  -25.304 1.00 103.54 ? 13  ASN A CB  1 
ATOM   70   N N   . ILE A 1 14  ? 0.830   -6.902  -23.847 1.00 102.87 ? 14  ILE A N   1 
ATOM   71   C CA  . ILE A 1 14  ? 1.339   -6.378  -22.572 1.00 102.35 ? 14  ILE A CA  1 
ATOM   72   C C   . ILE A 1 14  ? 0.921   -4.892  -22.492 1.00 103.24 ? 14  ILE A C   1 
ATOM   73   O O   . ILE A 1 14  ? 1.408   -4.060  -23.273 1.00 102.12 ? 14  ILE A O   1 
ATOM   74   C CB  . ILE A 1 14  ? 2.902   -6.494  -22.498 1.00 101.40 ? 14  ILE A CB  1 
ATOM   75   C CG1 . ILE A 1 14  ? 3.349   -7.886  -22.971 1.00 101.12 ? 14  ILE A CG1 1 
ATOM   76   C CG2 . ILE A 1 14  ? 3.394   -6.249  -21.065 1.00 100.51 ? 14  ILE A CG2 1 
ATOM   77   C CD1 . ILE A 1 14  ? 2.992   -9.028  -22.030 1.00 100.50 ? 14  ILE A CD1 1 
ATOM   78   N N   . SER A 1 15  ? 0.014   -4.574  -21.562 1.00 102.75 ? 15  SER A N   1 
ATOM   79   C CA  . SER A 1 15  ? -0.498  -3.204  -21.374 1.00 103.23 ? 15  SER A CA  1 
ATOM   80   C C   . SER A 1 15  ? 0.438   -2.208  -20.675 1.00 102.55 ? 15  SER A C   1 
ATOM   81   O O   . SER A 1 15  ? 1.647   -2.433  -20.577 1.00 103.24 ? 15  SER A O   1 
ATOM   82   C CB  . SER A 1 15  ? -1.821  -3.243  -20.601 1.00 103.66 ? 15  SER A CB  1 
ATOM   83   O OG  . SER A 1 15  ? -2.835  -3.894  -21.342 1.00 106.26 ? 15  SER A OG  1 
ATOM   84   N N   . ASN A 1 16  ? -0.156  -1.104  -20.209 1.00 101.80 ? 16  ASN A N   1 
ATOM   85   C CA  . ASN A 1 16  ? 0.528   -0.018  -19.504 1.00 100.54 ? 16  ASN A CA  1 
ATOM   86   C C   . ASN A 1 16  ? 2.023   -0.259  -19.221 1.00 99.75  ? 16  ASN A C   1 
ATOM   87   O O   . ASN A 1 16  ? 2.457   -0.305  -18.062 1.00 99.60  ? 16  ASN A O   1 
ATOM   88   C CB  . ASN A 1 16  ? -0.227  0.279   -18.196 1.00 101.29 ? 16  ASN A CB  1 
ATOM   89   N N   . ILE A 1 17  ? 2.806   -0.383  -20.292 1.00 98.76  ? 17  ILE A N   1 
ATOM   90   C CA  . ILE A 1 17  ? 4.240   -0.647  -20.188 1.00 97.36  ? 17  ILE A CA  1 
ATOM   91   C C   . ILE A 1 17  ? 5.027   0.523   -19.611 1.00 95.33  ? 17  ILE A C   1 
ATOM   92   O O   . ILE A 1 17  ? 4.912   1.654   -20.080 1.00 95.87  ? 17  ILE A O   1 
ATOM   93   C CB  . ILE A 1 17  ? 4.829   -1.022  -21.575 1.00 97.56  ? 17  ILE A CB  1 
ATOM   94   C CG1 . ILE A 1 17  ? 4.164   -2.300  -22.095 1.00 96.42  ? 17  ILE A CG1 1 
ATOM   95   C CG2 . ILE A 1 17  ? 6.346   -1.201  -21.476 1.00 97.96  ? 17  ILE A CG2 1 
ATOM   96   N N   . VAL A 1 18  ? 5.835   0.236   -18.597 1.00 93.71  ? 18  VAL A N   1 
ATOM   97   C CA  . VAL A 1 18  ? 6.640   1.258   -17.943 1.00 93.74  ? 18  VAL A CA  1 
ATOM   98   C C   . VAL A 1 18  ? 7.990   0.681   -17.520 1.00 93.60  ? 18  VAL A C   1 
ATOM   99   O O   . VAL A 1 18  ? 8.061   -0.140  -16.599 1.00 93.42  ? 18  VAL A O   1 
ATOM   100  C CB  . VAL A 1 18  ? 5.944   1.790   -16.677 1.00 94.49  ? 18  VAL A CB  1 
ATOM   101  C CG1 . VAL A 1 18  ? 6.597   3.096   -16.244 1.00 94.40  ? 18  VAL A CG1 1 
ATOM   102  C CG2 . VAL A 1 18  ? 4.450   1.963   -16.925 1.00 93.77  ? 18  VAL A CG2 1 
ATOM   103  N N   . ILE A 1 19  ? 9.057   1.129   -18.175 1.00 93.85  ? 19  ILE A N   1 
ATOM   104  C CA  . ILE A 1 19  ? 10.410  0.646   -17.885 1.00 93.66  ? 19  ILE A CA  1 
ATOM   105  C C   . ILE A 1 19  ? 10.996  1.203   -16.567 1.00 94.85  ? 19  ILE A C   1 
ATOM   106  O O   . ILE A 1 19  ? 10.399  2.080   -15.944 1.00 95.23  ? 19  ILE A O   1 
ATOM   107  C CB  . ILE A 1 19  ? 11.343  0.979   -19.071 1.00 93.06  ? 19  ILE A CB  1 
ATOM   108  C CG1 . ILE A 1 19  ? 10.800  0.348   -20.365 1.00 92.50  ? 19  ILE A CG1 1 
ATOM   109  C CG2 . ILE A 1 19  ? 12.725  0.429   -18.813 1.00 93.07  ? 19  ILE A CG2 1 
ATOM   110  C CD1 . ILE A 1 19  ? 9.459   0.910   -20.857 1.00 92.52  ? 19  ILE A CD1 1 
ATOM   111  N N   . LYS A 1 20  ? 12.149  0.692   -16.131 1.00 94.33  ? 20  LYS A N   1 
ATOM   112  C CA  . LYS A 1 20  ? 12.754  1.169   -14.885 1.00 95.57  ? 20  LYS A CA  1 
ATOM   113  C C   . LYS A 1 20  ? 14.097  0.531   -14.525 1.00 96.92  ? 20  LYS A C   1 
ATOM   114  O O   . LYS A 1 20  ? 14.609  -0.330  -15.245 1.00 97.45  ? 20  LYS A O   1 
ATOM   115  C CB  . LYS A 1 20  ? 11.770  0.991   -13.722 1.00 94.42  ? 20  LYS A CB  1 
ATOM   116  N N   . SER A 1 21  ? 14.644  0.963   -13.386 1.00 97.87  ? 21  SER A N   1 
ATOM   117  C CA  . SER A 1 21  ? 15.941  0.504   -12.883 1.00 99.72  ? 21  SER A CA  1 
ATOM   118  C C   . SER A 1 21  ? 15.984  -0.897  -12.299 1.00 100.27 ? 21  SER A C   1 
ATOM   119  O O   . SER A 1 21  ? 15.670  -1.104  -11.121 1.00 99.55  ? 21  SER A O   1 
ATOM   120  C CB  . SER A 1 21  ? 16.485  1.499   -11.842 1.00 98.10  ? 21  SER A CB  1 
ATOM   121  N N   . SER A 1 22  ? 16.390  -1.855  -13.128 1.00 100.64 ? 22  SER A N   1 
ATOM   122  C CA  . SER A 1 22  ? 16.525  -3.236  -12.688 1.00 100.93 ? 22  SER A CA  1 
ATOM   123  C C   . SER A 1 22  ? 17.917  -3.343  -12.078 1.00 101.46 ? 22  SER A C   1 
ATOM   124  O O   . SER A 1 22  ? 18.894  -2.849  -12.645 1.00 101.51 ? 22  SER A O   1 
ATOM   125  C CB  . SER A 1 22  ? 16.408  -4.201  -13.872 1.00 100.99 ? 22  SER A CB  1 
ATOM   126  O OG  . SER A 1 22  ? 17.519  -4.090  -14.750 1.00 101.17 ? 22  SER A OG  1 
ATOM   127  N N   . PRO A 1 23  ? 18.023  -3.965  -10.897 1.00 101.39 ? 23  PRO A N   1 
ATOM   128  C CA  . PRO A 1 23  ? 19.317  -4.122  -10.228 1.00 101.62 ? 23  PRO A CA  1 
ATOM   129  C C   . PRO A 1 23  ? 20.263  -4.986  -11.053 1.00 100.87 ? 23  PRO A C   1 
ATOM   130  O O   . PRO A 1 23  ? 21.343  -5.369  -10.590 1.00 100.87 ? 23  PRO A O   1 
ATOM   131  C CB  . PRO A 1 23  ? 18.940  -4.781  -8.909  1.00 101.74 ? 23  PRO A CB  1 
ATOM   132  C CG  . PRO A 1 23  ? 17.568  -4.230  -8.641  1.00 102.25 ? 23  PRO A CG  1 
ATOM   133  C CD  . PRO A 1 23  ? 16.925  -4.360  -10.001 1.00 101.91 ? 23  PRO A CD  1 
ATOM   134  N N   . ILE A 1 24  ? 19.833  -5.298  -12.273 1.00 101.34 ? 24  ILE A N   1 
ATOM   135  C CA  . ILE A 1 24  ? 20.621  -6.116  -13.189 1.00 100.69 ? 24  ILE A CA  1 
ATOM   136  C C   . ILE A 1 24  ? 20.700  -5.450  -14.565 1.00 100.21 ? 24  ILE A C   1 
ATOM   137  O O   . ILE A 1 24  ? 19.701  -5.347  -15.302 1.00 98.32  ? 24  ILE A O   1 
ATOM   138  C CB  . ILE A 1 24  ? 20.030  -7.548  -13.328 1.00 99.39  ? 24  ILE A CB  1 
ATOM   139  C CG1 . ILE A 1 24  ? 20.253  -8.334  -12.026 1.00 99.26  ? 24  ILE A CG1 1 
ATOM   140  C CG2 . ILE A 1 24  ? 20.693  -8.272  -14.485 1.00 100.98 ? 24  ILE A CG2 1 
ATOM   141  N N   . SER A 1 25  ? 21.905  -4.987  -14.883 1.00 100.27 ? 25  SER A N   1 
ATOM   142  C CA  . SER A 1 25  ? 22.190  -4.331  -16.148 1.00 100.33 ? 25  SER A CA  1 
ATOM   143  C C   . SER A 1 25  ? 21.732  -5.236  -17.276 1.00 100.13 ? 25  SER A C   1 
ATOM   144  O O   . SER A 1 25  ? 21.407  -6.396  -17.039 1.00 100.42 ? 25  SER A O   1 
ATOM   145  C CB  . SER A 1 25  ? 23.695  -4.063  -16.248 1.00 100.41 ? 25  SER A CB  1 
ATOM   146  O OG  . SER A 1 25  ? 24.446  -5.152  -15.717 1.00 100.11 ? 25  SER A OG  1 
ATOM   147  N N   . GLY A 1 26  ? 21.698  -4.707  -18.495 1.00 99.33  ? 26  GLY A N   1 
ATOM   148  C CA  . GLY A 1 26  ? 21.262  -5.504  -19.627 1.00 99.69  ? 26  GLY A CA  1 
ATOM   149  C C   . GLY A 1 26  ? 19.758  -5.698  -19.585 1.00 99.87  ? 26  GLY A C   1 
ATOM   150  O O   . GLY A 1 26  ? 19.147  -6.058  -20.591 1.00 99.21  ? 26  GLY A O   1 
ATOM   151  N N   . ILE A 1 27  ? 19.166  -5.448  -18.415 1.00 99.49  ? 27  ILE A N   1 
ATOM   152  C CA  . ILE A 1 27  ? 17.724  -5.594  -18.206 1.00 99.49  ? 27  ILE A CA  1 
ATOM   153  C C   . ILE A 1 27  ? 17.098  -4.345  -17.582 1.00 99.58  ? 27  ILE A C   1 
ATOM   154  O O   . ILE A 1 27  ? 17.793  -3.491  -17.030 1.00 100.14 ? 27  ILE A O   1 
ATOM   155  C CB  . ILE A 1 27  ? 17.416  -6.805  -17.285 1.00 98.40  ? 27  ILE A CB  1 
ATOM   156  C CG1 . ILE A 1 27  ? 18.073  -8.067  -17.846 1.00 97.46  ? 27  ILE A CG1 1 
ATOM   157  C CG2 . ILE A 1 27  ? 15.908  -7.028  -17.181 1.00 98.32  ? 27  ILE A CG2 1 
ATOM   158  C CD1 . ILE A 1 27  ? 17.597  -8.427  -19.239 1.00 96.49  ? 27  ILE A CD1 1 
ATOM   159  N N   . LYS A 1 28  ? 15.777  -4.250  -17.674 1.00 98.88  ? 28  LYS A N   1 
ATOM   160  C CA  . LYS A 1 28  ? 15.051  -3.114  -17.120 1.00 98.74  ? 28  LYS A CA  1 
ATOM   161  C C   . LYS A 1 28  ? 13.764  -3.582  -16.446 1.00 98.11  ? 28  LYS A C   1 
ATOM   162  O O   . LYS A 1 28  ? 12.949  -4.261  -17.066 1.00 97.51  ? 28  LYS A O   1 
ATOM   163  C CB  . LYS A 1 28  ? 14.715  -2.108  -18.229 1.00 99.89  ? 28  LYS A CB  1 
ATOM   164  C CG  . LYS A 1 28  ? 15.917  -1.302  -18.735 1.00 100.30 ? 28  LYS A CG  1 
ATOM   165  C CD  . LYS A 1 28  ? 15.557  -0.396  -19.927 1.00 100.44 ? 28  LYS A CD  1 
ATOM   166  C CE  . LYS A 1 28  ? 15.458  -1.164  -21.257 1.00 101.27 ? 28  LYS A CE  1 
ATOM   167  N NZ  . LYS A 1 28  ? 14.418  -2.237  -21.266 1.00 100.38 ? 28  LYS A NZ  1 
ATOM   168  N N   . THR A 1 29  ? 13.590  -3.212  -15.177 1.00 98.49  ? 29  THR A N   1 
ATOM   169  C CA  . THR A 1 29  ? 12.405  -3.599  -14.413 1.00 97.68  ? 29  THR A CA  1 
ATOM   170  C C   . THR A 1 29  ? 11.152  -3.074  -15.097 1.00 97.75  ? 29  THR A C   1 
ATOM   171  O O   . THR A 1 29  ? 10.723  -1.962  -14.825 1.00 98.58  ? 29  THR A O   1 
ATOM   172  C CB  . THR A 1 29  ? 12.442  -3.023  -12.978 1.00 96.88  ? 29  THR A CB  1 
ATOM   173  O OG1 . THR A 1 29  ? 13.694  -3.342  -12.356 1.00 97.36  ? 29  THR A OG1 1 
ATOM   174  C CG2 . THR A 1 29  ? 11.304  -3.611  -12.140 1.00 96.45  ? 29  THR A CG2 1 
ATOM   175  N N   . ALA A 1 30  ? 10.560  -3.879  -15.974 1.00 95.68  ? 30  ALA A N   1 
ATOM   176  C CA  . ALA A 1 30  ? 9.371   -3.459  -16.704 1.00 95.06  ? 30  ALA A CA  1 
ATOM   177  C C   . ALA A 1 30  ? 8.060   -3.600  -15.931 1.00 94.25  ? 30  ALA A C   1 
ATOM   178  O O   . ALA A 1 30  ? 7.386   -4.633  -16.007 1.00 94.92  ? 30  ALA A O   1 
ATOM   179  C CB  . ALA A 1 30  ? 9.282   -4.224  -18.009 1.00 93.90  ? 30  ALA A CB  1 
ATOM   180  N N   . VAL A 1 31  ? 7.692   -2.556  -15.194 1.00 94.12  ? 31  VAL A N   1 
ATOM   181  C CA  . VAL A 1 31  ? 6.447   -2.581  -14.441 1.00 92.06  ? 31  VAL A CA  1 
ATOM   182  C C   . VAL A 1 31  ? 5.307   -2.452  -15.439 1.00 91.83  ? 31  VAL A C   1 
ATOM   183  O O   . VAL A 1 31  ? 4.926   -1.352  -15.848 1.00 90.88  ? 31  VAL A O   1 
ATOM   184  C CB  . VAL A 1 31  ? 6.362   -1.429  -13.427 1.00 91.08  ? 31  VAL A CB  1 
ATOM   185  C CG1 . VAL A 1 31  ? 5.003   -1.457  -12.723 1.00 90.29  ? 31  VAL A CG1 1 
ATOM   186  C CG2 . VAL A 1 31  ? 7.482   -1.557  -12.409 1.00 89.59  ? 31  VAL A CG2 1 
ATOM   187  N N   . THR A 1 32  ? 4.771   -3.601  -15.829 1.00 91.60  ? 32  THR A N   1 
ATOM   188  C CA  . THR A 1 32  ? 3.687   -3.659  -16.796 1.00 91.14  ? 32  THR A CA  1 
ATOM   189  C C   . THR A 1 32  ? 2.367   -3.894  -16.095 1.00 90.86  ? 32  THR A C   1 
ATOM   190  O O   . THR A 1 32  ? 2.316   -4.027  -14.872 1.00 90.12  ? 32  THR A O   1 
ATOM   191  C CB  . THR A 1 32  ? 3.895   -4.825  -17.767 1.00 91.44  ? 32  THR A CB  1 
ATOM   192  O OG1 . THR A 1 32  ? 3.612   -6.059  -17.088 1.00 90.43  ? 32  THR A OG1 1 
ATOM   193  C CG2 . THR A 1 32  ? 5.347   -4.844  -18.275 1.00 91.52  ? 32  THR A CG2 1 
ATOM   194  N N   . ASP A 1 33  ? 1.304   -3.954  -16.891 1.00 91.27  ? 33  ASP A N   1 
ATOM   195  C CA  . ASP A 1 33  ? -0.034  -4.209  -16.374 1.00 92.75  ? 33  ASP A CA  1 
ATOM   196  C C   . ASP A 1 33  ? -0.242  -5.725  -16.230 1.00 93.40  ? 33  ASP A C   1 
ATOM   197  O O   . ASP A 1 33  ? -1.334  -6.177  -15.894 1.00 93.24  ? 33  ASP A O   1 
ATOM   198  C CB  . ASP A 1 33  ? -1.092  -3.605  -17.304 1.00 93.57  ? 33  ASP A CB  1 
ATOM   199  N N   . GLN A 1 34  ? 0.803   -6.506  -16.511 1.00 93.64  ? 34  GLN A N   1 
ATOM   200  C CA  . GLN A 1 34  ? 0.736   -7.958  -16.354 1.00 94.01  ? 34  GLN A CA  1 
ATOM   201  C C   . GLN A 1 34  ? 1.583   -8.274  -15.130 1.00 93.67  ? 34  GLN A C   1 
ATOM   202  O O   . GLN A 1 34  ? 1.624   -9.414  -14.674 1.00 92.98  ? 34  GLN A O   1 
ATOM   203  C CB  . GLN A 1 34  ? 1.310   -8.708  -17.564 1.00 93.68  ? 34  GLN A CB  1 
ATOM   204  C CG  . GLN A 1 34  ? 1.806   -7.829  -18.699 1.00 95.49  ? 34  GLN A CG  1 
ATOM   205  C CD  . GLN A 1 34  ? 0.689   -7.062  -19.377 1.00 96.12  ? 34  GLN A CD  1 
ATOM   206  O OE1 . GLN A 1 34  ? -0.313  -7.645  -19.786 1.00 97.15  ? 34  GLN A OE1 1 
ATOM   207  N NE2 . GLN A 1 34  ? 0.860   -5.750  -19.507 1.00 94.77  ? 34  GLN A NE2 1 
ATOM   208  N N   . GLY A 1 35  ? 2.263   -7.252  -14.612 1.00 92.38  ? 35  GLY A N   1 
ATOM   209  C CA  . GLY A 1 35  ? 3.093   -7.432  -13.434 1.00 92.19  ? 35  GLY A CA  1 
ATOM   210  C C   . GLY A 1 35  ? 4.467   -6.816  -13.576 1.00 91.59  ? 35  GLY A C   1 
ATOM   211  O O   . GLY A 1 35  ? 4.796   -6.232  -14.608 1.00 92.83  ? 35  GLY A O   1 
ATOM   212  N N   . ILE A 1 36  ? 5.272   -6.937  -12.531 1.00 91.20  ? 36  ILE A N   1 
ATOM   213  C CA  . ILE A 1 36  ? 6.616   -6.397  -12.564 1.00 91.28  ? 36  ILE A CA  1 
ATOM   214  C C   . ILE A 1 36  ? 7.538   -7.376  -13.302 1.00 91.14  ? 36  ILE A C   1 
ATOM   215  O O   . ILE A 1 36  ? 8.125   -8.290  -12.710 1.00 89.78  ? 36  ILE A O   1 
ATOM   216  C CB  . ILE A 1 36  ? 7.113   -6.106  -11.116 1.00 91.44  ? 36  ILE A CB  1 
ATOM   217  C CG1 . ILE A 1 36  ? 6.331   -4.909  -10.558 1.00 91.68  ? 36  ILE A CG1 1 
ATOM   218  C CG2 . ILE A 1 36  ? 8.623   -5.833  -11.093 1.00 91.79  ? 36  ILE A CG2 1 
ATOM   219  C CD1 . ILE A 1 36  ? 6.637   -4.574  -9.111  1.00 91.65  ? 36  ILE A CD1 1 
ATOM   220  N N   . LEU A 1 37  ? 7.632   -7.173  -14.617 1.00 91.60  ? 37  LEU A N   1 
ATOM   221  C CA  . LEU A 1 37  ? 8.463   -7.993  -15.491 1.00 91.07  ? 37  LEU A CA  1 
ATOM   222  C C   . LEU A 1 37  ? 9.913   -7.536  -15.482 1.00 91.79  ? 37  LEU A C   1 
ATOM   223  O O   . LEU A 1 37  ? 10.290  -6.626  -14.749 1.00 90.97  ? 37  LEU A O   1 
ATOM   224  C CB  . LEU A 1 37  ? 7.944   -7.933  -16.931 1.00 87.75  ? 37  LEU A CB  1 
ATOM   225  C CG  . LEU A 1 37  ? 6.467   -8.283  -17.090 1.00 87.59  ? 37  LEU A CG  1 
ATOM   226  C CD1 . LEU A 1 37  ? 6.081   -8.272  -18.561 1.00 86.63  ? 37  LEU A CD1 1 
ATOM   227  C CD2 . LEU A 1 37  ? 6.208   -9.639  -16.473 1.00 87.07  ? 37  LEU A CD2 1 
ATOM   228  N N   . TYR A 1 38  ? 10.721  -8.186  -16.309 1.00 92.45  ? 38  TYR A N   1 
ATOM   229  C CA  . TYR A 1 38  ? 12.130  -7.854  -16.437 1.00 93.85  ? 38  TYR A CA  1 
ATOM   230  C C   . TYR A 1 38  ? 12.510  -8.116  -17.880 1.00 94.86  ? 38  TYR A C   1 
ATOM   231  O O   . TYR A 1 38  ? 12.357  -9.229  -18.377 1.00 95.34  ? 38  TYR A O   1 
ATOM   232  C CB  . TYR A 1 38  ? 12.949  -8.705  -15.481 1.00 93.33  ? 38  TYR A CB  1 
ATOM   233  C CG  . TYR A 1 38  ? 12.753  -8.304  -14.035 1.00 92.72  ? 38  TYR A CG  1 
ATOM   234  C CD1 . TYR A 1 38  ? 13.512  -7.287  -13.472 1.00 91.92  ? 38  TYR A CD1 1 
ATOM   235  C CD2 . TYR A 1 38  ? 11.775  -8.912  -13.243 1.00 91.40  ? 38  TYR A CD2 1 
ATOM   236  C CE1 . TYR A 1 38  ? 13.308  -6.884  -12.156 1.00 92.01  ? 38  TYR A CE1 1 
ATOM   237  C CE2 . TYR A 1 38  ? 11.564  -8.515  -11.927 1.00 90.94  ? 38  TYR A CE2 1 
ATOM   238  C CZ  . TYR A 1 38  ? 12.334  -7.498  -11.388 1.00 92.14  ? 38  TYR A CZ  1 
ATOM   239  O OH  . TYR A 1 38  ? 12.126  -7.083  -10.087 1.00 93.94  ? 38  TYR A OH  1 
ATOM   240  N N   . VAL A 1 39  ? 13.000  -7.080  -18.551 1.00 96.93  ? 39  VAL A N   1 
ATOM   241  C CA  . VAL A 1 39  ? 13.345  -7.187  -19.964 1.00 98.57  ? 39  VAL A CA  1 
ATOM   242  C C   . VAL A 1 39  ? 14.757  -6.739  -20.326 1.00 99.43  ? 39  VAL A C   1 
ATOM   243  O O   . VAL A 1 39  ? 15.360  -5.895  -19.660 1.00 99.62  ? 39  VAL A O   1 
ATOM   244  C CB  . VAL A 1 39  ? 12.339  -6.380  -20.823 1.00 99.33  ? 39  VAL A CB  1 
ATOM   245  C CG1 . VAL A 1 39  ? 12.689  -6.493  -22.303 1.00 100.40 ? 39  VAL A CG1 1 
ATOM   246  C CG2 . VAL A 1 39  ? 10.928  -6.882  -20.565 1.00 100.23 ? 39  VAL A CG2 1 
ATOM   247  N N   . SER A 1 40  ? 15.258  -7.310  -21.417 1.00 100.53 ? 40  SER A N   1 
ATOM   248  C CA  . SER A 1 40  ? 16.590  -7.015  -21.918 1.00 101.28 ? 40  SER A CA  1 
ATOM   249  C C   . SER A 1 40  ? 16.678  -5.656  -22.603 1.00 101.49 ? 40  SER A C   1 
ATOM   250  O O   . SER A 1 40  ? 15.716  -5.199  -23.222 1.00 100.78 ? 40  SER A O   1 
ATOM   251  C CB  . SER A 1 40  ? 17.022  -8.113  -22.889 1.00 100.88 ? 40  SER A CB  1 
ATOM   252  N N   . GLU A 1 41  ? 17.839  -5.013  -22.482 1.00 101.38 ? 41  GLU A N   1 
ATOM   253  C CA  . GLU A 1 41  ? 18.065  -3.724  -23.123 1.00 102.36 ? 41  GLU A CA  1 
ATOM   254  C C   . GLU A 1 41  ? 17.634  -3.941  -24.557 1.00 102.32 ? 41  GLU A C   1 
ATOM   255  O O   . GLU A 1 41  ? 16.956  -3.105  -25.157 1.00 100.94 ? 41  GLU A O   1 
ATOM   256  C CB  . GLU A 1 41  ? 19.552  -3.371  -23.098 1.00 103.10 ? 41  GLU A CB  1 
ATOM   257  C CG  . GLU A 1 41  ? 20.159  -3.312  -21.702 1.00 104.44 ? 41  GLU A CG  1 
ATOM   258  C CD  . GLU A 1 41  ? 19.508  -2.255  -20.810 1.00 104.96 ? 41  GLU A CD  1 
ATOM   259  O OE1 . GLU A 1 41  ? 18.721  -1.440  -21.337 1.00 104.21 ? 41  GLU A OE1 1 
ATOM   260  O OE2 . GLU A 1 41  ? 19.788  -2.229  -19.586 1.00 104.44 ? 41  GLU A OE2 1 
ATOM   261  N N   . ASP A 1 42  ? 18.038  -5.100  -25.079 1.00 102.15 ? 42  ASP A N   1 
ATOM   262  C CA  . ASP A 1 42  ? 17.734  -5.534  -26.441 1.00 101.71 ? 42  ASP A CA  1 
ATOM   263  C C   . ASP A 1 42  ? 16.219  -5.652  -26.657 1.00 101.02 ? 42  ASP A C   1 
ATOM   264  O O   . ASP A 1 42  ? 15.650  -5.008  -27.544 1.00 100.50 ? 42  ASP A O   1 
ATOM   265  C CB  . ASP A 1 42  ? 18.416  -6.888  -26.714 1.00 100.34 ? 42  ASP A CB  1 
ATOM   266  N N   . GLY A 1 43  ? 15.573  -6.488  -25.850 1.00 100.93 ? 43  GLY A N   1 
ATOM   267  C CA  . GLY A 1 43  ? 14.142  -6.660  -25.983 1.00 101.09 ? 43  GLY A CA  1 
ATOM   268  C C   . GLY A 1 43  ? 13.785  -7.949  -26.703 1.00 101.72 ? 43  GLY A C   1 
ATOM   269  O O   . GLY A 1 43  ? 12.862  -7.972  -27.523 1.00 101.91 ? 43  GLY A O   1 
ATOM   270  N N   . LYS A 1 44  ? 14.504  -9.026  -26.397 1.00 101.87 ? 44  LYS A N   1 
ATOM   271  C CA  . LYS A 1 44  ? 14.239  -10.316 -27.027 1.00 101.97 ? 44  LYS A CA  1 
ATOM   272  C C   . LYS A 1 44  ? 13.977  -11.367 -25.957 1.00 102.07 ? 44  LYS A C   1 
ATOM   273  O O   . LYS A 1 44  ? 13.623  -12.506 -26.257 1.00 102.75 ? 44  LYS A O   1 
ATOM   274  C CB  . LYS A 1 44  ? 15.430  -10.728 -27.877 1.00 102.00 ? 44  LYS A CB  1 
ATOM   275  N N   . TYR A 1 45  ? 14.145  -10.968 -24.701 1.00 102.18 ? 45  TYR A N   1 
ATOM   276  C CA  . TYR A 1 45  ? 13.964  -11.879 -23.583 1.00 101.52 ? 45  TYR A CA  1 
ATOM   277  C C   . TYR A 1 45  ? 13.171  -11.265 -22.433 1.00 101.85 ? 45  TYR A C   1 
ATOM   278  O O   . TYR A 1 45  ? 13.548  -10.208 -21.898 1.00 101.06 ? 45  TYR A O   1 
ATOM   279  C CB  . TYR A 1 45  ? 15.339  -12.320 -23.077 1.00 102.97 ? 45  TYR A CB  1 
ATOM   280  C CG  . TYR A 1 45  ? 16.084  -13.223 -24.031 1.00 103.42 ? 45  TYR A CG  1 
ATOM   281  C CD1 . TYR A 1 45  ? 17.478  -13.257 -24.036 1.00 102.65 ? 45  TYR A CD1 1 
ATOM   282  C CD2 . TYR A 1 45  ? 15.397  -14.098 -24.880 1.00 103.71 ? 45  TYR A CD2 1 
ATOM   283  C CE1 . TYR A 1 45  ? 18.169  -14.141 -24.856 1.00 103.20 ? 45  TYR A CE1 1 
ATOM   284  C CE2 . TYR A 1 45  ? 16.081  -14.989 -25.703 1.00 103.95 ? 45  TYR A CE2 1 
ATOM   285  C CZ  . TYR A 1 45  ? 17.464  -15.010 -25.684 1.00 103.73 ? 45  TYR A CZ  1 
ATOM   286  O OH  . TYR A 1 45  ? 18.125  -15.933 -26.462 1.00 102.80 ? 45  TYR A OH  1 
ATOM   287  N N   . LEU A 1 46  ? 12.088  -11.944 -22.047 1.00 100.58 ? 46  LEU A N   1 
ATOM   288  C CA  . LEU A 1 46  ? 11.231  -11.489 -20.958 1.00 98.01  ? 46  LEU A CA  1 
ATOM   289  C C   . LEU A 1 46  ? 11.193  -12.441 -19.763 1.00 97.64  ? 46  LEU A C   1 
ATOM   290  O O   . LEU A 1 46  ? 11.085  -13.652 -19.926 1.00 97.17  ? 46  LEU A O   1 
ATOM   291  C CB  . LEU A 1 46  ? 9.798   -11.311 -21.447 1.00 96.74  ? 46  LEU A CB  1 
ATOM   292  C CG  . LEU A 1 46  ? 8.841   -11.001 -20.292 1.00 97.30  ? 46  LEU A CG  1 
ATOM   293  C CD1 . LEU A 1 46  ? 8.932   -9.518  -19.979 1.00 97.03  ? 46  LEU A CD1 1 
ATOM   294  C CD2 . LEU A 1 46  ? 7.414   -11.411 -20.634 1.00 97.03  ? 46  LEU A CD2 1 
ATOM   295  N N   . PHE A 1 47  ? 11.274  -11.888 -18.559 1.00 96.99  ? 47  PHE A N   1 
ATOM   296  C CA  . PHE A 1 47  ? 11.179  -12.700 -17.353 1.00 96.75  ? 47  PHE A CA  1 
ATOM   297  C C   . PHE A 1 47  ? 9.802   -12.462 -16.790 1.00 96.26  ? 47  PHE A C   1 
ATOM   298  O O   . PHE A 1 47  ? 9.511   -11.367 -16.295 1.00 96.74  ? 47  PHE A O   1 
ATOM   299  C CB  . PHE A 1 47  ? 12.183  -12.278 -16.301 1.00 99.46  ? 47  PHE A CB  1 
ATOM   300  C CG  . PHE A 1 47  ? 13.588  -12.537 -16.685 1.00 102.84 ? 47  PHE A CG  1 
ATOM   301  C CD1 . PHE A 1 47  ? 14.228  -11.735 -17.624 1.00 104.47 ? 47  PHE A CD1 1 
ATOM   302  C CD2 . PHE A 1 47  ? 14.282  -13.592 -16.114 1.00 104.22 ? 47  PHE A CD2 1 
ATOM   303  C CE1 . PHE A 1 47  ? 15.551  -11.983 -17.989 1.00 105.53 ? 47  PHE A CE1 1 
ATOM   304  C CE2 . PHE A 1 47  ? 15.599  -13.851 -16.467 1.00 105.54 ? 47  PHE A CE2 1 
ATOM   305  C CZ  . PHE A 1 47  ? 16.238  -13.044 -17.408 1.00 105.86 ? 47  PHE A CZ  1 
ATOM   306  N N   . GLU A 1 48  ? 8.948   -13.472 -16.882 1.00 94.83  ? 48  GLU A N   1 
ATOM   307  C CA  . GLU A 1 48  ? 7.600   -13.362 -16.357 1.00 92.25  ? 48  GLU A CA  1 
ATOM   308  C C   . GLU A 1 48  ? 7.653   -14.073 -15.017 1.00 91.91  ? 48  GLU A C   1 
ATOM   309  O O   . GLU A 1 48  ? 6.717   -14.750 -14.619 1.00 92.01  ? 48  GLU A O   1 
ATOM   310  C CB  . GLU A 1 48  ? 6.602   -14.027 -17.317 1.00 92.36  ? 48  GLU A CB  1 
ATOM   311  C CG  . GLU A 1 48  ? 5.130   -13.841 -16.955 1.00 93.00  ? 48  GLU A CG  1 
ATOM   312  C CD  . GLU A 1 48  ? 4.254   -13.573 -18.177 1.00 94.10  ? 48  GLU A CD  1 
ATOM   313  O OE1 . GLU A 1 48  ? 4.363   -14.336 -19.170 1.00 94.26  ? 48  GLU A OE1 1 
ATOM   314  O OE2 . GLU A 1 48  ? 3.456   -12.604 -18.140 1.00 93.11  ? 48  GLU A OE2 1 
ATOM   315  N N   . GLY A 1 49  ? 8.784   -13.920 -14.336 1.00 89.93  ? 49  GLY A N   1 
ATOM   316  C CA  . GLY A 1 49  ? 8.962   -14.542 -13.038 1.00 89.29  ? 49  GLY A CA  1 
ATOM   317  C C   . GLY A 1 49  ? 8.999   -13.533 -11.897 1.00 89.29  ? 49  GLY A C   1 
ATOM   318  O O   . GLY A 1 49  ? 8.182   -12.608 -11.842 1.00 86.40  ? 49  GLY A O   1 
ATOM   319  N N   . LYS A 1 50  ? 9.970   -13.705 -10.999 1.00 89.46  ? 50  LYS A N   1 
ATOM   320  C CA  . LYS A 1 50  ? 10.130  -12.835 -9.835  1.00 90.60  ? 50  LYS A CA  1 
ATOM   321  C C   . LYS A 1 50  ? 11.611  -12.766 -9.389  1.00 90.60  ? 50  LYS A C   1 
ATOM   322  O O   . LYS A 1 50  ? 12.179  -13.761 -8.924  1.00 90.12  ? 50  LYS A O   1 
ATOM   323  C CB  . LYS A 1 50  ? 9.237   -13.370 -8.707  1.00 90.99  ? 50  LYS A CB  1 
ATOM   324  C CG  . LYS A 1 50  ? 9.296   -12.584 -7.425  1.00 93.94  ? 50  LYS A CG  1 
ATOM   325  C CD  . LYS A 1 50  ? 8.377   -13.158 -6.350  1.00 96.41  ? 50  LYS A CD  1 
ATOM   326  C CE  . LYS A 1 50  ? 6.933   -12.673 -6.473  1.00 98.34  ? 50  LYS A CE  1 
ATOM   327  N NZ  . LYS A 1 50  ? 6.108   -13.099 -5.291  1.00 99.39  ? 50  LYS A NZ  1 
ATOM   328  N N   . LEU A 1 51  ? 12.228  -11.591 -9.525  1.00 91.05  ? 51  LEU A N   1 
ATOM   329  C CA  . LEU A 1 51  ? 13.641  -11.406 -9.163  1.00 91.21  ? 51  LEU A CA  1 
ATOM   330  C C   . LEU A 1 51  ? 13.932  -11.015 -7.706  1.00 92.47  ? 51  LEU A C   1 
ATOM   331  O O   . LEU A 1 51  ? 13.380  -10.046 -7.189  1.00 93.28  ? 51  LEU A O   1 
ATOM   332  C CB  . LEU A 1 51  ? 14.282  -10.376 -10.101 1.00 91.94  ? 51  LEU A CB  1 
ATOM   333  C CG  . LEU A 1 51  ? 15.698  -9.899  -9.742  1.00 91.79  ? 51  LEU A CG  1 
ATOM   334  C CD1 . LEU A 1 51  ? 16.657  -11.081 -9.656  1.00 91.65  ? 51  LEU A CD1 1 
ATOM   335  C CD2 . LEU A 1 51  ? 16.171  -8.894  -10.783 1.00 90.96  ? 51  LEU A CD2 1 
ATOM   336  N N   . TYR A 1 52  ? 14.830  -11.758 -7.062  1.00 93.55  ? 52  TYR A N   1 
ATOM   337  C CA  . TYR A 1 52  ? 15.191  -11.507 -5.671  1.00 96.93  ? 52  TYR A CA  1 
ATOM   338  C C   . TYR A 1 52  ? 16.635  -11.071 -5.434  1.00 99.21  ? 52  TYR A C   1 
ATOM   339  O O   . TYR A 1 52  ? 17.334  -10.571 -6.317  1.00 99.00  ? 52  TYR A O   1 
ATOM   340  C CB  . TYR A 1 52  ? 14.994  -12.763 -4.828  1.00 97.51  ? 52  TYR A CB  1 
ATOM   341  C CG  . TYR A 1 52  ? 13.605  -13.322 -4.764  1.00 99.47  ? 52  TYR A CG  1 
ATOM   342  C CD1 . TYR A 1 52  ? 13.046  -13.993 -5.851  1.00 99.78  ? 52  TYR A CD1 1 
ATOM   343  C CD2 . TYR A 1 52  ? 12.864  -13.236 -3.586  1.00 100.57 ? 52  TYR A CD2 1 
ATOM   344  C CE1 . TYR A 1 52  ? 11.773  -14.579 -5.760  1.00 100.45 ? 52  TYR A CE1 1 
ATOM   345  C CE2 . TYR A 1 52  ? 11.592  -13.813 -3.485  1.00 101.27 ? 52  TYR A CE2 1 
ATOM   346  C CZ  . TYR A 1 52  ? 11.055  -14.483 -4.572  1.00 101.12 ? 52  TYR A CZ  1 
ATOM   347  O OH  . TYR A 1 52  ? 9.812   -15.061 -4.451  1.00 99.88  ? 52  TYR A OH  1 
ATOM   348  N N   . GLU A 1 53  ? 17.044  -11.295 -4.186  1.00 101.36 ? 53  GLU A N   1 
ATOM   349  C CA  . GLU A 1 53  ? 18.381  -11.053 -3.649  1.00 102.74 ? 53  GLU A CA  1 
ATOM   350  C C   . GLU A 1 53  ? 18.253  -11.398 -2.187  1.00 102.70 ? 53  GLU A C   1 
ATOM   351  O O   . GLU A 1 53  ? 17.603  -10.667 -1.439  1.00 102.57 ? 53  GLU A O   1 
ATOM   352  C CB  . GLU A 1 53  ? 18.828  -9.601  -3.751  1.00 102.92 ? 53  GLU A CB  1 
ATOM   353  C CG  . GLU A 1 53  ? 20.313  -9.378  -3.305  1.00 105.20 ? 53  GLU A CG  1 
ATOM   354  C CD  . GLU A 1 53  ? 21.061  -10.637 -2.740  1.00 106.29 ? 53  GLU A CD  1 
ATOM   355  O OE1 . GLU A 1 53  ? 20.892  -11.759 -3.268  1.00 106.82 ? 53  GLU A OE1 1 
ATOM   356  O OE2 . GLU A 1 53  ? 21.853  -10.500 -1.776  1.00 105.70 ? 53  GLU A OE2 1 
ATOM   357  N N   . LEU A 1 54  ? 18.874  -12.498 -1.776  1.00 103.97 ? 54  LEU A N   1 
ATOM   358  C CA  . LEU A 1 54  ? 18.776  -12.928 -0.390  1.00 104.52 ? 54  LEU A CA  1 
ATOM   359  C C   . LEU A 1 54  ? 19.505  -12.058 0.621   1.00 105.15 ? 54  LEU A C   1 
ATOM   360  O O   . LEU A 1 54  ? 19.308  -12.217 1.830   1.00 105.16 ? 54  LEU A O   1 
ATOM   361  C CB  . LEU A 1 54  ? 19.239  -14.377 -0.243  1.00 105.50 ? 54  LEU A CB  1 
ATOM   362  C CG  . LEU A 1 54  ? 18.109  -15.286 0.245   1.00 105.84 ? 54  LEU A CG  1 
ATOM   363  C CD1 . LEU A 1 54  ? 17.366  -15.923 -0.932  1.00 104.58 ? 54  LEU A CD1 1 
ATOM   364  C CD2 . LEU A 1 54  ? 18.697  -16.358 1.150   1.00 106.05 ? 54  LEU A CD2 1 
ATOM   365  N N   . THR A 1 55  ? 20.335  -11.141 0.124   1.00 106.36 ? 55  THR A N   1 
ATOM   366  C CA  . THR A 1 55  ? 21.094  -10.229 0.979   1.00 107.81 ? 55  THR A CA  1 
ATOM   367  C C   . THR A 1 55  ? 21.584  -10.955 2.222   1.00 108.23 ? 55  THR A C   1 
ATOM   368  O O   . THR A 1 55  ? 22.609  -11.652 2.186   1.00 108.39 ? 55  THR A O   1 
ATOM   369  C CB  . THR A 1 55  ? 20.228  -9.023  1.375   1.00 106.18 ? 55  THR A CB  1 
ATOM   370  N N   . ASN A 1 56  ? 20.842  -10.797 3.316   1.00 108.67 ? 56  ASN A N   1 
ATOM   371  C CA  . ASN A 1 56  ? 21.192  -11.429 4.578   1.00 108.42 ? 56  ASN A CA  1 
ATOM   372  C C   . ASN A 1 56  ? 19.942  -11.848 5.349   1.00 109.79 ? 56  ASN A C   1 
ATOM   373  O O   . ASN A 1 56  ? 19.922  -12.911 5.978   1.00 109.30 ? 56  ASN A O   1 
ATOM   374  C CB  . ASN A 1 56  ? 22.025  -10.462 5.421   1.00 109.51 ? 56  ASN A CB  1 
ATOM   375  C CG  . ASN A 1 56  ? 23.189  -9.873  4.645   1.00 109.88 ? 56  ASN A CG  1 
ATOM   376  O OD1 . ASN A 1 56  ? 24.078  -10.599 4.194   1.00 110.78 ? 56  ASN A OD1 1 
ATOM   377  N ND2 . ASN A 1 56  ? 23.183  -8.552  4.474   1.00 109.58 ? 56  ASN A ND2 1 
ATOM   378  N N   . ASN A 1 57  ? 18.905  -11.011 5.298   1.00 110.31 ? 57  ASN A N   1 
ATOM   379  C CA  . ASN A 1 57  ? 17.649  -11.282 5.999   1.00 111.24 ? 57  ASN A CA  1 
ATOM   380  C C   . ASN A 1 57  ? 16.876  -12.395 5.301   1.00 111.06 ? 57  ASN A C   1 
ATOM   381  O O   . ASN A 1 57  ? 16.130  -13.139 5.940   1.00 111.22 ? 57  ASN A O   1 
ATOM   382  C CB  . ASN A 1 57  ? 16.788  -10.002 6.071   1.00 110.60 ? 57  ASN A CB  1 
ATOM   383  N N   . GLY A 1 58  ? 17.061  -12.507 3.988   1.00 111.28 ? 58  GLY A N   1 
ATOM   384  C CA  . GLY A 1 58  ? 16.362  -13.531 3.233   1.00 110.57 ? 58  GLY A CA  1 
ATOM   385  C C   . GLY A 1 58  ? 16.028  -13.089 1.820   1.00 109.73 ? 58  GLY A C   1 
ATOM   386  O O   . GLY A 1 58  ? 16.529  -12.055 1.361   1.00 110.43 ? 58  GLY A O   1 
ATOM   387  N N   . PRO A 1 59  ? 15.186  -13.862 1.106   1.00 108.19 ? 59  PRO A N   1 
ATOM   388  C CA  . PRO A 1 59  ? 14.733  -13.629 -0.273  1.00 107.20 ? 59  PRO A CA  1 
ATOM   389  C C   . PRO A 1 59  ? 13.954  -12.332 -0.468  1.00 105.24 ? 59  PRO A C   1 
ATOM   390  O O   . PRO A 1 59  ? 12.750  -12.369 -0.734  1.00 105.20 ? 59  PRO A O   1 
ATOM   391  C CB  . PRO A 1 59  ? 13.863  -14.850 -0.572  1.00 108.20 ? 59  PRO A CB  1 
ATOM   392  C CG  . PRO A 1 59  ? 14.387  -15.905 0.356   1.00 108.90 ? 59  PRO A CG  1 
ATOM   393  C CD  . PRO A 1 59  ? 14.662  -15.141 1.621   1.00 109.15 ? 59  PRO A CD  1 
ATOM   394  N N   . VAL A 1 60  ? 14.637  -11.194 -0.351  1.00 104.14 ? 60  VAL A N   1 
ATOM   395  C CA  . VAL A 1 60  ? 13.984  -9.899  -0.514  1.00 102.40 ? 60  VAL A CA  1 
ATOM   396  C C   . VAL A 1 60  ? 13.766  -9.564  -1.992  1.00 100.71 ? 60  VAL A C   1 
ATOM   397  O O   . VAL A 1 60  ? 14.723  -9.361  -2.755  1.00 100.15 ? 60  VAL A O   1 
ATOM   398  C CB  . VAL A 1 60  ? 14.813  -8.776  0.161   1.00 101.98 ? 60  VAL A CB  1 
ATOM   399  C CG1 . VAL A 1 60  ? 14.154  -7.408  -0.068  1.00 102.99 ? 60  VAL A CG1 1 
ATOM   400  C CG2 . VAL A 1 60  ? 14.953  -9.063  1.657   1.00 101.39 ? 60  VAL A CG2 1 
ATOM   401  N N   . ASP A 1 61  ? 12.493  -9.510  -2.379  1.00 98.30  ? 61  ASP A N   1 
ATOM   402  C CA  . ASP A 1 61  ? 12.107  -9.204  -3.748  1.00 96.54  ? 61  ASP A CA  1 
ATOM   403  C C   . ASP A 1 61  ? 12.498  -7.786  -4.125  1.00 95.82  ? 61  ASP A C   1 
ATOM   404  O O   . ASP A 1 61  ? 12.201  -6.835  -3.407  1.00 95.74  ? 61  ASP A O   1 
ATOM   405  C CB  . ASP A 1 61  ? 10.597  -9.383  -3.909  1.00 95.04  ? 61  ASP A CB  1 
ATOM   406  C CG  . ASP A 1 61  ? 10.130  -9.162  -5.335  1.00 94.48  ? 61  ASP A CG  1 
ATOM   407  O OD1 . ASP A 1 61  ? 8.933   -9.407  -5.602  1.00 95.58  ? 61  ASP A OD1 1 
ATOM   408  O OD2 . ASP A 1 61  ? 10.944  -8.744  -6.185  1.00 92.92  ? 61  ASP A OD2 1 
ATOM   409  N N   . VAL A 1 62  ? 13.173  -7.650  -5.256  1.00 95.07  ? 62  VAL A N   1 
ATOM   410  C CA  . VAL A 1 62  ? 13.591  -6.340  -5.735  1.00 95.86  ? 62  VAL A CA  1 
ATOM   411  C C   . VAL A 1 62  ? 12.417  -5.378  -5.966  1.00 95.68  ? 62  VAL A C   1 
ATOM   412  O O   . VAL A 1 62  ? 12.527  -4.169  -5.715  1.00 95.43  ? 62  VAL A O   1 
ATOM   413  C CB  . VAL A 1 62  ? 14.394  -6.479  -7.042  1.00 96.07  ? 62  VAL A CB  1 
ATOM   414  C CG1 . VAL A 1 62  ? 14.384  -5.151  -7.807  1.00 96.32  ? 62  VAL A CG1 1 
ATOM   415  C CG2 . VAL A 1 62  ? 15.828  -6.925  -6.723  1.00 94.36  ? 62  VAL A CG2 1 
ATOM   416  N N   . ALA A 1 63  ? 11.305  -5.924  -6.449  1.00 95.55  ? 63  ALA A N   1 
ATOM   417  C CA  . ALA A 1 63  ? 10.104  -5.142  -6.716  1.00 94.64  ? 63  ALA A CA  1 
ATOM   418  C C   . ALA A 1 63  ? 9.425   -4.680  -5.423  1.00 93.77  ? 63  ALA A C   1 
ATOM   419  O O   . ALA A 1 63  ? 8.423   -3.958  -5.453  1.00 93.31  ? 63  ALA A O   1 
ATOM   420  C CB  . ALA A 1 63  ? 9.139   -5.961  -7.557  1.00 94.87  ? 63  ALA A CB  1 
ATOM   421  N N   . GLY A 1 64  ? 9.963   -5.110  -4.286  1.00 92.52  ? 64  GLY A N   1 
ATOM   422  C CA  . GLY A 1 64  ? 9.403   -4.689  -3.021  1.00 91.80  ? 64  GLY A CA  1 
ATOM   423  C C   . GLY A 1 64  ? 9.534   -3.182  -3.010  1.00 91.83  ? 64  GLY A C   1 
ATOM   424  O O   . GLY A 1 64  ? 8.565   -2.458  -2.773  1.00 91.91  ? 64  GLY A O   1 
ATOM   425  N N   . LYS A 1 65  ? 10.742  -2.708  -3.297  1.00 90.64  ? 65  LYS A N   1 
ATOM   426  C CA  . LYS A 1 65  ? 11.017  -1.278  -3.327  1.00 90.03  ? 65  LYS A CA  1 
ATOM   427  C C   . LYS A 1 65  ? 10.338  -0.594  -4.507  1.00 88.37  ? 65  LYS A C   1 
ATOM   428  O O   . LYS A 1 65  ? 10.047  0.589   -4.448  1.00 88.48  ? 65  LYS A O   1 
ATOM   429  C CB  . LYS A 1 65  ? 12.511  -1.036  -3.379  1.00 88.86  ? 65  LYS A CB  1 
ATOM   430  N N   . ILE A 1 66  ? 10.102  -1.322  -5.587  1.00 86.86  ? 66  ILE A N   1 
ATOM   431  C CA  . ILE A 1 66  ? 9.434   -0.717  -6.738  1.00 87.48  ? 66  ILE A CA  1 
ATOM   432  C C   . ILE A 1 66  ? 8.000   -0.433  -6.309  1.00 86.09  ? 66  ILE A C   1 
ATOM   433  O O   . ILE A 1 66  ? 7.414   0.593   -6.660  1.00 85.25  ? 66  ILE A O   1 
ATOM   434  C CB  . ILE A 1 66  ? 9.400   -1.682  -7.970  1.00 88.97  ? 66  ILE A CB  1 
ATOM   435  C CG1 . ILE A 1 66  ? 10.820  -1.918  -8.503  1.00 89.26  ? 66  ILE A CG1 1 
ATOM   436  C CG2 . ILE A 1 66  ? 8.514   -1.098  -9.070  1.00 87.06  ? 66  ILE A CG2 1 
ATOM   437  N N   . LEU A 1 67  ? 7.454   -1.367  -5.537  1.00 85.39  ? 67  LEU A N   1 
ATOM   438  C CA  . LEU A 1 67  ? 6.091   -1.290  -5.036  1.00 83.05  ? 67  LEU A CA  1 
ATOM   439  C C   . LEU A 1 67  ? 5.936   -0.150  -4.025  1.00 83.11  ? 67  LEU A C   1 
ATOM   440  O O   . LEU A 1 67  ? 5.083   0.720   -4.194  1.00 82.43  ? 67  LEU A O   1 
ATOM   441  C CB  . LEU A 1 67  ? 5.705   -2.637  -4.395  1.00 81.29  ? 67  LEU A CB  1 
ATOM   442  C CG  . LEU A 1 67  ? 4.404   -3.323  -4.833  1.00 79.43  ? 67  LEU A CG  1 
ATOM   443  C CD1 . LEU A 1 67  ? 4.436   -3.552  -6.328  1.00 79.29  ? 67  LEU A CD1 1 
ATOM   444  C CD2 . LEU A 1 67  ? 4.231   -4.651  -4.108  1.00 76.78  ? 67  LEU A CD2 1 
ATOM   445  N N   . VAL A 1 68  ? 6.768   -0.153  -2.984  1.00 82.90  ? 68  VAL A N   1 
ATOM   446  C CA  . VAL A 1 68  ? 6.712   0.875   -1.945  1.00 82.44  ? 68  VAL A CA  1 
ATOM   447  C C   . VAL A 1 68  ? 6.632   2.291   -2.506  1.00 83.60  ? 68  VAL A C   1 
ATOM   448  O O   . VAL A 1 68  ? 5.882   3.116   -1.996  1.00 85.27  ? 68  VAL A O   1 
ATOM   449  C CB  . VAL A 1 68  ? 7.932   0.802   -1.016  1.00 83.43  ? 68  VAL A CB  1 
ATOM   450  C CG1 . VAL A 1 68  ? 9.157   1.366   -1.707  1.00 83.69  ? 68  VAL A CG1 1 
ATOM   451  C CG2 . VAL A 1 68  ? 7.656   1.553   0.254   1.00 82.79  ? 68  VAL A CG2 1 
ATOM   452  N N   . ASP A 1 69  ? 7.409   2.579   -3.545  1.00 83.57  ? 69  ASP A N   1 
ATOM   453  C CA  . ASP A 1 69  ? 7.385   3.905   -4.156  1.00 83.67  ? 69  ASP A CA  1 
ATOM   454  C C   . ASP A 1 69  ? 5.958   4.177   -4.624  1.00 82.85  ? 69  ASP A C   1 
ATOM   455  O O   . ASP A 1 69  ? 5.436   5.278   -4.458  1.00 84.28  ? 69  ASP A O   1 
ATOM   456  C CB  . ASP A 1 69  ? 8.334   3.990   -5.361  1.00 85.11  ? 69  ASP A CB  1 
ATOM   457  C CG  . ASP A 1 69  ? 9.781   3.682   -5.003  1.00 86.90  ? 69  ASP A CG  1 
ATOM   458  O OD1 . ASP A 1 69  ? 10.161  3.828   -3.820  1.00 88.16  ? 69  ASP A OD1 1 
ATOM   459  O OD2 . ASP A 1 69  ? 10.545  3.307   -5.921  1.00 87.61  ? 69  ASP A OD2 1 
ATOM   460  N N   . LYS A 1 70  ? 5.343   3.161   -5.221  1.00 80.26  ? 70  LYS A N   1 
ATOM   461  C CA  . LYS A 1 70  ? 3.969   3.243   -5.711  1.00 77.20  ? 70  LYS A CA  1 
ATOM   462  C C   . LYS A 1 70  ? 3.083   3.723   -4.561  1.00 75.76  ? 70  LYS A C   1 
ATOM   463  O O   . LYS A 1 70  ? 2.375   4.716   -4.685  1.00 74.64  ? 70  LYS A O   1 
ATOM   464  C CB  . LYS A 1 70  ? 3.520   1.856   -6.189  1.00 76.58  ? 70  LYS A CB  1 
ATOM   465  C CG  . LYS A 1 70  ? 2.053   1.701   -6.536  1.00 73.46  ? 70  LYS A CG  1 
ATOM   466  C CD  . LYS A 1 70  ? 1.724   2.279   -7.884  1.00 71.53  ? 70  LYS A CD  1 
ATOM   467  C CE  . LYS A 1 70  ? 0.481   1.618   -8.456  1.00 71.71  ? 70  LYS A CE  1 
ATOM   468  N NZ  . LYS A 1 70  ? 0.576   0.126   -8.432  1.00 70.69  ? 70  LYS A NZ  1 
ATOM   469  N N   . LEU A 1 71  ? 3.142   3.010   -3.440  1.00 74.37  ? 71  LEU A N   1 
ATOM   470  C CA  . LEU A 1 71  ? 2.367   3.348   -2.252  1.00 73.48  ? 71  LEU A CA  1 
ATOM   471  C C   . LEU A 1 71  ? 2.663   4.783   -1.821  1.00 74.18  ? 71  LEU A C   1 
ATOM   472  O O   . LEU A 1 71  ? 1.794   5.652   -1.880  1.00 73.57  ? 71  LEU A O   1 
ATOM   473  C CB  . LEU A 1 71  ? 2.700   2.369   -1.125  1.00 72.66  ? 71  LEU A CB  1 
ATOM   474  C CG  . LEU A 1 71  ? 2.120   2.637   0.256   1.00 72.21  ? 71  LEU A CG  1 
ATOM   475  C CD1 . LEU A 1 71  ? 1.856   1.330   0.980   1.00 74.44  ? 71  LEU A CD1 1 
ATOM   476  C CD2 . LEU A 1 71  ? 3.084   3.469   1.033   1.00 72.40  ? 71  LEU A CD2 1 
ATOM   477  N N   . ASN A 1 72  ? 3.893   5.036   -1.397  1.00 72.59  ? 72  ASN A N   1 
ATOM   478  C CA  . ASN A 1 72  ? 4.278   6.368   -0.982  1.00 70.70  ? 72  ASN A CA  1 
ATOM   479  C C   . ASN A 1 72  ? 3.730   7.413   -1.932  1.00 70.23  ? 72  ASN A C   1 
ATOM   480  O O   . ASN A 1 72  ? 3.260   8.460   -1.511  1.00 69.81  ? 72  ASN A O   1 
ATOM   481  C CB  . ASN A 1 72  ? 5.792   6.482   -0.926  1.00 70.75  ? 72  ASN A CB  1 
ATOM   482  C CG  . ASN A 1 72  ? 6.347   5.955   0.355   1.00 71.38  ? 72  ASN A CG  1 
ATOM   483  O OD1 . ASN A 1 72  ? 5.601   5.736   1.298   1.00 74.92  ? 72  ASN A OD1 1 
ATOM   484  N ND2 . ASN A 1 72  ? 7.658   5.762   0.417   1.00 71.67  ? 72  ASN A ND2 1 
ATOM   485  N N   . SER A 1 73  ? 3.767   7.123   -3.221  1.00 70.26  ? 73  SER A N   1 
ATOM   486  C CA  . SER A 1 73  ? 3.275   8.081   -4.199  1.00 71.62  ? 73  SER A CA  1 
ATOM   487  C C   . SER A 1 73  ? 1.817   8.487   -3.967  1.00 72.24  ? 73  SER A C   1 
ATOM   488  O O   . SER A 1 73  ? 1.286   9.307   -4.700  1.00 73.02  ? 73  SER A O   1 
ATOM   489  C CB  . SER A 1 73  ? 3.416   7.509   -5.610  1.00 72.58  ? 73  SER A CB  1 
ATOM   490  O OG  . SER A 1 73  ? 2.279   6.742   -5.963  1.00 72.95  ? 73  SER A OG  1 
ATOM   491  N N   . TYR A 1 74  ? 1.179   7.914   -2.951  1.00 73.85  ? 74  TYR A N   1 
ATOM   492  C CA  . TYR A 1 74  ? -0.227  8.202   -2.647  1.00 74.77  ? 74  TYR A CA  1 
ATOM   493  C C   . TYR A 1 74  ? -0.374  9.057   -1.404  1.00 74.31  ? 74  TYR A C   1 
ATOM   494  O O   . TYR A 1 74  ? -1.479  9.410   -1.002  1.00 74.25  ? 74  TYR A O   1 
ATOM   495  C CB  . TYR A 1 74  ? -1.010  6.894   -2.463  1.00 73.85  ? 74  TYR A CB  1 
ATOM   496  C CG  . TYR A 1 74  ? -1.159  6.088   -3.733  1.00 73.26  ? 74  TYR A CG  1 
ATOM   497  C CD1 . TYR A 1 74  ? -1.266  6.722   -4.969  1.00 74.30  ? 74  TYR A CD1 1 
ATOM   498  C CD2 . TYR A 1 74  ? -1.238  4.703   -3.698  1.00 73.02  ? 74  TYR A CD2 1 
ATOM   499  C CE1 . TYR A 1 74  ? -1.451  5.996   -6.143  1.00 75.13  ? 74  TYR A CE1 1 
ATOM   500  C CE2 . TYR A 1 74  ? -1.426  3.962   -4.871  1.00 74.65  ? 74  TYR A CE2 1 
ATOM   501  C CZ  . TYR A 1 74  ? -1.532  4.616   -6.092  1.00 74.84  ? 74  TYR A CZ  1 
ATOM   502  O OH  . TYR A 1 74  ? -1.730  3.894   -7.254  1.00 76.04  ? 74  TYR A OH  1 
ATOM   503  N N   . LYS A 1 75  ? 0.765   9.364   -0.802  1.00 75.90  ? 75  LYS A N   1 
ATOM   504  C CA  . LYS A 1 75  ? 0.857   10.183  0.392   1.00 78.53  ? 75  LYS A CA  1 
ATOM   505  C C   . LYS A 1 75  ? -0.296  11.182  0.601   1.00 78.06  ? 75  LYS A C   1 
ATOM   506  O O   . LYS A 1 75  ? -0.886  11.225  1.675   1.00 79.20  ? 75  LYS A O   1 
ATOM   507  C CB  . LYS A 1 75  ? 2.212   10.905  0.357   1.00 82.57  ? 75  LYS A CB  1 
ATOM   508  C CG  . LYS A 1 75  ? 2.415   12.022  1.363   1.00 87.30  ? 75  LYS A CG  1 
ATOM   509  C CD  . LYS A 1 75  ? 3.765   12.712  1.132   1.00 89.20  ? 75  LYS A CD  1 
ATOM   510  C CE  . LYS A 1 75  ? 3.879   13.995  1.950   1.00 90.70  ? 75  LYS A CE  1 
ATOM   511  N NZ  . LYS A 1 75  ? 5.178   14.679  1.731   1.00 93.41  ? 75  LYS A NZ  1 
ATOM   512  N N   . ASP A 1 76  ? -0.627  11.968  -0.421  1.00 77.13  ? 76  ASP A N   1 
ATOM   513  C CA  . ASP A 1 76  ? -1.695  12.969  -0.305  1.00 75.79  ? 76  ASP A CA  1 
ATOM   514  C C   . ASP A 1 76  ? -3.120  12.432  -0.361  1.00 74.75  ? 76  ASP A C   1 
ATOM   515  O O   . ASP A 1 76  ? -4.067  13.192  -0.563  1.00 75.00  ? 76  ASP A O   1 
ATOM   516  C CB  . ASP A 1 76  ? -1.538  14.045  -1.387  1.00 76.14  ? 76  ASP A CB  1 
ATOM   517  C CG  . ASP A 1 76  ? -0.201  14.759  -1.313  1.00 78.48  ? 76  ASP A CG  1 
ATOM   518  O OD1 . ASP A 1 76  ? 0.274   15.022  -0.186  1.00 80.73  ? 76  ASP A OD1 1 
ATOM   519  O OD2 . ASP A 1 76  ? 0.370   15.066  -2.379  1.00 77.12  ? 76  ASP A OD2 1 
ATOM   520  N N   . GLU A 1 77  ? -3.269  11.123  -0.192  1.00 72.71  ? 77  GLU A N   1 
ATOM   521  C CA  . GLU A 1 77  ? -4.576  10.473  -0.224  1.00 69.63  ? 77  GLU A CA  1 
ATOM   522  C C   . GLU A 1 77  ? -4.750  9.723   1.079   1.00 67.78  ? 77  GLU A C   1 
ATOM   523  O O   . GLU A 1 77  ? -5.852  9.313   1.454   1.00 66.77  ? 77  GLU A O   1 
ATOM   524  C CB  . GLU A 1 77  ? -4.651  9.517   -1.413  1.00 69.64  ? 77  GLU A CB  1 
ATOM   525  C CG  . GLU A 1 77  ? -4.847  10.237  -2.730  1.00 72.50  ? 77  GLU A CG  1 
ATOM   526  C CD  . GLU A 1 77  ? -4.721  9.334   -3.932  1.00 74.21  ? 77  GLU A CD  1 
ATOM   527  O OE1 . GLU A 1 77  ? -5.293  8.230   -3.915  1.00 75.66  ? 77  GLU A OE1 1 
ATOM   528  O OE2 . GLU A 1 77  ? -4.058  9.735   -4.908  1.00 75.58  ? 77  GLU A OE2 1 
ATOM   529  N N   . MET A 1 78  ? -3.627  9.569   1.766   1.00 65.35  ? 78  MET A N   1 
ATOM   530  C CA  . MET A 1 78  ? -3.581  8.890   3.042   1.00 63.43  ? 78  MET A CA  1 
ATOM   531  C C   . MET A 1 78  ? -4.143  9.795   4.115   1.00 63.68  ? 78  MET A C   1 
ATOM   532  O O   . MET A 1 78  ? -3.987  11.006  4.048   1.00 63.18  ? 78  MET A O   1 
ATOM   533  C CB  . MET A 1 78  ? -2.136  8.523   3.373   1.00 63.74  ? 78  MET A CB  1 
ATOM   534  C CG  . MET A 1 78  ? -1.583  7.451   2.461   1.00 65.10  ? 78  MET A CG  1 
ATOM   535  S SD  . MET A 1 78  ? 0.193   7.262   2.592   1.00 73.40  ? 78  MET A SD  1 
ATOM   536  C CE  . MET A 1 78  ? 0.546   6.700   0.973   1.00 68.80  ? 78  MET A CE  1 
ATOM   537  N N   . ILE A 1 79  ? -4.816  9.201   5.094   1.00 63.32  ? 79  ILE A N   1 
ATOM   538  C CA  . ILE A 1 79  ? -5.380  9.954   6.196   1.00 60.89  ? 79  ILE A CA  1 
ATOM   539  C C   . ILE A 1 79  ? -4.382  9.831   7.342   1.00 62.60  ? 79  ILE A C   1 
ATOM   540  O O   . ILE A 1 79  ? -4.419  8.882   8.105   1.00 63.56  ? 79  ILE A O   1 
ATOM   541  C CB  . ILE A 1 79  ? -6.750  9.394   6.582   1.00 58.82  ? 79  ILE A CB  1 
ATOM   542  C CG1 . ILE A 1 79  ? -7.662  9.418   5.348   1.00 57.87  ? 79  ILE A CG1 1 
ATOM   543  C CG2 . ILE A 1 79  ? -7.336  10.219  7.717   1.00 61.10  ? 79  ILE A CG2 1 
ATOM   544  C CD1 . ILE A 1 79  ? -9.136  9.207   5.625   1.00 57.35  ? 79  ILE A CD1 1 
ATOM   545  N N   . VAL A 1 80  ? -3.486  10.810  7.443   1.00 62.64  ? 80  VAL A N   1 
ATOM   546  C CA  . VAL A 1 80  ? -2.415  10.811  8.435   1.00 62.36  ? 80  VAL A CA  1 
ATOM   547  C C   . VAL A 1 80  ? -2.723  11.274  9.853   1.00 64.50  ? 80  VAL A C   1 
ATOM   548  O O   . VAL A 1 80  ? -3.512  12.181  10.070  1.00 67.25  ? 80  VAL A O   1 
ATOM   549  C CB  . VAL A 1 80  ? -1.223  11.652  7.926   1.00 59.97  ? 80  VAL A CB  1 
ATOM   550  C CG1 . VAL A 1 80  ? 0.028   11.332  8.713   1.00 54.33  ? 80  VAL A CG1 1 
ATOM   551  C CG2 . VAL A 1 80  ? -1.018  11.410  6.457   1.00 57.25  ? 80  VAL A CG2 1 
ATOM   552  N N   . TYR A 1 81  ? -2.053  10.638  10.806  1.00 66.17  ? 81  TYR A N   1 
ATOM   553  C CA  . TYR A 1 81  ? -2.165  10.931  12.222  1.00 68.94  ? 81  TYR A CA  1 
ATOM   554  C C   . TYR A 1 81  ? -0.722  10.988  12.738  1.00 71.99  ? 81  TYR A C   1 
ATOM   555  O O   . TYR A 1 81  ? -0.286  10.086  13.446  1.00 74.00  ? 81  TYR A O   1 
ATOM   556  C CB  . TYR A 1 81  ? -2.912  9.801   12.942  1.00 70.66  ? 81  TYR A CB  1 
ATOM   557  C CG  . TYR A 1 81  ? -4.385  9.723   12.636  1.00 69.70  ? 81  TYR A CG  1 
ATOM   558  C CD1 . TYR A 1 81  ? -5.309  10.405  13.411  1.00 68.25  ? 81  TYR A CD1 1 
ATOM   559  C CD2 . TYR A 1 81  ? -4.853  8.981   11.563  1.00 69.08  ? 81  TYR A CD2 1 
ATOM   560  C CE1 . TYR A 1 81  ? -6.659  10.351  13.128  1.00 68.92  ? 81  TYR A CE1 1 
ATOM   561  C CE2 . TYR A 1 81  ? -6.202  8.923   11.272  1.00 68.80  ? 81  TYR A CE2 1 
ATOM   562  C CZ  . TYR A 1 81  ? -7.100  9.611   12.058  1.00 68.74  ? 81  TYR A CZ  1 
ATOM   563  O OH  . TYR A 1 81  ? -8.446  9.558   11.776  1.00 68.04  ? 81  TYR A OH  1 
ATOM   564  N N   . PRO A 1 82  ? 0.027   12.057  12.405  1.00 73.73  ? 82  PRO A N   1 
ATOM   565  C CA  . PRO A 1 82  ? 1.427   12.263  12.804  1.00 74.42  ? 82  PRO A CA  1 
ATOM   566  C C   . PRO A 1 82  ? 1.664   12.138  14.300  1.00 75.91  ? 82  PRO A C   1 
ATOM   567  O O   . PRO A 1 82  ? 0.729   12.231  15.088  1.00 76.99  ? 82  PRO A O   1 
ATOM   568  C CB  . PRO A 1 82  ? 1.727   13.676  12.310  1.00 75.64  ? 82  PRO A CB  1 
ATOM   569  C CG  . PRO A 1 82  ? 0.701   13.915  11.231  1.00 74.91  ? 82  PRO A CG  1 
ATOM   570  C CD  . PRO A 1 82  ? -0.521  13.292  11.820  1.00 74.44  ? 82  PRO A CD  1 
ATOM   571  N N   . ALA A 1 83  ? 2.916   11.936  14.694  1.00 77.70  ? 83  ALA A N   1 
ATOM   572  C CA  . ALA A 1 83  ? 3.246   11.818  16.110  1.00 79.84  ? 83  ALA A CA  1 
ATOM   573  C C   . ALA A 1 83  ? 4.150   12.974  16.514  1.00 82.08  ? 83  ALA A C   1 
ATOM   574  O O   . ALA A 1 83  ? 4.927   13.451  15.683  1.00 81.70  ? 83  ALA A O   1 
ATOM   575  C CB  . ALA A 1 83  ? 3.943   10.498  16.376  1.00 79.83  ? 83  ALA A CB  1 
ATOM   576  N N   . LYS A 1 84  ? 4.042   13.417  17.775  1.00 84.80  ? 84  LYS A N   1 
ATOM   577  C CA  . LYS A 1 84  ? 4.863   14.522  18.304  1.00 85.97  ? 84  LYS A CA  1 
ATOM   578  C C   . LYS A 1 84  ? 6.040   14.650  17.355  1.00 86.69  ? 84  LYS A C   1 
ATOM   579  O O   . LYS A 1 84  ? 6.140   15.618  16.596  1.00 86.91  ? 84  LYS A O   1 
ATOM   580  C CB  . LYS A 1 84  ? 5.346   14.188  19.707  1.00 86.94  ? 84  LYS A CB  1 
ATOM   581  N N   . ASN A 1 85  ? 6.934   13.665  17.420  1.00 87.99  ? 85  ASN A N   1 
ATOM   582  C CA  . ASN A 1 85  ? 8.045   13.575  16.487  1.00 89.22  ? 85  ASN A CA  1 
ATOM   583  C C   . ASN A 1 85  ? 8.368   12.098  16.287  1.00 89.62  ? 85  ASN A C   1 
ATOM   584  O O   . ASN A 1 85  ? 8.859   11.384  17.173  1.00 87.05  ? 85  ASN A O   1 
ATOM   585  C CB  . ASN A 1 85  ? 9.285   14.370  16.907  1.00 89.73  ? 85  ASN A CB  1 
ATOM   586  C CG  . ASN A 1 85  ? 9.997   15.011  15.689  1.00 91.32  ? 85  ASN A CG  1 
ATOM   587  O OD1 . ASN A 1 85  ? 10.262  14.340  14.673  1.00 91.34  ? 85  ASN A OD1 1 
ATOM   588  N ND2 . ASN A 1 85  ? 10.300  16.308  15.790  1.00 89.13  ? 85  ASN A ND2 1 
ATOM   589  N N   . GLU A 1 86  ? 8.032   11.673  15.078  1.00 90.04  ? 86  GLU A N   1 
ATOM   590  C CA  . GLU A 1 86  ? 8.166   10.318  14.600  1.00 89.69  ? 86  GLU A CA  1 
ATOM   591  C C   . GLU A 1 86  ? 9.537   9.681   14.593  1.00 90.09  ? 86  GLU A C   1 
ATOM   592  O O   . GLU A 1 86  ? 10.554  10.330  14.330  1.00 89.28  ? 86  GLU A O   1 
ATOM   593  C CB  . GLU A 1 86  ? 7.599   10.238  13.180  1.00 89.18  ? 86  GLU A CB  1 
ATOM   594  C CG  . GLU A 1 86  ? 8.254   11.214  12.230  1.00 88.77  ? 86  GLU A CG  1 
ATOM   595  C CD  . GLU A 1 86  ? 7.692   11.143  10.833  1.00 88.88  ? 86  GLU A CD  1 
ATOM   596  O OE1 . GLU A 1 86  ? 6.470   11.346  10.667  1.00 88.13  ? 86  GLU A OE1 1 
ATOM   597  O OE2 . GLU A 1 86  ? 8.477   10.891  9.897   1.00 89.83  ? 86  GLU A OE2 1 
ATOM   598  N N   . LYS A 1 87  ? 9.509   8.377   14.864  1.00 89.45  ? 87  LYS A N   1 
ATOM   599  C CA  . LYS A 1 87  ? 10.666  7.504   14.859  1.00 90.09  ? 87  LYS A CA  1 
ATOM   600  C C   . LYS A 1 87  ? 10.280  6.424   13.849  1.00 90.78  ? 87  LYS A C   1 
ATOM   601  O O   . LYS A 1 87  ? 11.125  5.671   13.360  1.00 91.47  ? 87  LYS A O   1 
ATOM   602  C CB  . LYS A 1 87  ? 10.884  6.906   16.247  1.00 87.99  ? 87  LYS A CB  1 
ATOM   603  C CG  . LYS A 1 87  ? 11.305  7.953   17.258  1.00 89.28  ? 87  LYS A CG  1 
ATOM   604  C CD  . LYS A 1 87  ? 11.145  7.489   18.699  1.00 89.47  ? 87  LYS A CD  1 
ATOM   605  C CE  . LYS A 1 87  ? 11.201  8.697   19.637  1.00 89.70  ? 87  LYS A CE  1 
ATOM   606  N NZ  . LYS A 1 87  ? 10.228  9.753   19.223  1.00 86.59  ? 87  LYS A NZ  1 
ATOM   607  N N   . HIS A 1 88  ? 8.984   6.375   13.530  1.00 90.93  ? 88  HIS A N   1 
ATOM   608  C CA  . HIS A 1 88  ? 8.436   5.406   12.576  1.00 89.39  ? 88  HIS A CA  1 
ATOM   609  C C   . HIS A 1 88  ? 7.280   5.997   11.762  1.00 88.42  ? 88  HIS A C   1 
ATOM   610  O O   . HIS A 1 88  ? 6.584   6.900   12.221  1.00 88.99  ? 88  HIS A O   1 
ATOM   611  C CB  . HIS A 1 88  ? 7.961   4.164   13.320  1.00 90.36  ? 88  HIS A CB  1 
ATOM   612  C CG  . HIS A 1 88  ? 9.011   3.548   14.188  1.00 91.20  ? 88  HIS A CG  1 
ATOM   613  N ND1 . HIS A 1 88  ? 10.221  3.106   13.693  1.00 90.21  ? 88  HIS A ND1 1 
ATOM   614  C CD2 . HIS A 1 88  ? 9.042   3.319   15.523  1.00 91.04  ? 88  HIS A CD2 1 
ATOM   615  C CE1 . HIS A 1 88  ? 10.951  2.632   14.689  1.00 90.24  ? 88  HIS A CE1 1 
ATOM   616  N NE2 . HIS A 1 88  ? 10.259  2.751   15.809  1.00 90.66  ? 88  HIS A NE2 1 
ATOM   617  N N   . VAL A 1 89  ? 7.084   5.478   10.555  1.00 86.34  ? 89  VAL A N   1 
ATOM   618  C CA  . VAL A 1 89  ? 6.033   5.957   9.662   1.00 85.23  ? 89  VAL A CA  1 
ATOM   619  C C   . VAL A 1 89  ? 5.417   4.764   8.940   1.00 82.92  ? 89  VAL A C   1 
ATOM   620  O O   . VAL A 1 89  ? 5.846   4.413   7.839   1.00 84.03  ? 89  VAL A O   1 
ATOM   621  C CB  . VAL A 1 89  ? 6.611   6.918   8.598   1.00 85.30  ? 89  VAL A CB  1 
ATOM   622  C CG1 . VAL A 1 89  ? 5.519   7.415   7.672   1.00 85.56  ? 89  VAL A CG1 1 
ATOM   623  C CG2 . VAL A 1 89  ? 7.289   8.080   9.273   1.00 86.20  ? 89  VAL A CG2 1 
ATOM   624  N N   . VAL A 1 90  ? 4.407   4.147   9.542   1.00 80.63  ? 90  VAL A N   1 
ATOM   625  C CA  . VAL A 1 90  ? 3.774   2.987   8.931   1.00 76.88  ? 90  VAL A CA  1 
ATOM   626  C C   . VAL A 1 90  ? 2.430   3.267   8.261   1.00 73.21  ? 90  VAL A C   1 
ATOM   627  O O   . VAL A 1 90  ? 1.619   4.019   8.781   1.00 73.48  ? 90  VAL A O   1 
ATOM   628  C CB  . VAL A 1 90  ? 3.592   1.880   9.974   1.00 76.18  ? 90  VAL A CB  1 
ATOM   629  C CG1 . VAL A 1 90  ? 4.906   1.655   10.693  1.00 76.44  ? 90  VAL A CG1 1 
ATOM   630  C CG2 . VAL A 1 90  ? 2.491   2.257   10.965  1.00 75.64  ? 90  VAL A CG2 1 
ATOM   631  N N   . THR A 1 91  ? 2.216   2.659   7.095   1.00 68.85  ? 91  THR A N   1 
ATOM   632  C CA  . THR A 1 91  ? 0.971   2.795   6.347   1.00 67.00  ? 91  THR A CA  1 
ATOM   633  C C   . THR A 1 91  ? 0.088   1.583   6.648   1.00 65.43  ? 91  THR A C   1 
ATOM   634  O O   . THR A 1 91  ? 0.512   0.441   6.496   1.00 65.21  ? 91  THR A O   1 
ATOM   635  C CB  . THR A 1 91  ? 1.216   2.843   4.846   1.00 65.11  ? 91  THR A CB  1 
ATOM   636  O OG1 . THR A 1 91  ? 2.154   3.879   4.542   1.00 64.55  ? 91  THR A OG1 1 
ATOM   637  C CG2 . THR A 1 91  ? -0.081  3.137   4.124   1.00 63.91  ? 91  THR A CG2 1 
ATOM   638  N N   . VAL A 1 92  ? -1.148  1.842   7.053   1.00 63.50  ? 92  VAL A N   1 
ATOM   639  C CA  . VAL A 1 92  ? -2.085  0.790   7.424   1.00 60.96  ? 92  VAL A CA  1 
ATOM   640  C C   . VAL A 1 92  ? -3.254  0.703   6.469   1.00 61.04  ? 92  VAL A C   1 
ATOM   641  O O   . VAL A 1 92  ? -3.848  1.726   6.139   1.00 61.26  ? 92  VAL A O   1 
ATOM   642  C CB  . VAL A 1 92  ? -2.644  1.064   8.826   1.00 57.12  ? 92  VAL A CB  1 
ATOM   643  C CG1 . VAL A 1 92  ? -3.683  0.050   9.203   1.00 53.71  ? 92  VAL A CG1 1 
ATOM   644  C CG2 . VAL A 1 92  ? -1.529  1.085   9.812   1.00 54.92  ? 92  VAL A CG2 1 
ATOM   645  N N   . PHE A 1 93  ? -3.574  -0.508  6.013   1.00 61.13  ? 93  PHE A N   1 
ATOM   646  C CA  . PHE A 1 93  ? -4.728  -0.694  5.136   1.00 62.69  ? 93  PHE A CA  1 
ATOM   647  C C   . PHE A 1 93  ? -5.870  -0.992  6.079   1.00 63.96  ? 93  PHE A C   1 
ATOM   648  O O   . PHE A 1 93  ? -5.835  -1.935  6.858   1.00 65.07  ? 93  PHE A O   1 
ATOM   649  C CB  . PHE A 1 93  ? -4.512  -1.830  4.146   1.00 60.83  ? 93  PHE A CB  1 
ATOM   650  C CG  . PHE A 1 93  ? -3.593  -1.472  3.017   1.00 61.00  ? 93  PHE A CG  1 
ATOM   651  C CD1 . PHE A 1 93  ? -2.214  -1.556  3.170   1.00 61.91  ? 93  PHE A CD1 1 
ATOM   652  C CD2 . PHE A 1 93  ? -4.103  -1.022  1.804   1.00 59.05  ? 93  PHE A CD2 1 
ATOM   653  C CE1 . PHE A 1 93  ? -1.358  -1.195  2.127   1.00 61.77  ? 93  PHE A CE1 1 
ATOM   654  C CE2 . PHE A 1 93  ? -3.261  -0.661  0.764   1.00 59.12  ? 93  PHE A CE2 1 
ATOM   655  C CZ  . PHE A 1 93  ? -1.886  -0.747  0.925   1.00 59.03  ? 93  PHE A CZ  1 
ATOM   656  N N   . MET A 1 94  ? -6.899  -0.176  6.012   1.00 66.17  ? 94  MET A N   1 
ATOM   657  C CA  . MET A 1 94  ? -7.972  -0.323  6.955   1.00 69.70  ? 94  MET A CA  1 
ATOM   658  C C   . MET A 1 94  ? -9.362  -0.358  6.347   1.00 68.81  ? 94  MET A C   1 
ATOM   659  O O   . MET A 1 94  ? -9.573  0.103   5.232   1.00 68.65  ? 94  MET A O   1 
ATOM   660  C CB  . MET A 1 94  ? -7.818  0.817   7.955   1.00 73.97  ? 94  MET A CB  1 
ATOM   661  C CG  . MET A 1 94  ? -8.929  0.986   8.917   1.00 79.46  ? 94  MET A CG  1 
ATOM   662  S SD  . MET A 1 94  ? -9.360  2.724   8.950   1.00 87.32  ? 94  MET A SD  1 
ATOM   663  C CE  . MET A 1 94  ? -10.448 2.820   7.578   1.00 82.73  ? 94  MET A CE  1 
ATOM   664  N N   . ASP A 1 95  ? -10.299 -0.941  7.088   1.00 69.15  ? 95  ASP A N   1 
ATOM   665  C CA  . ASP A 1 95  ? -11.688 -1.044  6.665   1.00 69.68  ? 95  ASP A CA  1 
ATOM   666  C C   . ASP A 1 95  ? -12.525 -0.509  7.824   1.00 68.78  ? 95  ASP A C   1 
ATOM   667  O O   . ASP A 1 95  ? -12.184 -0.711  8.983   1.00 69.35  ? 95  ASP A O   1 
ATOM   668  C CB  . ASP A 1 95  ? -12.047 -2.499  6.365   1.00 71.59  ? 95  ASP A CB  1 
ATOM   669  C CG  . ASP A 1 95  ? -13.387 -2.635  5.671   1.00 75.28  ? 95  ASP A CG  1 
ATOM   670  O OD1 . ASP A 1 95  ? -14.385 -2.096  6.206   1.00 77.15  ? 95  ASP A OD1 1 
ATOM   671  O OD2 . ASP A 1 95  ? -13.442 -3.276  4.597   1.00 74.51  ? 95  ASP A OD2 1 
ATOM   672  N N   . ILE A 1 96  ? -13.624 0.163   7.518   1.00 68.18  ? 96  ILE A N   1 
ATOM   673  C CA  . ILE A 1 96  ? -14.443 0.768   8.558   1.00 68.43  ? 96  ILE A CA  1 
ATOM   674  C C   . ILE A 1 96  ? -15.359 -0.176  9.300   1.00 70.21  ? 96  ILE A C   1 
ATOM   675  O O   . ILE A 1 96  ? -15.906 0.168   10.349  1.00 72.58  ? 96  ILE A O   1 
ATOM   676  C CB  . ILE A 1 96  ? -15.275 1.931   7.986   1.00 67.63  ? 96  ILE A CB  1 
ATOM   677  C CG1 . ILE A 1 96  ? -16.071 1.458   6.775   1.00 67.49  ? 96  ILE A CG1 1 
ATOM   678  C CG2 . ILE A 1 96  ? -14.362 3.060   7.588   1.00 63.73  ? 96  ILE A CG2 1 
ATOM   679  C CD1 . ILE A 1 96  ? -16.925 2.510   6.174   1.00 66.13  ? 96  ILE A CD1 1 
ATOM   680  N N   . THR A 1 97  ? -15.517 -1.372  8.766   1.00 70.06  ? 97  THR A N   1 
ATOM   681  C CA  . THR A 1 97  ? -16.382 -2.350  9.396   1.00 71.84  ? 97  THR A CA  1 
ATOM   682  C C   . THR A 1 97  ? -15.540 -3.460  10.016  1.00 72.49  ? 97  THR A C   1 
ATOM   683  O O   . THR A 1 97  ? -15.981 -4.603  10.089  1.00 71.97  ? 97  THR A O   1 
ATOM   684  C CB  . THR A 1 97  ? -17.315 -2.975  8.352   1.00 75.07  ? 97  THR A CB  1 
ATOM   685  O OG1 . THR A 1 97  ? -16.525 -3.572  7.306   1.00 75.12  ? 97  THR A OG1 1 
ATOM   686  C CG2 . THR A 1 97  ? -18.246 -1.917  7.766   1.00 73.29  ? 97  THR A CG2 1 
ATOM   687  N N   . CYS A 1 98  ? -14.334 -3.126  10.464  1.00 71.53  ? 98  CYS A N   1 
ATOM   688  C CA  . CYS A 1 98  ? -13.439 -4.122  11.033  1.00 71.50  ? 98  CYS A CA  1 
ATOM   689  C C   . CYS A 1 98  ? -13.045 -3.812  12.480  1.00 71.60  ? 98  CYS A C   1 
ATOM   690  O O   . CYS A 1 98  ? -12.383 -2.814  12.760  1.00 71.28  ? 98  CYS A O   1 
ATOM   691  C CB  . CYS A 1 98  ? -12.217 -4.264  10.107  1.00 70.78  ? 98  CYS A CB  1 
ATOM   692  S SG  . CYS A 1 98  ? -10.571 -4.463  10.859  1.00 77.53  ? 98  CYS A SG  1 
ATOM   693  N N   . HIS A 1 99  ? -13.469 -4.682  13.395  1.00 70.08  ? 99  HIS A N   1 
ATOM   694  C CA  . HIS A 1 99  ? -13.204 -4.530  14.828  1.00 69.85  ? 99  HIS A CA  1 
ATOM   695  C C   . HIS A 1 99  ? -11.782 -4.166  15.226  1.00 69.17  ? 99  HIS A C   1 
ATOM   696  O O   . HIS A 1 99  ? -11.574 -3.297  16.079  1.00 69.39  ? 99  HIS A O   1 
ATOM   697  C CB  . HIS A 1 99  ? -13.607 -5.802  15.578  1.00 70.72  ? 99  HIS A CB  1 
ATOM   698  C CG  . HIS A 1 99  ? -13.281 -5.774  17.044  1.00 73.80  ? 99  HIS A CG  1 
ATOM   699  N ND1 . HIS A 1 99  ? -12.380 -6.644  17.621  1.00 73.40  ? 99  HIS A ND1 1 
ATOM   700  C CD2 . HIS A 1 99  ? -13.736 -4.985  18.048  1.00 74.97  ? 99  HIS A CD2 1 
ATOM   701  C CE1 . HIS A 1 99  ? -12.294 -6.394  18.916  1.00 73.14  ? 99  HIS A CE1 1 
ATOM   702  N NE2 . HIS A 1 99  ? -13.106 -5.393  19.202  1.00 75.73  ? 99  HIS A NE2 1 
ATOM   703  N N   . TYR A 1 100 ? -10.805 -4.833  14.625  1.00 67.59  ? 100 TYR A N   1 
ATOM   704  C CA  . TYR A 1 100 ? -9.409  -4.581  14.947  1.00 67.08  ? 100 TYR A CA  1 
ATOM   705  C C   . TYR A 1 100 ? -8.874  -3.313  14.306  1.00 68.02  ? 100 TYR A C   1 
ATOM   706  O O   . TYR A 1 100 ? -7.958  -2.686  14.832  1.00 68.12  ? 100 TYR A O   1 
ATOM   707  C CB  . TYR A 1 100 ? -8.552  -5.798  14.563  1.00 68.06  ? 100 TYR A CB  1 
ATOM   708  C CG  . TYR A 1 100 ? -8.600  -6.911  15.596  1.00 68.66  ? 100 TYR A CG  1 
ATOM   709  C CD1 . TYR A 1 100 ? -7.981  -6.762  16.835  1.00 69.44  ? 100 TYR A CD1 1 
ATOM   710  C CD2 . TYR A 1 100 ? -9.294  -8.098  15.351  1.00 68.49  ? 100 TYR A CD2 1 
ATOM   711  C CE1 . TYR A 1 100 ? -8.052  -7.762  17.803  1.00 69.38  ? 100 TYR A CE1 1 
ATOM   712  C CE2 . TYR A 1 100 ? -9.373  -9.100  16.316  1.00 68.26  ? 100 TYR A CE2 1 
ATOM   713  C CZ  . TYR A 1 100 ? -8.750  -8.923  17.536  1.00 68.70  ? 100 TYR A CZ  1 
ATOM   714  O OH  . TYR A 1 100 ? -8.830  -9.900  18.491  1.00 67.83  ? 100 TYR A OH  1 
ATOM   715  N N   . CYS A 1 101 ? -9.428  -2.938  13.163  1.00 67.56  ? 101 CYS A N   1 
ATOM   716  C CA  . CYS A 1 101 ? -9.003  -1.703  12.529  1.00 69.53  ? 101 CYS A CA  1 
ATOM   717  C C   . CYS A 1 101 ? -9.521  -0.660  13.505  1.00 68.54  ? 101 CYS A C   1 
ATOM   718  O O   . CYS A 1 101 ? -8.852  0.323   13.817  1.00 69.53  ? 101 CYS A O   1 
ATOM   719  C CB  . CYS A 1 101 ? -9.685  -1.516  11.178  1.00 69.78  ? 101 CYS A CB  1 
ATOM   720  S SG  . CYS A 1 101 ? -9.473  -2.921  10.053  1.00 80.71  ? 101 CYS A SG  1 
ATOM   721  N N   . HIS A 1 102 ? -10.732 -0.890  13.993  1.00 68.06  ? 102 HIS A N   1 
ATOM   722  C CA  . HIS A 1 102 ? -11.320 0.031   14.930  1.00 68.99  ? 102 HIS A CA  1 
ATOM   723  C C   . HIS A 1 102 ? -10.425 0.182   16.148  1.00 70.48  ? 102 HIS A C   1 
ATOM   724  O O   . HIS A 1 102 ? -10.015 1.290   16.495  1.00 70.30  ? 102 HIS A O   1 
ATOM   725  C CB  . HIS A 1 102 ? -12.696 -0.454  15.364  1.00 69.42  ? 102 HIS A CB  1 
ATOM   726  C CG  . HIS A 1 102 ? -13.279 0.350   16.479  1.00 72.07  ? 102 HIS A CG  1 
ATOM   727  N ND1 . HIS A 1 102 ? -13.752 1.633   16.301  1.00 73.09  ? 102 HIS A ND1 1 
ATOM   728  C CD2 . HIS A 1 102 ? -13.409 0.081   17.799  1.00 73.44  ? 102 HIS A CD2 1 
ATOM   729  C CE1 . HIS A 1 102 ? -14.150 2.118   17.464  1.00 73.66  ? 102 HIS A CE1 1 
ATOM   730  N NE2 . HIS A 1 102 ? -13.952 1.197   18.390  1.00 74.00  ? 102 HIS A NE2 1 
ATOM   731  N N   . LEU A 1 103 ? -10.127 -0.946  16.788  1.00 71.21  ? 103 LEU A N   1 
ATOM   732  C CA  . LEU A 1 103 ? -9.286  -0.986  17.980  1.00 70.07  ? 103 LEU A CA  1 
ATOM   733  C C   . LEU A 1 103 ? -7.966  -0.269  17.742  1.00 69.74  ? 103 LEU A C   1 
ATOM   734  O O   . LEU A 1 103 ? -7.549  0.554   18.545  1.00 70.49  ? 103 LEU A O   1 
ATOM   735  C CB  . LEU A 1 103 ? -9.022  -2.439  18.381  1.00 69.85  ? 103 LEU A CB  1 
ATOM   736  C CG  . LEU A 1 103 ? -8.300  -2.663  19.714  1.00 71.62  ? 103 LEU A CG  1 
ATOM   737  C CD1 . LEU A 1 103 ? -9.173  -2.134  20.834  1.00 71.64  ? 103 LEU A CD1 1 
ATOM   738  C CD2 . LEU A 1 103 ? -8.006  -4.148  19.918  1.00 66.35  ? 103 LEU A CD2 1 
ATOM   739  N N   . LEU A 1 104 ? -7.310  -0.588  16.635  1.00 68.24  ? 104 LEU A N   1 
ATOM   740  C CA  . LEU A 1 104 ? -6.054  0.055   16.293  1.00 67.10  ? 104 LEU A CA  1 
ATOM   741  C C   . LEU A 1 104 ? -6.245  1.571   16.292  1.00 67.71  ? 104 LEU A C   1 
ATOM   742  O O   . LEU A 1 104 ? -5.407  2.323   16.768  1.00 66.51  ? 104 LEU A O   1 
ATOM   743  C CB  . LEU A 1 104 ? -5.581  -0.456  14.925  1.00 66.12  ? 104 LEU A CB  1 
ATOM   744  C CG  . LEU A 1 104 ? -4.791  0.334   13.870  1.00 67.57  ? 104 LEU A CG  1 
ATOM   745  C CD1 . LEU A 1 104 ? -3.820  1.324   14.466  1.00 67.21  ? 104 LEU A CD1 1 
ATOM   746  C CD2 . LEU A 1 104 ? -4.041  -0.678  13.025  1.00 65.28  ? 104 LEU A CD2 1 
ATOM   747  N N   . HIS A 1 105 ? -7.382  2.010   15.778  1.00 69.35  ? 105 HIS A N   1 
ATOM   748  C CA  . HIS A 1 105 ? -7.686  3.427   15.700  1.00 70.76  ? 105 HIS A CA  1 
ATOM   749  C C   . HIS A 1 105 ? -7.842  4.065   17.079  1.00 71.21  ? 105 HIS A C   1 
ATOM   750  O O   . HIS A 1 105 ? -7.391  5.190   17.310  1.00 71.21  ? 105 HIS A O   1 
ATOM   751  C CB  . HIS A 1 105 ? -8.958  3.629   14.882  1.00 70.14  ? 105 HIS A CB  1 
ATOM   752  C CG  . HIS A 1 105 ? -9.138  5.030   14.392  1.00 72.15  ? 105 HIS A CG  1 
ATOM   753  N ND1 . HIS A 1 105 ? -9.492  6.072   15.222  1.00 72.44  ? 105 HIS A ND1 1 
ATOM   754  C CD2 . HIS A 1 105 ? -8.981  5.568   13.160  1.00 71.70  ? 105 HIS A CD2 1 
ATOM   755  C CE1 . HIS A 1 105 ? -9.545  7.188   14.523  1.00 71.16  ? 105 HIS A CE1 1 
ATOM   756  N NE2 . HIS A 1 105 ? -9.239  6.909   13.268  1.00 70.91  ? 105 HIS A NE2 1 
ATOM   757  N N   . GLN A 1 106 ? -8.478  3.348   17.998  1.00 71.32  ? 106 GLN A N   1 
ATOM   758  C CA  . GLN A 1 106 ? -8.673  3.871   19.341  1.00 71.34  ? 106 GLN A CA  1 
ATOM   759  C C   . GLN A 1 106 ? -7.363  4.071   20.071  1.00 70.37  ? 106 GLN A C   1 
ATOM   760  O O   . GLN A 1 106 ? -7.354  4.514   21.206  1.00 70.31  ? 106 GLN A O   1 
ATOM   761  C CB  . GLN A 1 106 ? -9.544  2.930   20.161  1.00 73.53  ? 106 GLN A CB  1 
ATOM   762  C CG  . GLN A 1 106 ? -10.990 2.897   19.737  1.00 77.69  ? 106 GLN A CG  1 
ATOM   763  C CD  . GLN A 1 106 ? -11.849 2.104   20.696  1.00 78.99  ? 106 GLN A CD  1 
ATOM   764  O OE1 . GLN A 1 106 ? -11.659 0.905   20.868  1.00 78.65  ? 106 GLN A OE1 1 
ATOM   765  N NE2 . GLN A 1 106 ? -12.799 2.776   21.335  1.00 82.14  ? 106 GLN A NE2 1 
ATOM   766  N N   . GLN A 1 107 ? -6.255  3.754   19.419  1.00 70.37  ? 107 GLN A N   1 
ATOM   767  C CA  . GLN A 1 107 ? -4.959  3.884   20.060  1.00 71.08  ? 107 GLN A CA  1 
ATOM   768  C C   . GLN A 1 107 ? -3.956  4.709   19.286  1.00 71.59  ? 107 GLN A C   1 
ATOM   769  O O   . GLN A 1 107 ? -2.749  4.566   19.485  1.00 73.05  ? 107 GLN A O   1 
ATOM   770  C CB  . GLN A 1 107 ? -4.382  2.498   20.313  1.00 71.95  ? 107 GLN A CB  1 
ATOM   771  C CG  . GLN A 1 107 ? -5.313  1.626   21.130  1.00 73.57  ? 107 GLN A CG  1 
ATOM   772  C CD  . GLN A 1 107 ? -4.876  0.191   21.196  1.00 72.80  ? 107 GLN A CD  1 
ATOM   773  O OE1 . GLN A 1 107 ? -3.744  -0.096  21.553  1.00 75.84  ? 107 GLN A OE1 1 
ATOM   774  N NE2 . GLN A 1 107 ? -5.776  -0.723  20.860  1.00 72.67  ? 107 GLN A NE2 1 
ATOM   775  N N   . LEU A 1 108 ? -4.444  5.575   18.407  1.00 71.33  ? 108 LEU A N   1 
ATOM   776  C CA  . LEU A 1 108 ? -3.540  6.413   17.644  1.00 72.15  ? 108 LEU A CA  1 
ATOM   777  C C   . LEU A 1 108 ? -2.672  7.196   18.623  1.00 73.03  ? 108 LEU A C   1 
ATOM   778  O O   . LEU A 1 108 ? -1.478  7.390   18.390  1.00 71.49  ? 108 LEU A O   1 
ATOM   779  C CB  . LEU A 1 108 ? -4.312  7.387   16.743  1.00 70.79  ? 108 LEU A CB  1 
ATOM   780  C CG  . LEU A 1 108 ? -4.790  6.961   15.355  1.00 70.93  ? 108 LEU A CG  1 
ATOM   781  C CD1 . LEU A 1 108 ? -3.764  6.059   14.718  1.00 69.29  ? 108 LEU A CD1 1 
ATOM   782  C CD2 . LEU A 1 108 ? -6.097  6.262   15.449  1.00 69.98  ? 108 LEU A CD2 1 
ATOM   783  N N   . LYS A 1 109 ? -3.278  7.645   19.722  1.00 73.17  ? 109 LYS A N   1 
ATOM   784  C CA  . LYS A 1 109 ? -2.541  8.402   20.733  1.00 74.53  ? 109 LYS A CA  1 
ATOM   785  C C   . LYS A 1 109 ? -1.332  7.596   21.205  1.00 75.01  ? 109 LYS A C   1 
ATOM   786  O O   . LYS A 1 109 ? -0.233  8.134   21.293  1.00 76.09  ? 109 LYS A O   1 
ATOM   787  C CB  . LYS A 1 109 ? -3.449  8.748   21.918  1.00 73.12  ? 109 LYS A CB  1 
ATOM   788  N N   . GLU A 1 110 ? -1.544  6.308   21.490  1.00 74.81  ? 110 GLU A N   1 
ATOM   789  C CA  . GLU A 1 110 ? -0.475  5.417   21.925  1.00 75.75  ? 110 GLU A CA  1 
ATOM   790  C C   . GLU A 1 110 ? 0.556   5.224   20.820  1.00 74.00  ? 110 GLU A C   1 
ATOM   791  O O   . GLU A 1 110 ? 1.742   5.409   21.050  1.00 73.37  ? 110 GLU A O   1 
ATOM   792  C CB  . GLU A 1 110 ? -1.034  4.059   22.339  1.00 77.21  ? 110 GLU A CB  1 
ATOM   793  C CG  . GLU A 1 110 ? -1.764  4.034   23.676  1.00 80.26  ? 110 GLU A CG  1 
ATOM   794  C CD  . GLU A 1 110 ? -3.069  4.805   23.658  1.00 83.34  ? 110 GLU A CD  1 
ATOM   795  O OE1 . GLU A 1 110 ? -3.026  6.040   23.461  1.00 84.09  ? 110 GLU A OE1 1 
ATOM   796  O OE2 . GLU A 1 110 ? -4.138  4.175   23.847  1.00 84.49  ? 110 GLU A OE2 1 
ATOM   797  N N   . TYR A 1 111 ? 0.118   4.853   19.620  1.00 74.04  ? 111 TYR A N   1 
ATOM   798  C CA  . TYR A 1 111 ? 1.074   4.675   18.523  1.00 75.31  ? 111 TYR A CA  1 
ATOM   799  C C   . TYR A 1 111 ? 1.818   5.983   18.318  1.00 76.88  ? 111 TYR A C   1 
ATOM   800  O O   . TYR A 1 111 ? 3.034   6.000   18.127  1.00 78.29  ? 111 TYR A O   1 
ATOM   801  C CB  . TYR A 1 111 ? 0.392   4.297   17.200  1.00 71.70  ? 111 TYR A CB  1 
ATOM   802  C CG  . TYR A 1 111 ? -0.278  2.947   17.182  1.00 69.61  ? 111 TYR A CG  1 
ATOM   803  C CD1 . TYR A 1 111 ? -1.652  2.827   17.406  1.00 68.43  ? 111 TYR A CD1 1 
ATOM   804  C CD2 . TYR A 1 111 ? 0.460   1.787   16.964  1.00 67.73  ? 111 TYR A CD2 1 
ATOM   805  C CE1 . TYR A 1 111 ? -2.268  1.596   17.420  1.00 67.33  ? 111 TYR A CE1 1 
ATOM   806  C CE2 . TYR A 1 111 ? -0.147  0.549   16.973  1.00 66.43  ? 111 TYR A CE2 1 
ATOM   807  C CZ  . TYR A 1 111 ? -1.512  0.458   17.205  1.00 67.23  ? 111 TYR A CZ  1 
ATOM   808  O OH  . TYR A 1 111 ? -2.124  -0.772  17.258  1.00 66.33  ? 111 TYR A OH  1 
ATOM   809  N N   . ASN A 1 112 ? 1.069   7.081   18.353  1.00 78.62  ? 112 ASN A N   1 
ATOM   810  C CA  . ASN A 1 112 ? 1.644   8.404   18.182  1.00 79.35  ? 112 ASN A CA  1 
ATOM   811  C C   . ASN A 1 112 ? 2.682   8.655   19.250  1.00 80.45  ? 112 ASN A C   1 
ATOM   812  O O   . ASN A 1 112 ? 3.784   9.134   18.961  1.00 80.09  ? 112 ASN A O   1 
ATOM   813  C CB  . ASN A 1 112 ? 0.562   9.482   18.270  1.00 79.56  ? 112 ASN A CB  1 
ATOM   814  C CG  . ASN A 1 112 ? 0.009   9.852   16.913  1.00 80.54  ? 112 ASN A CG  1 
ATOM   815  O OD1 . ASN A 1 112 ? 0.702   9.745   15.904  1.00 78.21  ? 112 ASN A OD1 1 
ATOM   816  N ND2 . ASN A 1 112 ? -1.235  10.313  16.883  1.00 83.18  ? 112 ASN A ND2 1 
ATOM   817  N N   . ASP A 1 113 ? 2.325   8.310   20.483  1.00 81.95  ? 113 ASP A N   1 
ATOM   818  C CA  . ASP A 1 113 ? 3.217   8.512   21.612  1.00 83.46  ? 113 ASP A CA  1 
ATOM   819  C C   . ASP A 1 113 ? 4.398   7.555   21.668  1.00 83.59  ? 113 ASP A C   1 
ATOM   820  O O   . ASP A 1 113 ? 5.225   7.664   22.554  1.00 83.23  ? 113 ASP A O   1 
ATOM   821  C CB  . ASP A 1 113 ? 2.439   8.468   22.929  1.00 84.64  ? 113 ASP A CB  1 
ATOM   822  C CG  . ASP A 1 113 ? 1.662   9.751   23.187  1.00 87.48  ? 113 ASP A CG  1 
ATOM   823  O OD1 . ASP A 1 113 ? 2.198   10.841  22.876  1.00 86.66  ? 113 ASP A OD1 1 
ATOM   824  O OD2 . ASP A 1 113 ? 0.527   9.673   23.709  1.00 88.96  ? 113 ASP A OD2 1 
ATOM   825  N N   . LEU A 1 114 ? 4.475   6.608   20.739  1.00 82.54  ? 114 LEU A N   1 
ATOM   826  C CA  . LEU A 1 114 ? 5.615   5.688   20.693  1.00 81.32  ? 114 LEU A CA  1 
ATOM   827  C C   . LEU A 1 114 ? 6.470   6.135   19.520  1.00 81.07  ? 114 LEU A C   1 
ATOM   828  O O   . LEU A 1 114 ? 7.411   5.456   19.135  1.00 80.53  ? 114 LEU A O   1 
ATOM   829  C CB  . LEU A 1 114 ? 5.172   4.237   20.480  1.00 80.63  ? 114 LEU A CB  1 
ATOM   830  C CG  . LEU A 1 114 ? 4.888   3.333   21.693  1.00 80.64  ? 114 LEU A CG  1 
ATOM   831  C CD1 . LEU A 1 114 ? 4.275   2.013   21.222  1.00 79.57  ? 114 LEU A CD1 1 
ATOM   832  C CD2 . LEU A 1 114 ? 6.177   3.067   22.462  1.00 80.11  ? 114 LEU A CD2 1 
ATOM   833  N N   . GLY A 1 115 ? 6.120   7.289   18.955  1.00 80.26  ? 115 GLY A N   1 
ATOM   834  C CA  . GLY A 1 115 ? 6.857   7.839   17.834  1.00 80.12  ? 115 GLY A CA  1 
ATOM   835  C C   . GLY A 1 115 ? 6.514   7.191   16.509  1.00 79.16  ? 115 GLY A C   1 
ATOM   836  O O   . GLY A 1 115 ? 7.358   7.118   15.613  1.00 80.53  ? 115 GLY A O   1 
ATOM   837  N N   . ILE A 1 116 ? 5.279   6.715   16.373  1.00 78.06  ? 116 ILE A N   1 
ATOM   838  C CA  . ILE A 1 116 ? 4.861   6.074   15.131  1.00 76.92  ? 116 ILE A CA  1 
ATOM   839  C C   . ILE A 1 116 ? 3.715   6.825   14.465  1.00 75.80  ? 116 ILE A C   1 
ATOM   840  O O   . ILE A 1 116 ? 2.633   6.943   15.019  1.00 75.29  ? 116 ILE A O   1 
ATOM   841  C CB  . ILE A 1 116 ? 4.410   4.609   15.365  1.00 76.73  ? 116 ILE A CB  1 
ATOM   842  C CG1 . ILE A 1 116 ? 5.475   3.840   16.146  1.00 76.50  ? 116 ILE A CG1 1 
ATOM   843  C CG2 . ILE A 1 116 ? 4.176   3.919   14.027  1.00 77.14  ? 116 ILE A CG2 1 
ATOM   844  C CD1 . ILE A 1 116 ? 5.141   2.381   16.382  1.00 76.28  ? 116 ILE A CD1 1 
ATOM   845  N N   . THR A 1 117 ? 3.977   7.329   13.270  1.00 75.21  ? 117 THR A N   1 
ATOM   846  C CA  . THR A 1 117 ? 2.995   8.055   12.476  1.00 75.05  ? 117 THR A CA  1 
ATOM   847  C C   . THR A 1 117 ? 2.136   7.056   11.706  1.00 74.95  ? 117 THR A C   1 
ATOM   848  O O   . THR A 1 117 ? 2.653   6.304   10.874  1.00 77.35  ? 117 THR A O   1 
ATOM   849  C CB  . THR A 1 117 ? 3.691   8.967   11.452  1.00 75.54  ? 117 THR A CB  1 
ATOM   850  O OG1 . THR A 1 117 ? 4.216   10.117  12.119  1.00 77.35  ? 117 THR A OG1 1 
ATOM   851  C CG2 . THR A 1 117 ? 2.726   9.393   10.366  1.00 75.10  ? 117 THR A CG2 1 
ATOM   852  N N   . VAL A 1 118 ? 0.831   7.049   11.966  1.00 73.42  ? 118 VAL A N   1 
ATOM   853  C CA  . VAL A 1 118 ? -0.064  6.125   11.279  1.00 70.59  ? 118 VAL A CA  1 
ATOM   854  C C   . VAL A 1 118 ? -0.684  6.783   10.047  1.00 71.04  ? 118 VAL A C   1 
ATOM   855  O O   . VAL A 1 118 ? -1.275  7.846   10.134  1.00 70.74  ? 118 VAL A O   1 
ATOM   856  C CB  . VAL A 1 118 ? -1.173  5.631   12.230  1.00 69.20  ? 118 VAL A CB  1 
ATOM   857  C CG1 . VAL A 1 118 ? -2.094  4.673   11.506  1.00 68.47  ? 118 VAL A CG1 1 
ATOM   858  C CG2 . VAL A 1 118 ? -0.551  4.944   13.436  1.00 69.42  ? 118 VAL A CG2 1 
ATOM   859  N N   . ARG A 1 119 ? -0.535  6.147   8.891   1.00 70.83  ? 119 ARG A N   1 
ATOM   860  C CA  . ARG A 1 119 ? -1.070  6.679   7.642   1.00 70.68  ? 119 ARG A CA  1 
ATOM   861  C C   . ARG A 1 119 ? -2.048  5.676   7.038   1.00 70.10  ? 119 ARG A C   1 
ATOM   862  O O   . ARG A 1 119 ? -1.660  4.577   6.667   1.00 72.59  ? 119 ARG A O   1 
ATOM   863  C CB  . ARG A 1 119 ? 0.074   6.945   6.662   1.00 72.43  ? 119 ARG A CB  1 
ATOM   864  C CG  . ARG A 1 119 ? 1.347   7.455   7.328   1.00 74.05  ? 119 ARG A CG  1 
ATOM   865  C CD  . ARG A 1 119 ? 2.338   8.012   6.316   1.00 74.83  ? 119 ARG A CD  1 
ATOM   866  N NE  . ARG A 1 119 ? 2.627   7.053   5.257   1.00 75.97  ? 119 ARG A NE  1 
ATOM   867  C CZ  . ARG A 1 119 ? 3.474   7.265   4.258   1.00 75.04  ? 119 ARG A CZ  1 
ATOM   868  N NH1 . ARG A 1 119 ? 4.129   8.416   4.172   1.00 74.73  ? 119 ARG A NH1 1 
ATOM   869  N NH2 . ARG A 1 119 ? 3.666   6.324   3.345   1.00 74.51  ? 119 ARG A NH2 1 
ATOM   870  N N   . TYR A 1 120 ? -3.315  6.051   6.935   1.00 69.27  ? 120 TYR A N   1 
ATOM   871  C CA  . TYR A 1 120 ? -4.312  5.141   6.403   1.00 68.59  ? 120 TYR A CA  1 
ATOM   872  C C   . TYR A 1 120 ? -4.566  5.201   4.914   1.00 68.41  ? 120 TYR A C   1 
ATOM   873  O O   . TYR A 1 120 ? -4.648  6.266   4.307   1.00 68.65  ? 120 TYR A O   1 
ATOM   874  C CB  . TYR A 1 120 ? -5.675  5.329   7.080   1.00 68.36  ? 120 TYR A CB  1 
ATOM   875  C CG  . TYR A 1 120 ? -5.760  5.013   8.551   1.00 65.78  ? 120 TYR A CG  1 
ATOM   876  C CD1 . TYR A 1 120 ? -5.491  3.737   9.047   1.00 66.77  ? 120 TYR A CD1 1 
ATOM   877  C CD2 . TYR A 1 120 ? -6.155  5.990   9.447   1.00 65.62  ? 120 TYR A CD2 1 
ATOM   878  C CE1 . TYR A 1 120 ? -5.621  3.455   10.410  1.00 65.30  ? 120 TYR A CE1 1 
ATOM   879  C CE2 . TYR A 1 120 ? -6.284  5.717   10.797  1.00 66.40  ? 120 TYR A CE2 1 
ATOM   880  C CZ  . TYR A 1 120 ? -6.018  4.461   11.271  1.00 65.45  ? 120 TYR A CZ  1 
ATOM   881  O OH  . TYR A 1 120 ? -6.142  4.255   12.618  1.00 68.00  ? 120 TYR A OH  1 
ATOM   882  N N   . LEU A 1 121 ? -4.720  4.007   4.360   1.00 67.94  ? 121 LEU A N   1 
ATOM   883  C CA  . LEU A 1 121 ? -5.050  3.773   2.973   1.00 66.57  ? 121 LEU A CA  1 
ATOM   884  C C   . LEU A 1 121 ? -6.324  2.963   3.143   1.00 65.24  ? 121 LEU A C   1 
ATOM   885  O O   . LEU A 1 121 ? -6.508  2.311   4.162   1.00 64.67  ? 121 LEU A O   1 
ATOM   886  C CB  . LEU A 1 121 ? -3.974  2.933   2.298   1.00 66.92  ? 121 LEU A CB  1 
ATOM   887  C CG  . LEU A 1 121 ? -2.780  3.737   1.809   1.00 68.54  ? 121 LEU A CG  1 
ATOM   888  C CD1 . LEU A 1 121 ? -1.742  2.839   1.228   1.00 67.54  ? 121 LEU A CD1 1 
ATOM   889  C CD2 . LEU A 1 121 ? -3.261  4.713   0.760   1.00 69.64  ? 121 LEU A CD2 1 
ATOM   890  N N   . ALA A 1 122 ? -7.209  2.998   2.162   1.00 63.60  ? 122 ALA A N   1 
ATOM   891  C CA  . ALA A 1 122 ? -8.445  2.256   2.291   1.00 63.21  ? 122 ALA A CA  1 
ATOM   892  C C   . ALA A 1 122 ? -8.335  0.853   1.733   1.00 64.19  ? 122 ALA A C   1 
ATOM   893  O O   . ALA A 1 122 ? -7.601  0.589   0.780   1.00 64.29  ? 122 ALA A O   1 
ATOM   894  C CB  . ALA A 1 122 ? -9.582  2.994   1.596   1.00 60.70  ? 122 ALA A CB  1 
ATOM   895  N N   . PHE A 1 123 ? -9.082  -0.055  2.338   1.00 64.56  ? 123 PHE A N   1 
ATOM   896  C CA  . PHE A 1 123 ? -9.094  -1.408  1.862   1.00 65.82  ? 123 PHE A CA  1 
ATOM   897  C C   . PHE A 1 123 ? -10.466 -2.013  2.065   1.00 67.75  ? 123 PHE A C   1 
ATOM   898  O O   . PHE A 1 123 ? -10.671 -2.785  2.999   1.00 68.17  ? 123 PHE A O   1 
ATOM   899  C CB  . PHE A 1 123 ? -8.050  -2.258  2.578   1.00 65.23  ? 123 PHE A CB  1 
ATOM   900  C CG  . PHE A 1 123 ? -7.804  -3.579  1.910   1.00 67.73  ? 123 PHE A CG  1 
ATOM   901  C CD1 . PHE A 1 123 ? -6.961  -3.670  0.804   1.00 67.11  ? 123 PHE A CD1 1 
ATOM   902  C CD2 . PHE A 1 123 ? -8.474  -4.722  2.335   1.00 68.60  ? 123 PHE A CD2 1 
ATOM   903  C CE1 . PHE A 1 123 ? -6.794  -4.870  0.134   1.00 65.93  ? 123 PHE A CE1 1 
ATOM   904  C CE2 . PHE A 1 123 ? -8.314  -5.930  1.667   1.00 68.56  ? 123 PHE A CE2 1 
ATOM   905  C CZ  . PHE A 1 123 ? -7.474  -6.000  0.566   1.00 67.25  ? 123 PHE A CZ  1 
ATOM   906  N N   . PRO A 1 124 ? -11.441 -1.636  1.222   1.00 69.03  ? 124 PRO A N   1 
ATOM   907  C CA  . PRO A 1 124 ? -12.787 -2.204  1.370   1.00 71.21  ? 124 PRO A CA  1 
ATOM   908  C C   . PRO A 1 124 ? -12.814 -3.677  0.936   1.00 73.09  ? 124 PRO A C   1 
ATOM   909  O O   . PRO A 1 124 ? -12.825 -4.007  -0.255  1.00 72.51  ? 124 PRO A O   1 
ATOM   910  C CB  . PRO A 1 124 ? -13.657 -1.289  0.502   1.00 71.49  ? 124 PRO A CB  1 
ATOM   911  C CG  . PRO A 1 124 ? -12.705 -0.697  -0.468  1.00 72.29  ? 124 PRO A CG  1 
ATOM   912  C CD  . PRO A 1 124 ? -11.467 -0.454  0.348   1.00 70.68  ? 124 PRO A CD  1 
ATOM   913  N N   . ARG A 1 125 ? -12.821 -4.550  1.938   1.00 74.76  ? 125 ARG A N   1 
ATOM   914  C CA  . ARG A 1 125 ? -12.805 -5.998  1.747   1.00 76.85  ? 125 ARG A CA  1 
ATOM   915  C C   . ARG A 1 125 ? -13.940 -6.576  0.904   1.00 78.69  ? 125 ARG A C   1 
ATOM   916  O O   . ARG A 1 125 ? -13.684 -7.289  -0.064  1.00 79.20  ? 125 ARG A O   1 
ATOM   917  C CB  . ARG A 1 125 ? -12.760 -6.683  3.117   1.00 74.50  ? 125 ARG A CB  1 
ATOM   918  C CG  . ARG A 1 125 ? -11.484 -6.395  3.890   1.00 72.59  ? 125 ARG A CG  1 
ATOM   919  C CD  . ARG A 1 125 ? -11.560 -6.902  5.318   1.00 71.46  ? 125 ARG A CD  1 
ATOM   920  N NE  . ARG A 1 125 ? -12.699 -6.356  6.046   1.00 70.45  ? 125 ARG A NE  1 
ATOM   921  C CZ  . ARG A 1 125 ? -12.942 -6.584  7.331   1.00 70.02  ? 125 ARG A CZ  1 
ATOM   922  N NH1 . ARG A 1 125 ? -12.117 -7.347  8.029   1.00 71.60  ? 125 ARG A NH1 1 
ATOM   923  N NH2 . ARG A 1 125 ? -14.011 -6.060  7.914   1.00 70.82  ? 125 ARG A NH2 1 
ATOM   924  N N   . ALA A 1 126 ? -15.185 -6.280  1.276   1.00 80.15  ? 126 ALA A N   1 
ATOM   925  C CA  . ALA A 1 126 ? -16.353 -6.772  0.546   1.00 81.82  ? 126 ALA A CA  1 
ATOM   926  C C   . ALA A 1 126 ? -16.492 -6.054  -0.803  1.00 82.65  ? 126 ALA A C   1 
ATOM   927  O O   . ALA A 1 126 ? -17.582 -5.604  -1.183  1.00 84.56  ? 126 ALA A O   1 
ATOM   928  C CB  . ALA A 1 126 ? -17.622 -6.578  1.394   1.00 80.33  ? 126 ALA A CB  1 
ATOM   929  N N   . GLY A 1 127 ? -15.377 -5.949  -1.522  1.00 82.62  ? 127 GLY A N   1 
ATOM   930  C CA  . GLY A 1 127 ? -15.383 -5.290  -2.815  1.00 83.33  ? 127 GLY A CA  1 
ATOM   931  C C   . GLY A 1 127 ? -15.882 -3.852  -2.807  1.00 83.70  ? 127 GLY A C   1 
ATOM   932  O O   . GLY A 1 127 ? -16.326 -3.341  -1.780  1.00 82.16  ? 127 GLY A O   1 
ATOM   933  N N   . MET A 1 128 ? -15.826 -3.213  -3.977  1.00 83.80  ? 128 MET A N   1 
ATOM   934  C CA  . MET A 1 128 ? -16.242 -1.822  -4.147  1.00 85.29  ? 128 MET A CA  1 
ATOM   935  C C   . MET A 1 128 ? -17.718 -1.726  -4.483  1.00 86.86  ? 128 MET A C   1 
ATOM   936  O O   . MET A 1 128 ? -18.170 -0.721  -5.027  1.00 86.97  ? 128 MET A O   1 
ATOM   937  C CB  . MET A 1 128 ? -15.464 -1.175  -5.291  1.00 83.15  ? 128 MET A CB  1 
ATOM   938  C CG  . MET A 1 128 ? -14.048 -1.662  -5.453  1.00 83.01  ? 128 MET A CG  1 
ATOM   939  S SD  . MET A 1 128 ? -12.991 -1.112  -4.125  1.00 84.90  ? 128 MET A SD  1 
ATOM   940  C CE  . MET A 1 128 ? -13.085 0.600   -4.375  1.00 82.37  ? 128 MET A CE  1 
ATOM   941  N N   . ASN A 1 129 ? -18.478 -2.760  -4.161  1.00 88.47  ? 129 ASN A N   1 
ATOM   942  C CA  . ASN A 1 129 ? -19.877 -2.729  -4.518  1.00 89.75  ? 129 ASN A CA  1 
ATOM   943  C C   . ASN A 1 129 ? -20.874 -2.776  -3.379  1.00 89.34  ? 129 ASN A C   1 
ATOM   944  O O   . ASN A 1 129 ? -21.684 -3.698  -3.299  1.00 89.71  ? 129 ASN A O   1 
ATOM   945  C CB  . ASN A 1 129 ? -20.166 -3.854  -5.511  1.00 92.86  ? 129 ASN A CB  1 
ATOM   946  C CG  . ASN A 1 129 ? -21.523 -3.714  -6.158  1.00 94.87  ? 129 ASN A CG  1 
ATOM   947  O OD1 . ASN A 1 129 ? -21.873 -2.647  -6.661  1.00 96.03  ? 129 ASN A OD1 1 
ATOM   948  N ND2 . ASN A 1 129 ? -22.297 -4.793  -6.154  1.00 97.04  ? 129 ASN A ND2 1 
ATOM   949  N N   . ASN A 1 130 ? -20.829 -1.778  -2.504  1.00 88.65  ? 130 ASN A N   1 
ATOM   950  C CA  . ASN A 1 130 ? -21.769 -1.716  -1.395  1.00 87.68  ? 130 ASN A CA  1 
ATOM   951  C C   . ASN A 1 130 ? -21.695 -0.407  -0.639  1.00 87.62  ? 130 ASN A C   1 
ATOM   952  O O   . ASN A 1 130 ? -20.709 0.319   -0.732  1.00 86.71  ? 130 ASN A O   1 
ATOM   953  C CB  . ASN A 1 130 ? -21.567 -2.894  -0.439  1.00 88.88  ? 130 ASN A CB  1 
ATOM   954  C CG  . ASN A 1 130 ? -20.166 -2.966  0.126   1.00 89.81  ? 130 ASN A CG  1 
ATOM   955  O OD1 . ASN A 1 130 ? -19.177 -3.025  -0.609  1.00 88.94  ? 130 ASN A OD1 1 
ATOM   956  N ND2 . ASN A 1 130 ? -20.077 -2.978  1.450   1.00 89.83  ? 130 ASN A ND2 1 
ATOM   957  N N   . GLN A 1 131 ? -22.763 -0.108  0.093   1.00 86.34  ? 131 GLN A N   1 
ATOM   958  C CA  . GLN A 1 131 ? -22.877 1.114   0.869   1.00 84.62  ? 131 GLN A CA  1 
ATOM   959  C C   . GLN A 1 131 ? -21.555 1.434   1.570   1.00 83.55  ? 131 GLN A C   1 
ATOM   960  O O   . GLN A 1 131 ? -21.096 2.581   1.592   1.00 82.36  ? 131 GLN A O   1 
ATOM   961  C CB  . GLN A 1 131 ? -23.993 0.934   1.891   1.00 86.22  ? 131 GLN A CB  1 
ATOM   962  C CG  . GLN A 1 131 ? -24.537 2.225   2.486   1.00 89.45  ? 131 GLN A CG  1 
ATOM   963  C CD  . GLN A 1 131 ? -25.490 1.979   3.655   1.00 91.54  ? 131 GLN A CD  1 
ATOM   964  O OE1 . GLN A 1 131 ? -25.088 1.473   4.714   1.00 91.52  ? 131 GLN A OE1 1 
ATOM   965  N NE2 . GLN A 1 131 ? -26.758 2.334   3.465   1.00 91.55  ? 131 GLN A NE2 1 
ATOM   966  N N   . THR A 1 132 ? -20.943 0.395   2.126   1.00 81.13  ? 132 THR A N   1 
ATOM   967  C CA  . THR A 1 132 ? -19.677 0.492   2.845   1.00 78.89  ? 132 THR A CA  1 
ATOM   968  C C   . THR A 1 132 ? -18.480 0.961   2.013   1.00 78.21  ? 132 THR A C   1 
ATOM   969  O O   . THR A 1 132 ? -17.647 1.731   2.483   1.00 77.77  ? 132 THR A O   1 
ATOM   970  C CB  . THR A 1 132 ? -19.349 -0.860  3.460   1.00 78.90  ? 132 THR A CB  1 
ATOM   971  O OG1 . THR A 1 132 ? -20.345 -1.175  4.440   1.00 79.60  ? 132 THR A OG1 1 
ATOM   972  C CG2 . THR A 1 132 ? -17.970 -0.849  4.097   1.00 77.96  ? 132 THR A CG2 1 
ATOM   973  N N   . ALA A 1 133 ? -18.383 0.485   0.784   1.00 77.02  ? 133 ALA A N   1 
ATOM   974  C CA  . ALA A 1 133 ? -17.282 0.891   -0.070  1.00 76.83  ? 133 ALA A CA  1 
ATOM   975  C C   . ALA A 1 133 ? -17.515 2.322   -0.537  1.00 77.39  ? 133 ALA A C   1 
ATOM   976  O O   . ALA A 1 133 ? -16.575 3.059   -0.847  1.00 77.97  ? 133 ALA A O   1 
ATOM   977  C CB  . ALA A 1 133 ? -17.190 -0.032  -1.261  1.00 76.61  ? 133 ALA A CB  1 
ATOM   978  N N   . LYS A 1 134 ? -18.782 2.709   -0.575  1.00 79.21  ? 134 LYS A N   1 
ATOM   979  C CA  . LYS A 1 134 ? -19.161 4.043   -1.023  1.00 79.80  ? 134 LYS A CA  1 
ATOM   980  C C   . LYS A 1 134 ? -18.937 5.072   0.082   1.00 78.34  ? 134 LYS A C   1 
ATOM   981  O O   . LYS A 1 134 ? -18.638 6.239   -0.185  1.00 77.46  ? 134 LYS A O   1 
ATOM   982  C CB  . LYS A 1 134 ? -20.636 4.044   -1.434  1.00 82.58  ? 134 LYS A CB  1 
ATOM   983  C CG  . LYS A 1 134 ? -21.059 2.846   -2.286  1.00 86.94  ? 134 LYS A CG  1 
ATOM   984  C CD  . LYS A 1 134 ? -21.050 3.134   -3.771  1.00 89.17  ? 134 LYS A CD  1 
ATOM   985  N N   . GLN A 1 135 ? -19.100 4.637   1.326   1.00 76.32  ? 135 GLN A N   1 
ATOM   986  C CA  . GLN A 1 135 ? -18.909 5.528   2.462   1.00 74.56  ? 135 GLN A CA  1 
ATOM   987  C C   . GLN A 1 135 ? -17.436 5.863   2.627   1.00 73.59  ? 135 GLN A C   1 
ATOM   988  O O   . GLN A 1 135 ? -17.076 6.984   2.978   1.00 74.54  ? 135 GLN A O   1 
ATOM   989  C CB  . GLN A 1 135 ? -19.429 4.872   3.733   1.00 74.30  ? 135 GLN A CB  1 
ATOM   990  C CG  . GLN A 1 135 ? -20.849 4.397   3.607   1.00 75.08  ? 135 GLN A CG  1 
ATOM   991  C CD  . GLN A 1 135 ? -21.317 3.695   4.843   1.00 75.58  ? 135 GLN A CD  1 
ATOM   992  O OE1 . GLN A 1 135 ? -20.688 2.750   5.299   1.00 77.09  ? 135 GLN A OE1 1 
ATOM   993  N NE2 . GLN A 1 135 ? -22.425 4.152   5.400   1.00 77.36  ? 135 GLN A NE2 1 
ATOM   994  N N   . MET A 1 136 ? -16.581 4.887   2.362   1.00 70.12  ? 136 MET A N   1 
ATOM   995  C CA  . MET A 1 136 ? -15.156 5.105   2.491   1.00 68.63  ? 136 MET A CA  1 
ATOM   996  C C   . MET A 1 136 ? -14.628 6.016   1.413   1.00 68.88  ? 136 MET A C   1 
ATOM   997  O O   . MET A 1 136 ? -13.655 6.726   1.619   1.00 68.84  ? 136 MET A O   1 
ATOM   998  C CB  . MET A 1 136 ? -14.412 3.776   2.476   1.00 69.36  ? 136 MET A CB  1 
ATOM   999  C CG  . MET A 1 136 ? -14.500 3.055   3.812   1.00 70.50  ? 136 MET A CG  1 
ATOM   1000 S SD  . MET A 1 136 ? -13.604 1.529   3.882   1.00 74.86  ? 136 MET A SD  1 
ATOM   1001 C CE  . MET A 1 136 ? -14.913 0.432   3.576   1.00 72.87  ? 136 MET A CE  1 
ATOM   1002 N N   . GLU A 1 137 ? -15.261 5.998   0.250   1.00 67.66  ? 137 GLU A N   1 
ATOM   1003 C CA  . GLU A 1 137 ? -14.825 6.877   -0.822  1.00 68.36  ? 137 GLU A CA  1 
ATOM   1004 C C   . GLU A 1 137 ? -15.123 8.283   -0.324  1.00 67.35  ? 137 GLU A C   1 
ATOM   1005 O O   . GLU A 1 137 ? -14.293 9.185   -0.401  1.00 66.14  ? 137 GLU A O   1 
ATOM   1006 C CB  . GLU A 1 137 ? -15.611 6.595   -2.096  1.00 69.25  ? 137 GLU A CB  1 
ATOM   1007 C CG  . GLU A 1 137 ? -14.748 6.267   -3.286  1.00 74.66  ? 137 GLU A CG  1 
ATOM   1008 C CD  . GLU A 1 137 ? -13.915 7.435   -3.745  1.00 77.26  ? 137 GLU A CD  1 
ATOM   1009 O OE1 . GLU A 1 137 ? -14.483 8.533   -3.868  1.00 79.83  ? 137 GLU A OE1 1 
ATOM   1010 O OE2 . GLU A 1 137 ? -12.704 7.260   -4.001  1.00 77.61  ? 137 GLU A OE2 1 
ATOM   1011 N N   . ALA A 1 138 ? -16.322 8.446   0.217   1.00 66.60  ? 138 ALA A N   1 
ATOM   1012 C CA  . ALA A 1 138 ? -16.743 9.723   0.743   1.00 67.45  ? 138 ALA A CA  1 
ATOM   1013 C C   . ALA A 1 138 ? -15.736 10.178  1.779   1.00 67.45  ? 138 ALA A C   1 
ATOM   1014 O O   . ALA A 1 138 ? -15.237 11.298  1.715   1.00 71.63  ? 138 ALA A O   1 
ATOM   1015 C CB  . ALA A 1 138 ? -18.113 9.600   1.369   1.00 64.57  ? 138 ALA A CB  1 
ATOM   1016 N N   . ILE A 1 139 ? -15.426 9.306   2.728   1.00 64.48  ? 139 ILE A N   1 
ATOM   1017 C CA  . ILE A 1 139 ? -14.492 9.647   3.789   1.00 61.90  ? 139 ILE A CA  1 
ATOM   1018 C C   . ILE A 1 139 ? -13.107 10.033  3.313   1.00 61.39  ? 139 ILE A C   1 
ATOM   1019 O O   . ILE A 1 139 ? -12.545 11.006  3.787   1.00 62.03  ? 139 ILE A O   1 
ATOM   1020 C CB  . ILE A 1 139 ? -14.325 8.484   4.792   1.00 61.47  ? 139 ILE A CB  1 
ATOM   1021 C CG1 . ILE A 1 139 ? -15.645 8.202   5.494   1.00 59.96  ? 139 ILE A CG1 1 
ATOM   1022 C CG2 . ILE A 1 139 ? -13.272 8.828   5.815   1.00 58.95  ? 139 ILE A CG2 1 
ATOM   1023 C CD1 . ILE A 1 139 ? -15.617 6.951   6.342   1.00 62.02  ? 139 ILE A CD1 1 
ATOM   1024 N N   . TRP A 1 140 ? -12.560 9.267   2.379   1.00 60.62  ? 140 TRP A N   1 
ATOM   1025 C CA  . TRP A 1 140 ? -11.213 9.506   1.879   1.00 60.27  ? 140 TRP A CA  1 
ATOM   1026 C C   . TRP A 1 140 ? -11.038 10.734  1.000   1.00 63.36  ? 140 TRP A C   1 
ATOM   1027 O O   . TRP A 1 140 ? -9.918  11.226  0.831   1.00 62.41  ? 140 TRP A O   1 
ATOM   1028 C CB  . TRP A 1 140 ? -10.718 8.260   1.138   1.00 55.52  ? 140 TRP A CB  1 
ATOM   1029 C CG  . TRP A 1 140 ? -9.709  7.475   1.912   1.00 52.90  ? 140 TRP A CG  1 
ATOM   1030 C CD1 . TRP A 1 140 ? -8.343  7.551   1.805   1.00 52.56  ? 140 TRP A CD1 1 
ATOM   1031 C CD2 . TRP A 1 140 ? -9.978  6.569   2.981   1.00 48.38  ? 140 TRP A CD2 1 
ATOM   1032 N NE1 . TRP A 1 140 ? -7.751  6.752   2.752   1.00 50.62  ? 140 TRP A NE1 1 
ATOM   1033 C CE2 . TRP A 1 140 ? -8.732  6.139   3.487   1.00 48.47  ? 140 TRP A CE2 1 
ATOM   1034 C CE3 . TRP A 1 140 ? -11.148 6.084   3.563   1.00 45.36  ? 140 TRP A CE3 1 
ATOM   1035 C CZ2 . TRP A 1 140 ? -8.630  5.248   4.548   1.00 47.77  ? 140 TRP A CZ2 1 
ATOM   1036 C CZ3 . TRP A 1 140 ? -11.053 5.206   4.607   1.00 43.65  ? 140 TRP A CZ3 1 
ATOM   1037 C CH2 . TRP A 1 140 ? -9.802  4.795   5.095   1.00 46.62  ? 140 TRP A CH2 1 
ATOM   1038 N N   . THR A 1 141 ? -12.147 11.228  0.448   1.00 64.16  ? 141 THR A N   1 
ATOM   1039 C CA  . THR A 1 141 ? -12.137 12.399  -0.434  1.00 65.05  ? 141 THR A CA  1 
ATOM   1040 C C   . THR A 1 141 ? -12.818 13.623  0.173   1.00 66.98  ? 141 THR A C   1 
ATOM   1041 O O   . THR A 1 141 ? -12.914 14.671  -0.469  1.00 69.45  ? 141 THR A O   1 
ATOM   1042 C CB  . THR A 1 141 ? -12.837 12.094  -1.769  1.00 63.24  ? 141 THR A CB  1 
ATOM   1043 O OG1 . THR A 1 141 ? -14.170 11.646  -1.509  1.00 64.01  ? 141 THR A OG1 1 
ATOM   1044 C CG2 . THR A 1 141 ? -12.082 11.027  -2.541  1.00 61.86  ? 141 THR A CG2 1 
ATOM   1045 N N   . ALA A 1 142 ? -13.283 13.485  1.412   1.00 68.38  ? 142 ALA A N   1 
ATOM   1046 C CA  . ALA A 1 142 ? -13.967 14.560  2.123   1.00 69.31  ? 142 ALA A CA  1 
ATOM   1047 C C   . ALA A 1 142 ? -13.130 15.840  2.198   1.00 70.55  ? 142 ALA A C   1 
ATOM   1048 O O   . ALA A 1 142 ? -12.033 15.882  1.656   1.00 73.25  ? 142 ALA A O   1 
ATOM   1049 C CB  . ALA A 1 142 ? -14.325 14.081  3.512   1.00 68.44  ? 142 ALA A CB  1 
ATOM   1050 N N   . LYS A 1 143 ? -13.639 16.881  2.865   1.00 73.60  ? 143 LYS A N   1 
ATOM   1051 C CA  . LYS A 1 143 ? -12.893 18.138  2.978   1.00 74.50  ? 143 LYS A CA  1 
ATOM   1052 C C   . LYS A 1 143 ? -11.793 18.084  4.032   1.00 74.43  ? 143 LYS A C   1 
ATOM   1053 O O   . LYS A 1 143 ? -10.823 18.831  3.966   1.00 72.58  ? 143 LYS A O   1 
ATOM   1054 C CB  . LYS A 1 143 ? -13.842 19.307  3.258   1.00 76.10  ? 143 LYS A CB  1 
ATOM   1055 C CG  . LYS A 1 143 ? -14.011 20.238  2.055   1.00 80.46  ? 143 LYS A CG  1 
ATOM   1056 C CD  . LYS A 1 143 ? -14.831 21.501  2.382   1.00 82.70  ? 143 LYS A CD  1 
ATOM   1057 C CE  . LYS A 1 143 ? -14.314 22.204  3.633   1.00 82.87  ? 143 LYS A CE  1 
ATOM   1058 N NZ  . LYS A 1 143 ? -12.840 22.369  3.611   1.00 83.31  ? 143 LYS A NZ  1 
ATOM   1059 N N   . ASP A 1 144 ? -11.964 17.185  4.996   1.00 74.55  ? 144 ASP A N   1 
ATOM   1060 C CA  . ASP A 1 144 ? -11.007 16.948  6.085   1.00 74.84  ? 144 ASP A CA  1 
ATOM   1061 C C   . ASP A 1 144 ? -11.180 15.477  6.491   1.00 74.73  ? 144 ASP A C   1 
ATOM   1062 O O   . ASP A 1 144 ? -11.903 15.170  7.437   1.00 74.98  ? 144 ASP A O   1 
ATOM   1063 C CB  . ASP A 1 144 ? -11.302 17.865  7.287   1.00 76.40  ? 144 ASP A CB  1 
ATOM   1064 C CG  . ASP A 1 144 ? -10.251 17.756  8.405   1.00 78.62  ? 144 ASP A CG  1 
ATOM   1065 O OD1 . ASP A 1 144 ? -9.937  18.798  9.028   1.00 80.71  ? 144 ASP A OD1 1 
ATOM   1066 O OD2 . ASP A 1 144 ? -9.748  16.643  8.674   1.00 77.03  ? 144 ASP A OD2 1 
ATOM   1067 N N   . PRO A 1 145 ? -10.524 14.554  5.766   1.00 73.40  ? 145 PRO A N   1 
ATOM   1068 C CA  . PRO A 1 145 ? -10.584 13.108  6.010   1.00 69.79  ? 145 PRO A CA  1 
ATOM   1069 C C   . PRO A 1 145 ? -10.428 12.642  7.454   1.00 69.85  ? 145 PRO A C   1 
ATOM   1070 O O   . PRO A 1 145 ? -11.038 11.653  7.852   1.00 69.46  ? 145 PRO A O   1 
ATOM   1071 C CB  . PRO A 1 145 ? -9.491  12.567  5.100   1.00 72.07  ? 145 PRO A CB  1 
ATOM   1072 C CG  . PRO A 1 145 ? -9.574  13.490  3.935   1.00 72.20  ? 145 PRO A CG  1 
ATOM   1073 C CD  . PRO A 1 145 ? -9.662  14.840  4.608   1.00 71.72  ? 145 PRO A CD  1 
ATOM   1074 N N   . VAL A 1 146 ? -9.614  13.345  8.233   1.00 66.74  ? 146 VAL A N   1 
ATOM   1075 C CA  . VAL A 1 146 ? -9.416  12.982  9.627   1.00 62.84  ? 146 VAL A CA  1 
ATOM   1076 C C   . VAL A 1 146 ? -10.719 13.100  10.397  1.00 62.00  ? 146 VAL A C   1 
ATOM   1077 O O   . VAL A 1 146 ? -11.050 12.241  11.204  1.00 63.44  ? 146 VAL A O   1 
ATOM   1078 C CB  . VAL A 1 146 ? -8.354  13.872  10.277  1.00 62.22  ? 146 VAL A CB  1 
ATOM   1079 C CG1 . VAL A 1 146 ? -8.291  13.616  11.757  1.00 63.24  ? 146 VAL A CG1 1 
ATOM   1080 C CG2 . VAL A 1 146 ? -7.016  13.585  9.658   1.00 61.44  ? 146 VAL A CG2 1 
ATOM   1081 N N   . PHE A 1 147 ? -11.464 14.165  10.143  1.00 60.37  ? 147 PHE A N   1 
ATOM   1082 C CA  . PHE A 1 147 ? -12.728 14.368  10.822  1.00 59.40  ? 147 PHE A CA  1 
ATOM   1083 C C   . PHE A 1 147 ? -13.705 13.336  10.321  1.00 59.90  ? 147 PHE A C   1 
ATOM   1084 O O   . PHE A 1 147 ? -14.389 12.688  11.105  1.00 63.61  ? 147 PHE A O   1 
ATOM   1085 C CB  . PHE A 1 147 ? -13.282 15.768  10.540  1.00 59.96  ? 147 PHE A CB  1 
ATOM   1086 C CG  . PHE A 1 147 ? -14.536 16.092  11.297  1.00 59.01  ? 147 PHE A CG  1 
ATOM   1087 C CD1 . PHE A 1 147 ? -14.471 16.686  12.552  1.00 60.05  ? 147 PHE A CD1 1 
ATOM   1088 C CD2 . PHE A 1 147 ? -15.783 15.794  10.756  1.00 57.83  ? 147 PHE A CD2 1 
ATOM   1089 C CE1 . PHE A 1 147 ? -15.633 16.984  13.258  1.00 62.27  ? 147 PHE A CE1 1 
ATOM   1090 C CE2 . PHE A 1 147 ? -16.953 16.082  11.448  1.00 59.54  ? 147 PHE A CE2 1 
ATOM   1091 C CZ  . PHE A 1 147 ? -16.883 16.678  12.701  1.00 61.05  ? 147 PHE A CZ  1 
ATOM   1092 N N   . ALA A 1 148 ? -13.763 13.186  9.005   1.00 59.73  ? 148 ALA A N   1 
ATOM   1093 C CA  . ALA A 1 148 ? -14.669 12.232  8.386   1.00 59.78  ? 148 ALA A CA  1 
ATOM   1094 C C   . ALA A 1 148 ? -14.444 10.830  8.917   1.00 60.82  ? 148 ALA A C   1 
ATOM   1095 O O   . ALA A 1 148 ? -15.399 10.134  9.259   1.00 63.20  ? 148 ALA A O   1 
ATOM   1096 C CB  . ALA A 1 148 ? -14.486 12.248  6.891   1.00 57.11  ? 148 ALA A CB  1 
ATOM   1097 N N   . LEU A 1 149 ? -13.174 10.434  8.984   1.00 61.17  ? 149 LEU A N   1 
ATOM   1098 C CA  . LEU A 1 149 ? -12.792 9.117   9.469   1.00 63.20  ? 149 LEU A CA  1 
ATOM   1099 C C   . LEU A 1 149 ? -12.992 8.995   10.966  1.00 63.06  ? 149 LEU A C   1 
ATOM   1100 O O   . LEU A 1 149 ? -13.526 7.993   11.435  1.00 61.94  ? 149 LEU A O   1 
ATOM   1101 C CB  . LEU A 1 149 ? -11.324 8.806   9.130   1.00 65.11  ? 149 LEU A CB  1 
ATOM   1102 C CG  . LEU A 1 149 ? -10.800 7.446   9.635   1.00 67.13  ? 149 LEU A CG  1 
ATOM   1103 C CD1 . LEU A 1 149 ? -11.583 6.354   8.921   1.00 66.18  ? 149 LEU A CD1 1 
ATOM   1104 C CD2 . LEU A 1 149 ? -9.291  7.288   9.398   1.00 62.64  ? 149 LEU A CD2 1 
ATOM   1105 N N   . ASN A 1 150 ? -12.555 10.001  11.716  1.00 62.74  ? 150 ASN A N   1 
ATOM   1106 C CA  . ASN A 1 150 ? -12.725 9.944   13.158  1.00 63.38  ? 150 ASN A CA  1 
ATOM   1107 C C   . ASN A 1 150 ? -14.190 9.696   13.480  1.00 63.88  ? 150 ASN A C   1 
ATOM   1108 O O   . ASN A 1 150 ? -14.511 8.890   14.359  1.00 63.63  ? 150 ASN A O   1 
ATOM   1109 C CB  . ASN A 1 150 ? -12.237 11.228  13.831  1.00 62.81  ? 150 ASN A CB  1 
ATOM   1110 C CG  . ASN A 1 150 ? -10.721 11.309  13.910  1.00 64.91  ? 150 ASN A CG  1 
ATOM   1111 O OD1 . ASN A 1 150 ? -10.023 10.296  13.886  1.00 67.71  ? 150 ASN A OD1 1 
ATOM   1112 N ND2 . ASN A 1 150 ? -10.205 12.518  14.022  1.00 66.27  ? 150 ASN A ND2 1 
ATOM   1113 N N   . GLU A 1 151 ? -15.073 10.362  12.738  1.00 62.78  ? 151 GLU A N   1 
ATOM   1114 C CA  . GLU A 1 151 ? -16.513 10.214  12.932  1.00 62.67  ? 151 GLU A CA  1 
ATOM   1115 C C   . GLU A 1 151 ? -17.067 8.875   12.467  1.00 62.37  ? 151 GLU A C   1 
ATOM   1116 O O   . GLU A 1 151 ? -17.955 8.313   13.096  1.00 62.07  ? 151 GLU A O   1 
ATOM   1117 C CB  . GLU A 1 151 ? -17.244 11.360  12.246  1.00 63.56  ? 151 GLU A CB  1 
ATOM   1118 C CG  . GLU A 1 151 ? -17.115 12.666  13.018  1.00 67.65  ? 151 GLU A CG  1 
ATOM   1119 C CD  . GLU A 1 151 ? -17.858 12.635  14.348  1.00 69.20  ? 151 GLU A CD  1 
ATOM   1120 O OE1 . GLU A 1 151 ? -19.107 12.605  14.331  1.00 67.69  ? 151 GLU A OE1 1 
ATOM   1121 O OE2 . GLU A 1 151 ? -17.195 12.638  15.409  1.00 68.24  ? 151 GLU A OE2 1 
ATOM   1122 N N   . ALA A 1 152 ? -16.555 8.362   11.359  1.00 60.77  ? 152 ALA A N   1 
ATOM   1123 C CA  . ALA A 1 152 ? -16.996 7.065   10.874  1.00 61.46  ? 152 ALA A CA  1 
ATOM   1124 C C   . ALA A 1 152 ? -16.674 6.015   11.937  1.00 62.21  ? 152 ALA A C   1 
ATOM   1125 O O   . ALA A 1 152 ? -17.444 5.078   12.174  1.00 64.29  ? 152 ALA A O   1 
ATOM   1126 C CB  . ALA A 1 152 ? -16.283 6.722   9.584   1.00 59.46  ? 152 ALA A CB  1 
ATOM   1127 N N   . GLU A 1 153 ? -15.532 6.175   12.593  1.00 62.21  ? 153 GLU A N   1 
ATOM   1128 C CA  . GLU A 1 153 ? -15.128 5.221   13.616  1.00 61.65  ? 153 GLU A CA  1 
ATOM   1129 C C   . GLU A 1 153 ? -15.966 5.325   14.873  1.00 61.26  ? 153 GLU A C   1 
ATOM   1130 O O   . GLU A 1 153 ? -16.041 4.390   15.664  1.00 61.39  ? 153 GLU A O   1 
ATOM   1131 C CB  . GLU A 1 153 ? -13.659 5.414   13.957  1.00 61.79  ? 153 GLU A CB  1 
ATOM   1132 C CG  . GLU A 1 153 ? -12.739 4.999   12.850  1.00 65.97  ? 153 GLU A CG  1 
ATOM   1133 C CD  . GLU A 1 153 ? -12.840 3.508   12.535  1.00 69.23  ? 153 GLU A CD  1 
ATOM   1134 O OE1 . GLU A 1 153 ? -12.729 2.686   13.465  1.00 70.40  ? 153 GLU A OE1 1 
ATOM   1135 O OE2 . GLU A 1 153 ? -13.023 3.150   11.354  1.00 72.60  ? 153 GLU A OE2 1 
ATOM   1136 N N   . LYS A 1 154 ? -16.594 6.470   15.067  1.00 59.99  ? 154 LYS A N   1 
ATOM   1137 C CA  . LYS A 1 154 ? -17.430 6.650   16.235  1.00 60.64  ? 154 LYS A CA  1 
ATOM   1138 C C   . LYS A 1 154 ? -18.861 6.192   15.924  1.00 61.99  ? 154 LYS A C   1 
ATOM   1139 O O   . LYS A 1 154 ? -19.744 6.238   16.773  1.00 62.43  ? 154 LYS A O   1 
ATOM   1140 C CB  . LYS A 1 154 ? -17.398 8.115   16.679  1.00 61.42  ? 154 LYS A CB  1 
ATOM   1141 C CG  . LYS A 1 154 ? -16.077 8.547   17.310  1.00 61.57  ? 154 LYS A CG  1 
ATOM   1142 C CD  . LYS A 1 154 ? -16.086 10.012  17.688  1.00 63.22  ? 154 LYS A CD  1 
ATOM   1143 C CE  . LYS A 1 154 ? -14.697 10.505  18.083  1.00 65.74  ? 154 LYS A CE  1 
ATOM   1144 N NZ  . LYS A 1 154 ? -14.610 12.004  18.098  1.00 65.93  ? 154 LYS A NZ  1 
ATOM   1145 N N   . GLY A 1 155 ? -19.079 5.738   14.694  1.00 63.48  ? 155 GLY A N   1 
ATOM   1146 C CA  . GLY A 1 155 ? -20.396 5.273   14.306  1.00 64.35  ? 155 GLY A CA  1 
ATOM   1147 C C   . GLY A 1 155 ? -21.166 6.200   13.379  1.00 67.56  ? 155 GLY A C   1 
ATOM   1148 O O   . GLY A 1 155 ? -22.203 5.810   12.840  1.00 70.78  ? 155 GLY A O   1 
ATOM   1149 N N   . ASN A 1 156 ? -20.671 7.420   13.181  1.00 65.62  ? 156 ASN A N   1 
ATOM   1150 C CA  . ASN A 1 156 ? -21.346 8.379   12.313  1.00 64.39  ? 156 ASN A CA  1 
ATOM   1151 C C   . ASN A 1 156 ? -20.909 8.251   10.862  1.00 65.20  ? 156 ASN A C   1 
ATOM   1152 O O   . ASN A 1 156 ? -19.992 8.938   10.434  1.00 65.37  ? 156 ASN A O   1 
ATOM   1153 C CB  . ASN A 1 156 ? -21.059 9.808   12.769  1.00 61.60  ? 156 ASN A CB  1 
ATOM   1154 C CG  . ASN A 1 156 ? -21.392 10.040  14.227  1.00 61.99  ? 156 ASN A CG  1 
ATOM   1155 O OD1 . ASN A 1 156 ? -22.394 9.541   14.730  1.00 62.76  ? 156 ASN A OD1 1 
ATOM   1156 N ND2 . ASN A 1 156 ? -20.563 10.826  14.910  1.00 60.01  ? 156 ASN A ND2 1 
ATOM   1157 N N   . LEU A 1 157 ? -21.551 7.383   10.095  1.00 65.71  ? 157 LEU A N   1 
ATOM   1158 C CA  . LEU A 1 157 ? -21.167 7.240   8.700   1.00 66.54  ? 157 LEU A CA  1 
ATOM   1159 C C   . LEU A 1 157 ? -21.768 8.367   7.884   1.00 68.36  ? 157 LEU A C   1 
ATOM   1160 O O   . LEU A 1 157 ? -22.770 8.946   8.274   1.00 69.66  ? 157 LEU A O   1 
ATOM   1161 C CB  . LEU A 1 157 ? -21.633 5.896   8.157   1.00 65.40  ? 157 LEU A CB  1 
ATOM   1162 C CG  . LEU A 1 157 ? -20.819 4.746   8.744   1.00 66.57  ? 157 LEU A CG  1 
ATOM   1163 C CD1 . LEU A 1 157 ? -21.424 3.424   8.324   1.00 68.53  ? 157 LEU A CD1 1 
ATOM   1164 C CD2 . LEU A 1 157 ? -19.384 4.842   8.257   1.00 63.92  ? 157 LEU A CD2 1 
ATOM   1165 N N   . PRO A 1 158 ? -21.145 8.720   6.751   1.00 70.00  ? 158 PRO A N   1 
ATOM   1166 C CA  . PRO A 1 158 ? -21.685 9.796   5.919   1.00 70.81  ? 158 PRO A CA  1 
ATOM   1167 C C   . PRO A 1 158 ? -23.008 9.386   5.298   1.00 73.92  ? 158 PRO A C   1 
ATOM   1168 O O   . PRO A 1 158 ? -23.149 8.256   4.829   1.00 75.39  ? 158 PRO A O   1 
ATOM   1169 C CB  . PRO A 1 158 ? -20.587 10.015  4.876   1.00 69.84  ? 158 PRO A CB  1 
ATOM   1170 C CG  . PRO A 1 158 ? -19.903 8.700   4.814   1.00 69.16  ? 158 PRO A CG  1 
ATOM   1171 C CD  . PRO A 1 158 ? -19.824 8.304   6.258   1.00 69.38  ? 158 PRO A CD  1 
ATOM   1172 N N   . LYS A 1 159 ? -23.975 10.299  5.309   1.00 76.49  ? 159 LYS A N   1 
ATOM   1173 C CA  . LYS A 1 159 ? -25.287 10.032  4.746   1.00 79.09  ? 159 LYS A CA  1 
ATOM   1174 C C   . LYS A 1 159 ? -25.182 9.928   3.233   1.00 81.28  ? 159 LYS A C   1 
ATOM   1175 O O   . LYS A 1 159 ? -25.600 8.935   2.640   1.00 80.73  ? 159 LYS A O   1 
ATOM   1176 C CB  . LYS A 1 159 ? -26.257 11.142  5.127   1.00 79.39  ? 159 LYS A CB  1 
ATOM   1177 N N   . GLU A 1 160 ? -24.630 10.957  2.601   1.00 83.90  ? 160 GLU A N   1 
ATOM   1178 C CA  . GLU A 1 160 ? -24.481 10.926  1.154   1.00 85.79  ? 160 GLU A CA  1 
ATOM   1179 C C   . GLU A 1 160 ? -23.427 9.874   0.842   1.00 84.82  ? 160 GLU A C   1 
ATOM   1180 O O   . GLU A 1 160 ? -23.077 9.089   1.721   1.00 87.67  ? 160 GLU A O   1 
ATOM   1181 C CB  . GLU A 1 160 ? -24.085 12.314  0.634   1.00 89.78  ? 160 GLU A CB  1 
ATOM   1182 C CG  . GLU A 1 160 ? -22.962 12.996  1.389   1.00 96.72  ? 160 GLU A CG  1 
ATOM   1183 C CD  . GLU A 1 160 ? -21.600 12.378  1.121   1.00 101.51 ? 160 GLU A CD  1 
ATOM   1184 O OE1 . GLU A 1 160 ? -21.385 11.208  1.505   1.00 103.25 ? 160 GLU A OE1 1 
ATOM   1185 O OE2 . GLU A 1 160 ? -20.737 13.065  0.525   1.00 103.60 ? 160 GLU A OE2 1 
ATOM   1186 N N   . VAL A 1 161 ? -22.903 9.840   -0.377  1.00 82.18  ? 161 VAL A N   1 
ATOM   1187 C CA  . VAL A 1 161 ? -21.910 8.826   -0.690  1.00 79.92  ? 161 VAL A CA  1 
ATOM   1188 C C   . VAL A 1 161 ? -21.402 8.969   -2.103  1.00 79.75  ? 161 VAL A C   1 
ATOM   1189 O O   . VAL A 1 161 ? -22.136 9.406   -2.983  1.00 79.88  ? 161 VAL A O   1 
ATOM   1190 C CB  . VAL A 1 161 ? -22.508 7.409   -0.509  1.00 80.55  ? 161 VAL A CB  1 
ATOM   1191 C CG1 . VAL A 1 161 ? -22.305 6.574   -1.763  1.00 78.98  ? 161 VAL A CG1 1 
ATOM   1192 C CG2 . VAL A 1 161 ? -21.884 6.737   0.690   1.00 79.99  ? 161 VAL A CG2 1 
ATOM   1193 N N   . LYS A 1 162 ? -20.147 8.577   -2.313  1.00 78.47  ? 162 LYS A N   1 
ATOM   1194 C CA  . LYS A 1 162 ? -19.516 8.663   -3.625  1.00 77.91  ? 162 LYS A CA  1 
ATOM   1195 C C   . LYS A 1 162 ? -19.284 7.285   -4.233  1.00 77.77  ? 162 LYS A C   1 
ATOM   1196 O O   . LYS A 1 162 ? -19.517 6.260   -3.596  1.00 79.58  ? 162 LYS A O   1 
ATOM   1197 C CB  . LYS A 1 162 ? -18.180 9.405   -3.521  1.00 77.19  ? 162 LYS A CB  1 
ATOM   1198 C CG  . LYS A 1 162 ? -18.274 10.839  -3.005  1.00 78.13  ? 162 LYS A CG  1 
ATOM   1199 C CD  . LYS A 1 162 ? -16.893 11.498  -2.941  1.00 81.08  ? 162 LYS A CD  1 
ATOM   1200 C CE  . LYS A 1 162 ? -16.918 12.872  -2.248  1.00 82.82  ? 162 LYS A CE  1 
ATOM   1201 N NZ  . LYS A 1 162 ? -17.259 12.814  -0.786  1.00 81.75  ? 162 LYS A NZ  1 
ATOM   1202 N N   . THR A 1 163 ? -18.819 7.266   -5.475  1.00 77.81  ? 163 THR A N   1 
ATOM   1203 C CA  . THR A 1 163 ? -18.553 6.018   -6.173  1.00 78.19  ? 163 THR A CA  1 
ATOM   1204 C C   . THR A 1 163 ? -17.082 5.652   -6.052  1.00 78.00  ? 163 THR A C   1 
ATOM   1205 O O   . THR A 1 163 ? -16.197 6.458   -6.359  1.00 78.54  ? 163 THR A O   1 
ATOM   1206 C CB  . THR A 1 163 ? -18.932 6.118   -7.671  1.00 78.37  ? 163 THR A CB  1 
ATOM   1207 O OG1 . THR A 1 163 ? -20.359 6.177   -7.797  1.00 79.26  ? 163 THR A OG1 1 
ATOM   1208 C CG2 . THR A 1 163 ? -18.412 4.916   -8.444  1.00 75.38  ? 163 THR A CG2 1 
ATOM   1209 N N   . PRO A 1 164 ? -16.804 4.423   -5.601  1.00 76.67  ? 164 PRO A N   1 
ATOM   1210 C CA  . PRO A 1 164 ? -15.454 3.899   -5.419  1.00 76.56  ? 164 PRO A CA  1 
ATOM   1211 C C   . PRO A 1 164 ? -14.531 4.321   -6.551  1.00 76.73  ? 164 PRO A C   1 
ATOM   1212 O O   . PRO A 1 164 ? -14.882 4.206   -7.724  1.00 76.24  ? 164 PRO A O   1 
ATOM   1213 C CB  . PRO A 1 164 ? -15.691 2.403   -5.372  1.00 77.74  ? 164 PRO A CB  1 
ATOM   1214 C CG  . PRO A 1 164 ? -16.994 2.325   -4.644  1.00 77.73  ? 164 PRO A CG  1 
ATOM   1215 C CD  . PRO A 1 164 ? -17.802 3.373   -5.348  1.00 77.18  ? 164 PRO A CD  1 
ATOM   1216 N N   . ASN A 1 165 ? -13.354 4.821   -6.183  1.00 75.65  ? 165 ASN A N   1 
ATOM   1217 C CA  . ASN A 1 165 ? -12.369 5.284   -7.144  1.00 75.23  ? 165 ASN A CA  1 
ATOM   1218 C C   . ASN A 1 165 ? -10.988 5.310   -6.521  1.00 74.97  ? 165 ASN A C   1 
ATOM   1219 O O   . ASN A 1 165 ? -10.100 4.571   -6.935  1.00 77.32  ? 165 ASN A O   1 
ATOM   1220 C CB  . ASN A 1 165 ? -12.732 6.683   -7.632  1.00 77.17  ? 165 ASN A CB  1 
ATOM   1221 C CG  . ASN A 1 165 ? -11.705 7.254   -8.610  1.00 78.05  ? 165 ASN A CG  1 
ATOM   1222 O OD1 . ASN A 1 165 ? -11.797 8.414   -9.024  1.00 77.02  ? 165 ASN A OD1 1 
ATOM   1223 N ND2 . ASN A 1 165 ? -10.720 6.439   -8.982  1.00 78.85  ? 165 ASN A ND2 1 
ATOM   1224 N N   . ILE A 1 166 ? -10.798 6.171   -5.532  1.00 73.30  ? 166 ILE A N   1 
ATOM   1225 C CA  . ILE A 1 166 ? -9.508  6.266   -4.860  1.00 70.88  ? 166 ILE A CA  1 
ATOM   1226 C C   . ILE A 1 166 ? -9.377  5.085   -3.923  1.00 71.08  ? 166 ILE A C   1 
ATOM   1227 O O   . ILE A 1 166 ? -8.281  4.577   -3.691  1.00 69.50  ? 166 ILE A O   1 
ATOM   1228 C CB  . ILE A 1 166 ? -9.392  7.575   -4.042  1.00 71.13  ? 166 ILE A CB  1 
ATOM   1229 C CG1 . ILE A 1 166 ? -9.343  8.773   -4.988  1.00 69.97  ? 166 ILE A CG1 1 
ATOM   1230 C CG2 . ILE A 1 166 ? -8.148  7.555   -3.168  1.00 69.81  ? 166 ILE A CG2 1 
ATOM   1231 C CD1 . ILE A 1 166 ? -9.245  10.106  -4.274  1.00 72.46  ? 166 ILE A CD1 1 
ATOM   1232 N N   . VAL A 1 167 ? -10.506 4.665   -3.367  1.00 70.20  ? 167 VAL A N   1 
ATOM   1233 C CA  . VAL A 1 167 ? -10.505 3.528   -2.468  1.00 70.62  ? 167 VAL A CA  1 
ATOM   1234 C C   . VAL A 1 167 ? -10.162 2.320   -3.320  1.00 71.69  ? 167 VAL A C   1 
ATOM   1235 O O   . VAL A 1 167 ? -9.508  1.381   -2.862  1.00 72.84  ? 167 VAL A O   1 
ATOM   1236 C CB  . VAL A 1 167 ? -11.875 3.339   -1.780  1.00 69.94  ? 167 VAL A CB  1 
ATOM   1237 C CG1 . VAL A 1 167 ? -12.019 4.331   -0.644  1.00 68.74  ? 167 VAL A CG1 1 
ATOM   1238 C CG2 . VAL A 1 167 ? -12.990 3.538   -2.777  1.00 71.99  ? 167 VAL A CG2 1 
ATOM   1239 N N   . LYS A 1 168 ? -10.584 2.370   -4.577  1.00 72.44  ? 168 LYS A N   1 
ATOM   1240 C CA  . LYS A 1 168 ? -10.309 1.295   -5.514  1.00 72.72  ? 168 LYS A CA  1 
ATOM   1241 C C   . LYS A 1 168 ? -8.814  1.242   -5.783  1.00 73.53  ? 168 LYS A C   1 
ATOM   1242 O O   . LYS A 1 168 ? -8.206  0.173   -5.732  1.00 74.29  ? 168 LYS A O   1 
ATOM   1243 C CB  . LYS A 1 168 ? -11.080 1.531   -6.808  1.00 75.15  ? 168 LYS A CB  1 
ATOM   1244 C CG  . LYS A 1 168 ? -11.103 0.360   -7.771  1.00 75.01  ? 168 LYS A CG  1 
ATOM   1245 C CD  . LYS A 1 168 ? -12.089 0.625   -8.914  1.00 75.99  ? 168 LYS A CD  1 
ATOM   1246 C CE  . LYS A 1 168 ? -11.949 -0.410  -10.005 1.00 77.59  ? 168 LYS A CE  1 
ATOM   1247 N NZ  . LYS A 1 168 ? -10.544 -0.481  -10.516 1.00 78.33  ? 168 LYS A NZ  1 
ATOM   1248 N N   . LYS A 1 169 ? -8.214  2.395   -6.049  1.00 73.81  ? 169 LYS A N   1 
ATOM   1249 C CA  . LYS A 1 169 ? -6.782  2.431   -6.309  1.00 74.55  ? 169 LYS A CA  1 
ATOM   1250 C C   . LYS A 1 169 ? -6.017  1.934   -5.084  1.00 75.95  ? 169 LYS A C   1 
ATOM   1251 O O   . LYS A 1 169 ? -5.015  1.243   -5.210  1.00 74.83  ? 169 LYS A O   1 
ATOM   1252 C CB  . LYS A 1 169 ? -6.338  3.847   -6.689  1.00 75.00  ? 169 LYS A CB  1 
ATOM   1253 C CG  . LYS A 1 169 ? -4.841  3.980   -6.957  1.00 75.08  ? 169 LYS A CG  1 
ATOM   1254 C CD  . LYS A 1 169 ? -4.511  5.310   -7.611  1.00 75.31  ? 169 LYS A CD  1 
ATOM   1255 C CE  . LYS A 1 169 ? -4.844  6.497   -6.714  1.00 74.02  ? 169 LYS A CE  1 
ATOM   1256 N NZ  . LYS A 1 169 ? -4.666  7.796   -7.435  1.00 74.72  ? 169 LYS A NZ  1 
ATOM   1257 N N   . HIS A 1 170 ? -6.502  2.276   -3.895  1.00 76.46  ? 170 HIS A N   1 
ATOM   1258 C CA  . HIS A 1 170 ? -5.859  1.835   -2.660  1.00 77.18  ? 170 HIS A CA  1 
ATOM   1259 C C   . HIS A 1 170 ? -6.035  0.336   -2.490  1.00 77.13  ? 170 HIS A C   1 
ATOM   1260 O O   . HIS A 1 170 ? -5.148  -0.361  -2.011  1.00 77.67  ? 170 HIS A O   1 
ATOM   1261 C CB  . HIS A 1 170 ? -6.468  2.549   -1.451  1.00 78.71  ? 170 HIS A CB  1 
ATOM   1262 C CG  . HIS A 1 170 ? -6.122  4.002   -1.369  1.00 80.60  ? 170 HIS A CG  1 
ATOM   1263 N ND1 . HIS A 1 170 ? -6.651  4.841   -0.412  1.00 79.93  ? 170 HIS A ND1 1 
ATOM   1264 C CD2 . HIS A 1 170 ? -5.280  4.760   -2.111  1.00 81.52  ? 170 HIS A CD2 1 
ATOM   1265 C CE1 . HIS A 1 170 ? -6.149  6.052   -0.568  1.00 81.50  ? 170 HIS A CE1 1 
ATOM   1266 N NE2 . HIS A 1 170 ? -5.314  6.031   -1.592  1.00 82.32  ? 170 HIS A NE2 1 
ATOM   1267 N N   . TYR A 1 171 ? -7.199  -0.152  -2.883  1.00 77.53  ? 171 TYR A N   1 
ATOM   1268 C CA  . TYR A 1 171 ? -7.507  -1.564  -2.786  1.00 77.81  ? 171 TYR A CA  1 
ATOM   1269 C C   . TYR A 1 171 ? -6.547  -2.391  -3.637  1.00 77.51  ? 171 TYR A C   1 
ATOM   1270 O O   . TYR A 1 171 ? -5.847  -3.268  -3.151  1.00 78.34  ? 171 TYR A O   1 
ATOM   1271 C CB  . TYR A 1 171 ? -8.923  -1.788  -3.267  1.00 79.54  ? 171 TYR A CB  1 
ATOM   1272 C CG  . TYR A 1 171 ? -9.386  -3.193  -3.085  1.00 81.26  ? 171 TYR A CG  1 
ATOM   1273 C CD1 . TYR A 1 171 ? -10.021 -3.583  -1.915  1.00 82.00  ? 171 TYR A CD1 1 
ATOM   1274 C CD2 . TYR A 1 171 ? -9.196  -4.141  -4.085  1.00 81.66  ? 171 TYR A CD2 1 
ATOM   1275 C CE1 . TYR A 1 171 ? -10.462 -4.888  -1.746  1.00 84.39  ? 171 TYR A CE1 1 
ATOM   1276 C CE2 . TYR A 1 171 ? -9.630  -5.445  -3.930  1.00 83.28  ? 171 TYR A CE2 1 
ATOM   1277 C CZ  . TYR A 1 171 ? -10.263 -5.816  -2.760  1.00 84.38  ? 171 TYR A CZ  1 
ATOM   1278 O OH  . TYR A 1 171 ? -10.697 -7.109  -2.597  1.00 85.48  ? 171 TYR A OH  1 
ATOM   1279 N N   . GLU A 1 172 ? -6.533  -2.097  -4.925  1.00 76.95  ? 172 GLU A N   1 
ATOM   1280 C CA  . GLU A 1 172 ? -5.675  -2.790  -5.860  1.00 76.21  ? 172 GLU A CA  1 
ATOM   1281 C C   . GLU A 1 172 ? -4.210  -2.776  -5.442  1.00 74.89  ? 172 GLU A C   1 
ATOM   1282 O O   . GLU A 1 172 ? -3.509  -3.758  -5.643  1.00 76.91  ? 172 GLU A O   1 
ATOM   1283 C CB  . GLU A 1 172 ? -5.868  -2.180  -7.245  1.00 75.94  ? 172 GLU A CB  1 
ATOM   1284 C CG  . GLU A 1 172 ? -7.332  -2.168  -7.663  1.00 76.77  ? 172 GLU A CG  1 
ATOM   1285 C CD  . GLU A 1 172 ? -7.564  -1.435  -8.959  1.00 80.43  ? 172 GLU A CD  1 
ATOM   1286 O OE1 . GLU A 1 172 ? -6.940  -0.370  -9.155  1.00 83.48  ? 172 GLU A OE1 1 
ATOM   1287 O OE2 . GLU A 1 172 ? -8.381  -1.909  -9.776  1.00 82.03  ? 172 GLU A OE2 1 
ATOM   1288 N N   . LEU A 1 173 ? -3.741  -1.678  -4.859  1.00 73.75  ? 173 LEU A N   1 
ATOM   1289 C CA  . LEU A 1 173 ? -2.347  -1.600  -4.408  1.00 73.34  ? 173 LEU A CA  1 
ATOM   1290 C C   . LEU A 1 173 ? -2.135  -2.517  -3.223  1.00 73.50  ? 173 LEU A C   1 
ATOM   1291 O O   . LEU A 1 173 ? -1.032  -3.011  -3.000  1.00 74.23  ? 173 LEU A O   1 
ATOM   1292 C CB  . LEU A 1 173 ? -1.965  -0.172  -3.991  1.00 73.60  ? 173 LEU A CB  1 
ATOM   1293 C CG  . LEU A 1 173 ? -0.676  -0.015  -3.162  1.00 72.81  ? 173 LEU A CG  1 
ATOM   1294 C CD1 . LEU A 1 173 ? 0.537   -0.253  -4.043  1.00 73.55  ? 173 LEU A CD1 1 
ATOM   1295 C CD2 . LEU A 1 173 ? -0.600  1.374   -2.546  1.00 71.81  ? 173 LEU A CD2 1 
ATOM   1296 N N   . GLY A 1 174 ? -3.199  -2.735  -2.457  1.00 74.18  ? 174 GLY A N   1 
ATOM   1297 C CA  . GLY A 1 174 ? -3.117  -3.594  -1.289  1.00 74.64  ? 174 GLY A CA  1 
ATOM   1298 C C   . GLY A 1 174 ? -2.935  -5.036  -1.697  1.00 75.88  ? 174 GLY A C   1 
ATOM   1299 O O   . GLY A 1 174 ? -2.129  -5.775  -1.117  1.00 75.56  ? 174 GLY A O   1 
ATOM   1300 N N   . ILE A 1 175 ? -3.688  -5.446  -2.708  1.00 77.35  ? 175 ILE A N   1 
ATOM   1301 C CA  . ILE A 1 175 ? -3.576  -6.808  -3.190  1.00 78.33  ? 175 ILE A CA  1 
ATOM   1302 C C   . ILE A 1 175 ? -2.156  -7.053  -3.668  1.00 77.93  ? 175 ILE A C   1 
ATOM   1303 O O   . ILE A 1 175 ? -1.557  -8.070  -3.332  1.00 79.01  ? 175 ILE A O   1 
ATOM   1304 C CB  . ILE A 1 175 ? -4.587  -7.084  -4.304  1.00 77.65  ? 175 ILE A CB  1 
ATOM   1305 C CG1 . ILE A 1 175 ? -5.998  -6.945  -3.722  1.00 78.57  ? 175 ILE A CG1 1 
ATOM   1306 C CG2 . ILE A 1 175 ? -4.382  -8.477  -4.868  1.00 78.07  ? 175 ILE A CG2 1 
ATOM   1307 C CD1 . ILE A 1 175 ? -7.102  -7.311  -4.674  1.00 80.02  ? 175 ILE A CD1 1 
ATOM   1308 N N   . GLN A 1 176 ? -1.607  -6.112  -4.427  1.00 78.37  ? 176 GLN A N   1 
ATOM   1309 C CA  . GLN A 1 176 ? -0.238  -6.237  -4.909  1.00 78.71  ? 176 GLN A CA  1 
ATOM   1310 C C   . GLN A 1 176 ? 0.682   -6.545  -3.737  1.00 79.77  ? 176 GLN A C   1 
ATOM   1311 O O   . GLN A 1 176 ? 1.616   -7.339  -3.850  1.00 81.41  ? 176 GLN A O   1 
ATOM   1312 C CB  . GLN A 1 176 ? 0.225   -4.943  -5.568  1.00 79.53  ? 176 GLN A CB  1 
ATOM   1313 C CG  . GLN A 1 176 ? -0.429  -4.637  -6.901  1.00 81.83  ? 176 GLN A CG  1 
ATOM   1314 C CD  . GLN A 1 176 ? 0.194   -3.422  -7.570  1.00 83.33  ? 176 GLN A CD  1 
ATOM   1315 O OE1 . GLN A 1 176 ? 1.415   -3.341  -7.699  1.00 83.79  ? 176 GLN A OE1 1 
ATOM   1316 N NE2 . GLN A 1 176 ? -0.641  -2.473  -8.000  1.00 84.36  ? 176 GLN A NE2 1 
ATOM   1317 N N   . PHE A 1 177 ? 0.414   -5.908  -2.606  1.00 79.21  ? 177 PHE A N   1 
ATOM   1318 C CA  . PHE A 1 177 ? 1.214   -6.125  -1.412  1.00 78.43  ? 177 PHE A CA  1 
ATOM   1319 C C   . PHE A 1 177 ? 0.882   -7.460  -0.752  1.00 77.74  ? 177 PHE A C   1 
ATOM   1320 O O   . PHE A 1 177 ? 1.642   -7.961  0.076   1.00 77.39  ? 177 PHE A O   1 
ATOM   1321 C CB  . PHE A 1 177 ? 0.983   -4.986  -0.418  1.00 79.88  ? 177 PHE A CB  1 
ATOM   1322 C CG  . PHE A 1 177 ? 1.963   -3.860  -0.550  1.00 80.35  ? 177 PHE A CG  1 
ATOM   1323 C CD1 . PHE A 1 177 ? 3.244   -3.979  -0.026  1.00 80.68  ? 177 PHE A CD1 1 
ATOM   1324 C CD2 . PHE A 1 177 ? 1.620   -2.698  -1.227  1.00 79.87  ? 177 PHE A CD2 1 
ATOM   1325 C CE1 . PHE A 1 177 ? 4.171   -2.956  -0.175  1.00 82.18  ? 177 PHE A CE1 1 
ATOM   1326 C CE2 . PHE A 1 177 ? 2.540   -1.666  -1.385  1.00 80.82  ? 177 PHE A CE2 1 
ATOM   1327 C CZ  . PHE A 1 177 ? 3.817   -1.793  -0.860  1.00 82.59  ? 177 PHE A CZ  1 
ATOM   1328 N N   . GLY A 1 178 ? -0.254  -8.039  -1.118  1.00 76.40  ? 178 GLY A N   1 
ATOM   1329 C CA  . GLY A 1 178 ? -0.653  -9.299  -0.524  1.00 73.79  ? 178 GLY A CA  1 
ATOM   1330 C C   . GLY A 1 178 ? -1.538  -9.114  0.693   1.00 73.12  ? 178 GLY A C   1 
ATOM   1331 O O   . GLY A 1 178 ? -1.561  -9.961  1.578   1.00 73.34  ? 178 GLY A O   1 
ATOM   1332 N N   . VAL A 1 179 ? -2.274  -8.011  0.752   1.00 70.82  ? 179 VAL A N   1 
ATOM   1333 C CA  . VAL A 1 179 ? -3.145  -7.802  1.895   1.00 69.88  ? 179 VAL A CA  1 
ATOM   1334 C C   . VAL A 1 179 ? -4.292  -8.791  1.772   1.00 68.49  ? 179 VAL A C   1 
ATOM   1335 O O   . VAL A 1 179 ? -4.921  -8.889  0.722   1.00 68.66  ? 179 VAL A O   1 
ATOM   1336 C CB  . VAL A 1 179 ? -3.709  -6.362  1.937   1.00 69.89  ? 179 VAL A CB  1 
ATOM   1337 C CG1 . VAL A 1 179 ? -4.403  -6.112  3.282   1.00 67.10  ? 179 VAL A CG1 1 
ATOM   1338 C CG2 . VAL A 1 179 ? -2.588  -5.362  1.718   1.00 68.93  ? 179 VAL A CG2 1 
ATOM   1339 N N   . ARG A 1 180 ? -4.562  -9.523  2.843   1.00 67.93  ? 180 ARG A N   1 
ATOM   1340 C CA  . ARG A 1 180 ? -5.627  -10.513 2.820   1.00 69.36  ? 180 ARG A CA  1 
ATOM   1341 C C   . ARG A 1 180 ? -6.629  -10.315 3.953   1.00 69.31  ? 180 ARG A C   1 
ATOM   1342 O O   . ARG A 1 180 ? -7.475  -11.161 4.225   1.00 70.50  ? 180 ARG A O   1 
ATOM   1343 C CB  . ARG A 1 180 ? -5.004  -11.908 2.876   1.00 69.09  ? 180 ARG A CB  1 
ATOM   1344 C CG  . ARG A 1 180 ? -4.006  -12.139 1.762   1.00 69.91  ? 180 ARG A CG  1 
ATOM   1345 C CD  . ARG A 1 180 ? -3.327  -13.477 1.879   1.00 73.84  ? 180 ARG A CD  1 
ATOM   1346 N NE  . ARG A 1 180 ? -4.284  -14.580 1.959   1.00 76.71  ? 180 ARG A NE  1 
ATOM   1347 C CZ  . ARG A 1 180 ? -3.979  -15.859 1.757   1.00 78.15  ? 180 ARG A CZ  1 
ATOM   1348 N NH1 . ARG A 1 180 ? -2.736  -16.219 1.456   1.00 76.97  ? 180 ARG A NH1 1 
ATOM   1349 N NH2 . ARG A 1 180 ? -4.924  -16.781 1.854   1.00 79.36  ? 180 ARG A NH2 1 
ATOM   1350 N N   . GLY A 1 181 ? -6.532  -9.171  4.606   1.00 70.78  ? 181 GLY A N   1 
ATOM   1351 C CA  . GLY A 1 181 ? -7.433  -8.865  5.701   1.00 71.00  ? 181 GLY A CA  1 
ATOM   1352 C C   . GLY A 1 181 ? -7.003  -7.546  6.298   1.00 69.89  ? 181 GLY A C   1 
ATOM   1353 O O   . GLY A 1 181 ? -6.004  -6.971  5.864   1.00 70.01  ? 181 GLY A O   1 
ATOM   1354 N N   . THR A 1 182 ? -7.736  -7.064  7.292   1.00 68.14  ? 182 THR A N   1 
ATOM   1355 C CA  . THR A 1 182 ? -7.392  -5.794  7.910   1.00 64.89  ? 182 THR A CA  1 
ATOM   1356 C C   . THR A 1 182 ? -7.510  -5.831  9.422   1.00 65.78  ? 182 THR A C   1 
ATOM   1357 O O   . THR A 1 182 ? -8.303  -6.577  9.977   1.00 66.53  ? 182 THR A O   1 
ATOM   1358 C CB  . THR A 1 182 ? -8.279  -4.654  7.342   1.00 66.05  ? 182 THR A CB  1 
ATOM   1359 O OG1 . THR A 1 182 ? -9.661  -5.016  7.456   1.00 64.00  ? 182 THR A OG1 1 
ATOM   1360 C CG2 . THR A 1 182 ? -7.956  -4.407  5.873   1.00 64.55  ? 182 THR A CG2 1 
ATOM   1361 N N   . PRO A 1 183 ? -6.712  -5.014  10.112  1.00 66.30  ? 183 PRO A N   1 
ATOM   1362 C CA  . PRO A 1 183 ? -5.742  -4.087  9.530   1.00 65.15  ? 183 PRO A CA  1 
ATOM   1363 C C   . PRO A 1 183 ? -4.491  -4.790  9.031   1.00 67.48  ? 183 PRO A C   1 
ATOM   1364 O O   . PRO A 1 183 ? -4.225  -5.938  9.380   1.00 68.86  ? 183 PRO A O   1 
ATOM   1365 C CB  . PRO A 1 183 ? -5.440  -3.152  10.690  1.00 65.59  ? 183 PRO A CB  1 
ATOM   1366 C CG  . PRO A 1 183 ? -5.518  -4.062  11.848  1.00 64.36  ? 183 PRO A CG  1 
ATOM   1367 C CD  . PRO A 1 183 ? -6.760  -4.859  11.572  1.00 64.81  ? 183 PRO A CD  1 
ATOM   1368 N N   . SER A 1 184 ? -3.721  -4.089  8.209   1.00 68.72  ? 184 SER A N   1 
ATOM   1369 C CA  . SER A 1 184 ? -2.477  -4.628  7.688   1.00 67.87  ? 184 SER A CA  1 
ATOM   1370 C C   . SER A 1 184 ? -1.511  -3.459  7.620   1.00 67.70  ? 184 SER A C   1 
ATOM   1371 O O   . SER A 1 184 ? -1.734  -2.523  6.867   1.00 69.63  ? 184 SER A O   1 
ATOM   1372 C CB  . SER A 1 184 ? -2.683  -5.240  6.298   1.00 68.90  ? 184 SER A CB  1 
ATOM   1373 O OG  . SER A 1 184 ? -3.537  -6.372  6.350   1.00 67.35  ? 184 SER A OG  1 
ATOM   1374 N N   . ILE A 1 185 ? -0.453  -3.527  8.426   1.00 67.10  ? 185 ILE A N   1 
ATOM   1375 C CA  . ILE A 1 185 ? 0.574   -2.495  8.523   1.00 64.83  ? 185 ILE A CA  1 
ATOM   1376 C C   . ILE A 1 185 ? 1.733   -2.706  7.554   1.00 66.96  ? 185 ILE A C   1 
ATOM   1377 O O   . ILE A 1 185 ? 2.411   -3.725  7.604   1.00 67.42  ? 185 ILE A O   1 
ATOM   1378 C CB  . ILE A 1 185 ? 1.193   -2.465  9.928   1.00 62.14  ? 185 ILE A CB  1 
ATOM   1379 C CG1 . ILE A 1 185 ? 0.138   -2.177  10.998  1.00 60.51  ? 185 ILE A CG1 1 
ATOM   1380 C CG2 . ILE A 1 185 ? 2.295   -1.452  9.961   1.00 61.67  ? 185 ILE A CG2 1 
ATOM   1381 C CD1 . ILE A 1 185 ? -0.534  -3.394  11.576  1.00 58.35  ? 185 ILE A CD1 1 
ATOM   1382 N N   . VAL A 1 186 ? 1.974   -1.740  6.677   1.00 68.39  ? 186 VAL A N   1 
ATOM   1383 C CA  . VAL A 1 186 ? 3.081   -1.845  5.734   1.00 70.02  ? 186 VAL A CA  1 
ATOM   1384 C C   . VAL A 1 186 ? 4.203   -0.968  6.238   1.00 71.22  ? 186 VAL A C   1 
ATOM   1385 O O   . VAL A 1 186 ? 4.051   0.237   6.388   1.00 71.02  ? 186 VAL A O   1 
ATOM   1386 C CB  . VAL A 1 186 ? 2.691   -1.380  4.329   1.00 70.26  ? 186 VAL A CB  1 
ATOM   1387 C CG1 . VAL A 1 186 ? 3.908   -1.400  3.424   1.00 69.11  ? 186 VAL A CG1 1 
ATOM   1388 C CG2 . VAL A 1 186 ? 1.608   -2.278  3.781   1.00 72.97  ? 186 VAL A CG2 1 
ATOM   1389 N N   . THR A 1 187 ? 5.339   -1.588  6.503   1.00 74.04  ? 187 THR A N   1 
ATOM   1390 C CA  . THR A 1 187 ? 6.506   -0.892  7.020   1.00 75.82  ? 187 THR A CA  1 
ATOM   1391 C C   . THR A 1 187 ? 7.032   0.163   6.061   1.00 76.54  ? 187 THR A C   1 
ATOM   1392 O O   . THR A 1 187 ? 6.754   0.122   4.871   1.00 77.52  ? 187 THR A O   1 
ATOM   1393 C CB  . THR A 1 187 ? 7.613   -1.906  7.336   1.00 76.40  ? 187 THR A CB  1 
ATOM   1394 O OG1 . THR A 1 187 ? 8.000   -1.782  8.713   1.00 76.38  ? 187 THR A OG1 1 
ATOM   1395 C CG2 . THR A 1 187 ? 8.808   -1.693  6.429   1.00 75.96  ? 187 THR A CG2 1 
ATOM   1396 N N   . SER A 1 188 ? 7.788   1.115   6.592   1.00 77.81  ? 188 SER A N   1 
ATOM   1397 C CA  . SER A 1 188 ? 8.351   2.181   5.774   1.00 79.92  ? 188 SER A CA  1 
ATOM   1398 C C   . SER A 1 188 ? 9.449   1.654   4.865   1.00 81.60  ? 188 SER A C   1 
ATOM   1399 O O   . SER A 1 188 ? 9.850   2.320   3.914   1.00 81.27  ? 188 SER A O   1 
ATOM   1400 C CB  . SER A 1 188 ? 8.894   3.295   6.665   1.00 79.59  ? 188 SER A CB  1 
ATOM   1401 O OG  . SER A 1 188 ? 9.627   2.757   7.754   1.00 81.41  ? 188 SER A OG  1 
ATOM   1402 N N   . THR A 1 189 ? 9.936   0.456   5.170   1.00 83.78  ? 189 THR A N   1 
ATOM   1403 C CA  . THR A 1 189 ? 10.982  -0.184  4.365   1.00 84.39  ? 189 THR A CA  1 
ATOM   1404 C C   . THR A 1 189 ? 10.317  -1.191  3.420   1.00 84.15  ? 189 THR A C   1 
ATOM   1405 O O   . THR A 1 189 ? 10.928  -2.182  3.020   1.00 83.29  ? 189 THR A O   1 
ATOM   1406 C CB  . THR A 1 189 ? 12.029  -0.936  5.247   1.00 84.61  ? 189 THR A CB  1 
ATOM   1407 O OG1 . THR A 1 189 ? 11.463  -2.157  5.752   1.00 85.11  ? 189 THR A OG1 1 
ATOM   1408 C CG2 . THR A 1 189 ? 12.475  -0.052  6.417   1.00 85.33  ? 189 THR A CG2 1 
ATOM   1409 N N   . GLY A 1 190 ? 9.054   -0.921  3.093   1.00 83.83  ? 190 GLY A N   1 
ATOM   1410 C CA  . GLY A 1 190 ? 8.292   -1.765  2.192   1.00 82.68  ? 190 GLY A CA  1 
ATOM   1411 C C   . GLY A 1 190 ? 7.822   -3.094  2.752   1.00 82.75  ? 190 GLY A C   1 
ATOM   1412 O O   . GLY A 1 190 ? 7.070   -3.802  2.081   1.00 82.37  ? 190 GLY A O   1 
ATOM   1413 N N   . GLU A 1 191 ? 8.231   -3.438  3.974   1.00 82.76  ? 191 GLU A N   1 
ATOM   1414 C CA  . GLU A 1 191 ? 7.852   -4.731  4.548   1.00 83.18  ? 191 GLU A CA  1 
ATOM   1415 C C   . GLU A 1 191 ? 6.348   -4.948  4.651   1.00 82.39  ? 191 GLU A C   1 
ATOM   1416 O O   . GLU A 1 191 ? 5.586   -4.395  3.870   1.00 82.31  ? 191 GLU A O   1 
ATOM   1417 C CB  . GLU A 1 191 ? 8.512   -4.942  5.912   1.00 82.64  ? 191 GLU A CB  1 
ATOM   1418 C CG  . GLU A 1 191 ? 8.742   -6.416  6.234   1.00 84.14  ? 191 GLU A CG  1 
ATOM   1419 C CD  . GLU A 1 191 ? 9.453   -6.646  7.567   1.00 86.76  ? 191 GLU A CD  1 
ATOM   1420 O OE1 . GLU A 1 191 ? 8.821   -6.421  8.623   1.00 84.99  ? 191 GLU A OE1 1 
ATOM   1421 O OE2 . GLU A 1 191 ? 10.643  -7.052  7.561   1.00 88.12  ? 191 GLU A OE2 1 
ATOM   1422 N N   . LEU A 1 192 ? 5.916   -5.763  5.604   1.00 81.49  ? 192 LEU A N   1 
ATOM   1423 C CA  . LEU A 1 192 ? 4.498   -6.046  5.738   1.00 80.78  ? 192 LEU A CA  1 
ATOM   1424 C C   . LEU A 1 192 ? 4.168   -6.956  6.904   1.00 80.86  ? 192 LEU A C   1 
ATOM   1425 O O   . LEU A 1 192 ? 4.223   -8.175  6.780   1.00 80.58  ? 192 LEU A O   1 
ATOM   1426 C CB  . LEU A 1 192 ? 3.995   -6.696  4.459   1.00 80.70  ? 192 LEU A CB  1 
ATOM   1427 C CG  . LEU A 1 192 ? 2.615   -7.348  4.527   1.00 81.84  ? 192 LEU A CG  1 
ATOM   1428 C CD1 . LEU A 1 192 ? 1.566   -6.329  4.960   1.00 83.70  ? 192 LEU A CD1 1 
ATOM   1429 C CD2 . LEU A 1 192 ? 2.272   -7.931  3.162   1.00 81.69  ? 192 LEU A CD2 1 
ATOM   1430 N N   . ILE A 1 193 ? 3.819   -6.366  8.038   1.00 81.04  ? 193 ILE A N   1 
ATOM   1431 C CA  . ILE A 1 193 ? 3.469   -7.156  9.208   1.00 81.35  ? 193 ILE A CA  1 
ATOM   1432 C C   . ILE A 1 193 ? 1.956   -7.281  9.251   1.00 82.61  ? 193 ILE A C   1 
ATOM   1433 O O   . ILE A 1 193 ? 1.366   -7.347  10.333  1.00 82.75  ? 193 ILE A O   1 
ATOM   1434 C CB  . ILE A 1 193 ? 3.899   -6.473  10.492  1.00 81.33  ? 193 ILE A CB  1 
ATOM   1435 C CG1 . ILE A 1 193 ? 5.090   -5.560  10.217  1.00 81.01  ? 193 ILE A CG1 1 
ATOM   1436 C CG2 . ILE A 1 193 ? 4.222   -7.528  11.537  1.00 82.50  ? 193 ILE A CG2 1 
ATOM   1437 C CD1 . ILE A 1 193 ? 5.352   -4.573  11.331  1.00 81.18  ? 193 ILE A CD1 1 
ATOM   1438 N N   . GLY A 1 194 ? 1.341   -7.294  8.067   1.00 82.06  ? 194 GLY A N   1 
ATOM   1439 C CA  . GLY A 1 194 ? -0.105  -7.393  7.960   1.00 82.41  ? 194 GLY A CA  1 
ATOM   1440 C C   . GLY A 1 194 ? -0.796  -8.118  9.102   1.00 81.86  ? 194 GLY A C   1 
ATOM   1441 O O   . GLY A 1 194 ? -0.557  -9.305  9.329   1.00 82.33  ? 194 GLY A O   1 
ATOM   1442 N N   . GLY A 1 195 ? -1.659  -7.400  9.813   1.00 80.57  ? 195 GLY A N   1 
ATOM   1443 C CA  . GLY A 1 195 ? -2.383  -7.973  10.928  1.00 78.65  ? 195 GLY A CA  1 
ATOM   1444 C C   . GLY A 1 195 ? -2.364  -6.981  12.065  1.00 77.87  ? 195 GLY A C   1 
ATOM   1445 O O   . GLY A 1 195 ? -1.517  -6.108  12.093  1.00 79.16  ? 195 GLY A O   1 
ATOM   1446 N N   . TYR A 1 196 ? -3.284  -7.088  13.008  1.00 76.72  ? 196 TYR A N   1 
ATOM   1447 C CA  . TYR A 1 196 ? -3.279  -6.146  14.109  1.00 76.36  ? 196 TYR A CA  1 
ATOM   1448 C C   . TYR A 1 196 ? -2.077  -6.366  15.003  1.00 75.92  ? 196 TYR A C   1 
ATOM   1449 O O   . TYR A 1 196 ? -1.633  -7.496  15.206  1.00 78.17  ? 196 TYR A O   1 
ATOM   1450 C CB  . TYR A 1 196 ? -4.551  -6.277  14.940  1.00 79.90  ? 196 TYR A CB  1 
ATOM   1451 C CG  . TYR A 1 196 ? -4.554  -5.434  16.200  1.00 81.15  ? 196 TYR A CG  1 
ATOM   1452 C CD1 . TYR A 1 196 ? -4.348  -4.054  16.149  1.00 81.79  ? 196 TYR A CD1 1 
ATOM   1453 C CD2 . TYR A 1 196 ? -4.787  -6.014  17.445  1.00 82.22  ? 196 TYR A CD2 1 
ATOM   1454 C CE1 . TYR A 1 196 ? -4.379  -3.275  17.308  1.00 83.62  ? 196 TYR A CE1 1 
ATOM   1455 C CE2 . TYR A 1 196 ? -4.822  -5.247  18.605  1.00 83.83  ? 196 TYR A CE2 1 
ATOM   1456 C CZ  . TYR A 1 196 ? -4.619  -3.879  18.535  1.00 84.96  ? 196 TYR A CZ  1 
ATOM   1457 O OH  . TYR A 1 196 ? -4.667  -3.120  19.690  1.00 85.22  ? 196 TYR A OH  1 
ATOM   1458 N N   . LEU A 1 197 ? -1.557  -5.269  15.531  1.00 74.17  ? 197 LEU A N   1 
ATOM   1459 C CA  . LEU A 1 197 ? -0.414  -5.275  16.430  1.00 73.17  ? 197 LEU A CA  1 
ATOM   1460 C C   . LEU A 1 197 ? -0.568  -4.086  17.355  1.00 73.89  ? 197 LEU A C   1 
ATOM   1461 O O   . LEU A 1 197 ? -0.564  -2.947  16.890  1.00 73.31  ? 197 LEU A O   1 
ATOM   1462 C CB  . LEU A 1 197 ? 0.904   -5.130  15.659  1.00 71.34  ? 197 LEU A CB  1 
ATOM   1463 C CG  . LEU A 1 197 ? 1.552   -6.363  15.021  1.00 69.53  ? 197 LEU A CG  1 
ATOM   1464 C CD1 . LEU A 1 197 ? 2.781   -5.945  14.244  1.00 68.35  ? 197 LEU A CD1 1 
ATOM   1465 C CD2 . LEU A 1 197 ? 1.925   -7.352  16.083  1.00 65.94  ? 197 LEU A CD2 1 
ATOM   1466 N N   . LYS A 1 198 ? -0.715  -4.353  18.653  1.00 73.99  ? 198 LYS A N   1 
ATOM   1467 C CA  . LYS A 1 198 ? -0.855  -3.294  19.646  1.00 73.70  ? 198 LYS A CA  1 
ATOM   1468 C C   . LYS A 1 198 ? 0.337   -2.337  19.560  1.00 74.57  ? 198 LYS A C   1 
ATOM   1469 O O   . LYS A 1 198 ? 1.375   -2.674  18.985  1.00 72.14  ? 198 LYS A O   1 
ATOM   1470 C CB  . LYS A 1 198 ? -0.999  -3.905  21.049  1.00 73.65  ? 198 LYS A CB  1 
ATOM   1471 C CG  . LYS A 1 198 ? 0.037   -4.963  21.409  1.00 76.64  ? 198 LYS A CG  1 
ATOM   1472 C CD  . LYS A 1 198 ? -0.414  -5.853  22.574  1.00 76.70  ? 198 LYS A CD  1 
ATOM   1473 C CE  . LYS A 1 198 ? -0.519  -5.083  23.885  1.00 76.85  ? 198 LYS A CE  1 
ATOM   1474 N NZ  . LYS A 1 198 ? -1.048  -5.930  24.998  1.00 75.37  ? 198 LYS A NZ  1 
ATOM   1475 N N   . PRO A 1 199 ? 0.196   -1.122  20.111  1.00 75.73  ? 199 PRO A N   1 
ATOM   1476 C CA  . PRO A 1 199 ? 1.281   -0.138  20.067  1.00 78.84  ? 199 PRO A CA  1 
ATOM   1477 C C   . PRO A 1 199 ? 2.663   -0.755  20.302  1.00 82.01  ? 199 PRO A C   1 
ATOM   1478 O O   . PRO A 1 199 ? 3.436   -0.923  19.358  1.00 85.25  ? 199 PRO A O   1 
ATOM   1479 C CB  . PRO A 1 199 ? 0.890   0.853   21.160  1.00 78.70  ? 199 PRO A CB  1 
ATOM   1480 C CG  . PRO A 1 199 ? -0.586  0.816   21.118  1.00 76.64  ? 199 PRO A CG  1 
ATOM   1481 C CD  . PRO A 1 199 ? -0.889  -0.656  20.987  1.00 76.36  ? 199 PRO A CD  1 
ATOM   1482 N N   . ALA A 1 200 ? 2.962   -1.095  21.554  1.00 83.40  ? 200 ALA A N   1 
ATOM   1483 C CA  . ALA A 1 200 ? 4.248   -1.689  21.915  1.00 84.97  ? 200 ALA A CA  1 
ATOM   1484 C C   . ALA A 1 200 ? 4.751   -2.667  20.857  1.00 86.59  ? 200 ALA A C   1 
ATOM   1485 O O   . ALA A 1 200 ? 5.769   -2.419  20.202  1.00 86.04  ? 200 ALA A O   1 
ATOM   1486 C CB  . ALA A 1 200 ? 4.132   -2.395  23.255  1.00 83.50  ? 200 ALA A CB  1 
ATOM   1487 N N   . ASP A 1 201 ? 4.027   -3.772  20.692  1.00 86.22  ? 201 ASP A N   1 
ATOM   1488 C CA  . ASP A 1 201 ? 4.395   -4.801  19.724  1.00 85.90  ? 201 ASP A CA  1 
ATOM   1489 C C   . ASP A 1 201 ? 4.723   -4.200  18.360  1.00 85.39  ? 201 ASP A C   1 
ATOM   1490 O O   . ASP A 1 201 ? 5.720   -4.575  17.740  1.00 86.81  ? 201 ASP A O   1 
ATOM   1491 C CB  . ASP A 1 201 ? 3.268   -5.827  19.592  1.00 85.24  ? 201 ASP A CB  1 
ATOM   1492 C CG  . ASP A 1 201 ? 2.950   -6.510  20.901  1.00 87.47  ? 201 ASP A CG  1 
ATOM   1493 O OD1 . ASP A 1 201 ? 2.643   -5.809  21.887  1.00 88.84  ? 201 ASP A OD1 1 
ATOM   1494 O OD2 . ASP A 1 201 ? 3.010   -7.751  20.951  1.00 87.94  ? 201 ASP A OD2 1 
ATOM   1495 N N   . LEU A 1 202 ? 3.900   -3.267  17.890  1.00 83.74  ? 202 LEU A N   1 
ATOM   1496 C CA  . LEU A 1 202 ? 4.158   -2.656  16.596  1.00 81.69  ? 202 LEU A CA  1 
ATOM   1497 C C   . LEU A 1 202 ? 5.527   -1.980  16.590  1.00 81.24  ? 202 LEU A C   1 
ATOM   1498 O O   . LEU A 1 202 ? 6.201   -1.938  15.563  1.00 81.56  ? 202 LEU A O   1 
ATOM   1499 C CB  . LEU A 1 202 ? 3.071   -1.633  16.252  1.00 80.47  ? 202 LEU A CB  1 
ATOM   1500 C CG  . LEU A 1 202 ? 3.353   -0.808  14.989  1.00 79.28  ? 202 LEU A CG  1 
ATOM   1501 C CD1 . LEU A 1 202 ? 3.535   -1.719  13.790  1.00 77.07  ? 202 LEU A CD1 1 
ATOM   1502 C CD2 . LEU A 1 202 ? 2.217   0.155   14.735  1.00 79.61  ? 202 LEU A CD2 1 
ATOM   1503 N N   . LEU A 1 203 ? 5.941   -1.459  17.742  1.00 81.95  ? 203 LEU A N   1 
ATOM   1504 C CA  . LEU A 1 203 ? 7.232   -0.782  17.851  1.00 82.43  ? 203 LEU A CA  1 
ATOM   1505 C C   . LEU A 1 203 ? 8.390   -1.764  17.638  1.00 83.68  ? 203 LEU A C   1 
ATOM   1506 O O   . LEU A 1 203 ? 9.197   -1.592  16.719  1.00 82.42  ? 203 LEU A O   1 
ATOM   1507 C CB  . LEU A 1 203 ? 7.355   -0.103  19.220  1.00 81.09  ? 203 LEU A CB  1 
ATOM   1508 C CG  . LEU A 1 203 ? 8.611   0.737   19.465  1.00 80.74  ? 203 LEU A CG  1 
ATOM   1509 C CD1 . LEU A 1 203 ? 8.661   1.902   18.479  1.00 79.94  ? 203 LEU A CD1 1 
ATOM   1510 C CD2 . LEU A 1 203 ? 8.607   1.238   20.909  1.00 81.91  ? 203 LEU A CD2 1 
ATOM   1511 N N   . ARG A 1 204 ? 8.469   -2.789  18.486  1.00 84.64  ? 204 ARG A N   1 
ATOM   1512 C CA  . ARG A 1 204 ? 9.521   -3.793  18.360  1.00 86.85  ? 204 ARG A CA  1 
ATOM   1513 C C   . ARG A 1 204 ? 9.605   -4.279  16.920  1.00 87.65  ? 204 ARG A C   1 
ATOM   1514 O O   . ARG A 1 204 ? 10.624  -4.100  16.255  1.00 87.62  ? 204 ARG A O   1 
ATOM   1515 C CB  . ARG A 1 204 ? 9.235   -4.978  19.268  1.00 86.64  ? 204 ARG A CB  1 
ATOM   1516 C CG  . ARG A 1 204 ? 9.311   -4.663  20.742  1.00 88.66  ? 204 ARG A CG  1 
ATOM   1517 C CD  . ARG A 1 204 ? 8.729   -5.813  21.525  1.00 89.20  ? 204 ARG A CD  1 
ATOM   1518 N NE  . ARG A 1 204 ? 7.610   -5.398  22.364  1.00 90.24  ? 204 ARG A NE  1 
ATOM   1519 C CZ  . ARG A 1 204 ? 6.573   -6.183  22.650  1.00 90.47  ? 204 ARG A CZ  1 
ATOM   1520 N NH1 . ARG A 1 204 ? 6.517   -7.413  22.151  1.00 89.48  ? 204 ARG A NH1 1 
ATOM   1521 N NH2 . ARG A 1 204 ? 5.599   -5.752  23.445  1.00 90.55  ? 204 ARG A NH2 1 
ATOM   1522 N N   . ALA A 1 205 ? 8.528   -4.891  16.445  1.00 87.79  ? 205 ALA A N   1 
ATOM   1523 C CA  . ALA A 1 205 ? 8.468   -5.402  15.082  1.00 88.42  ? 205 ALA A CA  1 
ATOM   1524 C C   . ALA A 1 205 ? 9.175   -4.478  14.091  1.00 90.25  ? 205 ALA A C   1 
ATOM   1525 O O   . ALA A 1 205 ? 9.807   -4.931  13.132  1.00 90.49  ? 205 ALA A O   1 
ATOM   1526 C CB  . ALA A 1 205 ? 7.014   -5.591  14.673  1.00 87.48  ? 205 ALA A CB  1 
ATOM   1527 N N   . LEU A 1 206 ? 9.059   -3.178  14.335  1.00 91.36  ? 206 LEU A N   1 
ATOM   1528 C CA  . LEU A 1 206 ? 9.674   -2.168  13.483  1.00 93.17  ? 206 LEU A CA  1 
ATOM   1529 C C   . LEU A 1 206 ? 11.158  -1.998  13.806  1.00 94.44  ? 206 LEU A C   1 
ATOM   1530 O O   . LEU A 1 206 ? 11.999  -1.941  12.903  1.00 94.10  ? 206 LEU A O   1 
ATOM   1531 C CB  . LEU A 1 206 ? 8.954   -0.827  13.665  1.00 92.04  ? 206 LEU A CB  1 
ATOM   1532 C CG  . LEU A 1 206 ? 7.697   -0.519  12.841  1.00 92.23  ? 206 LEU A CG  1 
ATOM   1533 C CD1 . LEU A 1 206 ? 6.778   0.408   13.632  1.00 90.76  ? 206 LEU A CD1 1 
ATOM   1534 C CD2 . LEU A 1 206 ? 8.099   0.106   11.497  1.00 91.44  ? 206 LEU A CD2 1 
ATOM   1535 N N   . GLU A 1 207 ? 11.473  -1.916  15.097  1.00 96.76  ? 207 GLU A N   1 
ATOM   1536 C CA  . GLU A 1 207 ? 12.852  -1.740  15.538  1.00 98.64  ? 207 GLU A CA  1 
ATOM   1537 C C   . GLU A 1 207 ? 13.713  -2.972  15.243  1.00 100.28 ? 207 GLU A C   1 
ATOM   1538 O O   . GLU A 1 207 ? 14.839  -2.838  14.752  1.00 100.28 ? 207 GLU A O   1 
ATOM   1539 C CB  . GLU A 1 207 ? 12.884  -1.404  17.035  1.00 99.02  ? 207 GLU A CB  1 
ATOM   1540 C CG  . GLU A 1 207 ? 11.995  -0.216  17.396  1.00 99.72  ? 207 GLU A CG  1 
ATOM   1541 C CD  . GLU A 1 207 ? 12.160  0.254   18.832  1.00 99.89  ? 207 GLU A CD  1 
ATOM   1542 O OE1 . GLU A 1 207 ? 12.284  -0.601  19.736  1.00 99.50  ? 207 GLU A OE1 1 
ATOM   1543 O OE2 . GLU A 1 207 ? 12.143  1.482   19.059  1.00 99.43  ? 207 GLU A OE2 1 
ATOM   1544 N N   . GLU A 1 208 ? 13.185  -4.164  15.531  1.00 101.46 ? 208 GLU A N   1 
ATOM   1545 C CA  . GLU A 1 208 ? 13.916  -5.406  15.281  1.00 103.12 ? 208 GLU A CA  1 
ATOM   1546 C C   . GLU A 1 208 ? 14.380  -5.468  13.827  1.00 104.15 ? 208 GLU A C   1 
ATOM   1547 O O   . GLU A 1 208 ? 15.577  -5.588  13.540  1.00 105.23 ? 208 GLU A O   1 
ATOM   1548 C CB  . GLU A 1 208 ? 13.040  -6.631  15.581  1.00 102.95 ? 208 GLU A CB  1 
ATOM   1549 C CG  . GLU A 1 208 ? 12.318  -6.596  16.924  1.00 103.47 ? 208 GLU A CG  1 
ATOM   1550 C CD  . GLU A 1 208 ? 13.193  -6.121  18.084  1.00 104.08 ? 208 GLU A CD  1 
ATOM   1551 O OE1 . GLU A 1 208 ? 13.686  -4.964  18.050  1.00 104.17 ? 208 GLU A OE1 1 
ATOM   1552 O OE2 . GLU A 1 208 ? 13.373  -6.906  19.041  1.00 103.11 ? 208 GLU A OE2 1 
ATOM   1553 N N   . THR A 1 209 ? 13.426  -5.391  12.907  1.00 105.68 ? 209 THR A N   1 
ATOM   1554 C CA  . THR A 1 209 ? 13.767  -5.432  11.497  1.00 106.49 ? 209 THR A CA  1 
ATOM   1555 C C   . THR A 1 209 ? 14.187  -4.045  11.021  1.00 108.00 ? 209 THR A C   1 
ATOM   1556 O O   . THR A 1 209 ? 13.346  -3.153  10.854  1.00 108.64 ? 209 THR A O   1 
ATOM   1557 C CB  . THR A 1 209 ? 12.575  -5.934  10.638  1.00 106.94 ? 209 THR A CB  1 
ATOM   1558 O OG1 . THR A 1 209 ? 11.435  -5.081  10.833  1.00 106.58 ? 209 THR A OG1 1 
ATOM   1559 C CG2 . THR A 1 209 ? 12.217  -7.372  11.021  1.00 106.18 ? 209 THR A CG2 1 
ATOM   1560 N N   . ALA A 1 210 ? 15.491  -3.858  10.814  1.00 108.30 ? 210 ALA A N   1 
ATOM   1561 C CA  . ALA A 1 210 ? 15.996  -2.569  10.342  1.00 109.35 ? 210 ALA A CA  1 
ATOM   1562 C C   . ALA A 1 210 ? 15.625  -2.369  8.857   1.00 109.32 ? 210 ALA A C   1 
ATOM   1563 O O   . ALA A 1 210 ? 16.455  -1.818  8.100   1.00 109.98 ? 210 ALA A O   1 
ATOM   1564 C CB  . ALA A 1 210 ? 17.530  -2.491  10.537  1.00 108.03 ? 210 ALA A CB  1 
HETATM 1565 O O   . HOH B 2 .   ? -1.434  -11.908 9.610   1.00 61.25  ? 212 HOH A O   1 
HETATM 1566 O O   . HOH B 2 .   ? -8.278  7.900   18.354  1.00 61.14  ? 213 HOH A O   1 
HETATM 1567 O O   . HOH B 2 .   ? 7.213   -14.915 -2.805  1.00 64.19  ? 214 HOH A O   1 
HETATM 1568 O O   . HOH B 2 .   ? 4.755   3.127   5.404   1.00 61.56  ? 215 HOH A O   1 
HETATM 1569 O O   . HOH B 2 .   ? -1.510  10.815  24.912  1.00 78.54  ? 216 HOH A O   1 
HETATM 1570 O O   . HOH B 2 .   ? -15.139 16.014  -1.791  1.00 57.09  ? 217 HOH A O   1 
HETATM 1571 O O   . HOH B 2 .   ? -5.666  -14.420 -0.688  1.00 66.97  ? 218 HOH A O   1 
HETATM 1572 O O   . HOH B 2 .   ? 4.378   10.836  5.281   1.00 72.40  ? 219 HOH A O   1 
HETATM 1573 O O   . HOH B 2 .   ? -7.999  12.841  -1.165  1.00 63.31  ? 220 HOH A O   1 
HETATM 1574 O O   . HOH B 2 .   ? -24.032 2.692   6.861   1.00 78.78  ? 221 HOH A O   1 
# 
